data_2V0U
# 
_entry.id   2V0U 
# 
_audit_conform.dict_name       mmcif_pdbx.dic 
_audit_conform.dict_version    5.382 
_audit_conform.dict_location   http://mmcif.pdb.org/dictionaries/ascii/mmcif_pdbx.dic 
# 
loop_
_database_2.database_id 
_database_2.database_code 
_database_2.pdbx_database_accession 
_database_2.pdbx_DOI 
PDB   2V0U         pdb_00002v0u 10.2210/pdb2v0u/pdb 
PDBE  EBI-32598    ?            ?                   
WWPDB D_1290032598 ?            ?                   
# 
_pdbx_database_related.db_name        PDB 
_pdbx_database_related.db_id          2V0W 
_pdbx_database_related.content_type   unspecified 
_pdbx_database_related.details        
;N- AND C-TERMINAL HELICES OF OAT LOV2 ( 404-546) ARE INVOLVED IN LIGHT-INDUCED SIGNAL TRANSDUCTION (CRYO-TRAPPED LIGHT STRUCTURE OF LOV2 (404-546))
;
# 
_pdbx_database_status.status_code                     REL 
_pdbx_database_status.entry_id                        2V0U 
_pdbx_database_status.deposit_site                    PDBE 
_pdbx_database_status.process_site                    PDBE 
_pdbx_database_status.SG_entry                        . 
_pdbx_database_status.recvd_initial_deposition_date   2007-05-18 
_pdbx_database_status.pdb_format_compatible           Y 
_pdbx_database_status.status_code_sf                  REL 
_pdbx_database_status.status_code_mr                  ? 
_pdbx_database_status.status_code_cs                  ? 
_pdbx_database_status.methods_development_category    ? 
_pdbx_database_status.status_code_nmr_data            ? 
# 
loop_
_audit_author.name 
_audit_author.pdbx_ordinal 
'Halavaty, A.S.' 1 
'Moffat, K.'     2 
# 
_citation.id                        primary 
_citation.title                     
;N- and C-Terminal Flanking Regions Modulate Light-Induced Signal Transduction in the Lov2 Domain of the Blue Light Sensor Phototropin 1 from Avena Sativa.
;
_citation.journal_abbrev            Biochemistry 
_citation.journal_volume            46 
_citation.page_first                14001 
_citation.page_last                 ? 
_citation.year                      2007 
_citation.journal_id_ASTM           BICHAW 
_citation.country                   US 
_citation.journal_id_ISSN           0006-2960 
_citation.journal_id_CSD            0033 
_citation.book_publisher            ? 
_citation.pdbx_database_id_PubMed   18001137 
_citation.pdbx_database_id_DOI      10.1021/BI701543E 
# 
loop_
_citation_author.citation_id 
_citation_author.name 
_citation_author.ordinal 
_citation_author.identifier_ORCID 
primary 'Halavaty, A.S.' 1 ? 
primary 'Moffat, K.'     2 ? 
# 
_cell.entry_id           2V0U 
_cell.length_a           35.549 
_cell.length_b           56.129 
_cell.length_c           66.778 
_cell.angle_alpha        90.00 
_cell.angle_beta         90.00 
_cell.angle_gamma        90.00 
_cell.Z_PDB              4 
_cell.pdbx_unique_axis   ? 
# 
_symmetry.entry_id                         2V0U 
_symmetry.space_group_name_H-M             'P 21 21 21' 
_symmetry.pdbx_full_space_group_name_H-M   ? 
_symmetry.cell_setting                     ? 
_symmetry.Int_Tables_number                19 
# 
loop_
_entity.id 
_entity.type 
_entity.src_method 
_entity.pdbx_description 
_entity.formula_weight 
_entity.pdbx_number_of_molecules 
_entity.pdbx_ec 
_entity.pdbx_mutation 
_entity.pdbx_fragment 
_entity.details 
1 polymer     man NPH1-1                  16853.008 1   ? ? 'LIGHT, OXYGEN, VOLTAGE DOMAIN, RESIDUES 404-546' ? 
2 non-polymer syn 'FLAVIN MONONUCLEOTIDE' 456.344   1   ? ? ?                                                 ? 
3 non-polymer syn GLYCEROL                92.094    6   ? ? ?                                                 ? 
4 water       nat water                   18.015    173 ? ? ?                                                 ? 
# 
_entity_name_com.entity_id   1 
_entity_name_com.name        LOV2 
# 
_entity_poly.entity_id                      1 
_entity_poly.type                           'polypeptide(L)' 
_entity_poly.nstd_linkage                   no 
_entity_poly.nstd_monomer                   no 
_entity_poly.pdbx_seq_one_letter_code       
;GEFLATTLERIEKNFVITDPRLPDNPIIFASDSFLQLTEYSREEILGRNCRFLQGPETDRATVRKIRDAIDNQTEVTVQL
INYTKSGKKFWNLFHLQPMRDQKGDVQYFIGVQLDGTEHVRDAAEREGVMLIKKTAENIDEAAKEL
;
_entity_poly.pdbx_seq_one_letter_code_can   
;GEFLATTLERIEKNFVITDPRLPDNPIIFASDSFLQLTEYSREEILGRNCRFLQGPETDRATVRKIRDAIDNQTEVTVQL
INYTKSGKKFWNLFHLQPMRDQKGDVQYFIGVQLDGTEHVRDAAEREGVMLIKKTAENIDEAAKEL
;
_entity_poly.pdbx_strand_id                 A 
_entity_poly.pdbx_target_identifier         ? 
# 
loop_
_entity_poly_seq.entity_id 
_entity_poly_seq.num 
_entity_poly_seq.mon_id 
_entity_poly_seq.hetero 
1 1   GLY n 
1 2   GLU n 
1 3   PHE n 
1 4   LEU n 
1 5   ALA n 
1 6   THR n 
1 7   THR n 
1 8   LEU n 
1 9   GLU n 
1 10  ARG n 
1 11  ILE n 
1 12  GLU n 
1 13  LYS n 
1 14  ASN n 
1 15  PHE n 
1 16  VAL n 
1 17  ILE n 
1 18  THR n 
1 19  ASP n 
1 20  PRO n 
1 21  ARG n 
1 22  LEU n 
1 23  PRO n 
1 24  ASP n 
1 25  ASN n 
1 26  PRO n 
1 27  ILE n 
1 28  ILE n 
1 29  PHE n 
1 30  ALA n 
1 31  SER n 
1 32  ASP n 
1 33  SER n 
1 34  PHE n 
1 35  LEU n 
1 36  GLN n 
1 37  LEU n 
1 38  THR n 
1 39  GLU n 
1 40  TYR n 
1 41  SER n 
1 42  ARG n 
1 43  GLU n 
1 44  GLU n 
1 45  ILE n 
1 46  LEU n 
1 47  GLY n 
1 48  ARG n 
1 49  ASN n 
1 50  CYS n 
1 51  ARG n 
1 52  PHE n 
1 53  LEU n 
1 54  GLN n 
1 55  GLY n 
1 56  PRO n 
1 57  GLU n 
1 58  THR n 
1 59  ASP n 
1 60  ARG n 
1 61  ALA n 
1 62  THR n 
1 63  VAL n 
1 64  ARG n 
1 65  LYS n 
1 66  ILE n 
1 67  ARG n 
1 68  ASP n 
1 69  ALA n 
1 70  ILE n 
1 71  ASP n 
1 72  ASN n 
1 73  GLN n 
1 74  THR n 
1 75  GLU n 
1 76  VAL n 
1 77  THR n 
1 78  VAL n 
1 79  GLN n 
1 80  LEU n 
1 81  ILE n 
1 82  ASN n 
1 83  TYR n 
1 84  THR n 
1 85  LYS n 
1 86  SER n 
1 87  GLY n 
1 88  LYS n 
1 89  LYS n 
1 90  PHE n 
1 91  TRP n 
1 92  ASN n 
1 93  LEU n 
1 94  PHE n 
1 95  HIS n 
1 96  LEU n 
1 97  GLN n 
1 98  PRO n 
1 99  MET n 
1 100 ARG n 
1 101 ASP n 
1 102 GLN n 
1 103 LYS n 
1 104 GLY n 
1 105 ASP n 
1 106 VAL n 
1 107 GLN n 
1 108 TYR n 
1 109 PHE n 
1 110 ILE n 
1 111 GLY n 
1 112 VAL n 
1 113 GLN n 
1 114 LEU n 
1 115 ASP n 
1 116 GLY n 
1 117 THR n 
1 118 GLU n 
1 119 HIS n 
1 120 VAL n 
1 121 ARG n 
1 122 ASP n 
1 123 ALA n 
1 124 ALA n 
1 125 GLU n 
1 126 ARG n 
1 127 GLU n 
1 128 GLY n 
1 129 VAL n 
1 130 MET n 
1 131 LEU n 
1 132 ILE n 
1 133 LYS n 
1 134 LYS n 
1 135 THR n 
1 136 ALA n 
1 137 GLU n 
1 138 ASN n 
1 139 ILE n 
1 140 ASP n 
1 141 GLU n 
1 142 ALA n 
1 143 ALA n 
1 144 LYS n 
1 145 GLU n 
1 146 LEU n 
# 
_entity_src_gen.entity_id                          1 
_entity_src_gen.pdbx_src_id                        1 
_entity_src_gen.pdbx_alt_source_flag               sample 
_entity_src_gen.pdbx_seq_type                      ? 
_entity_src_gen.pdbx_beg_seq_num                   ? 
_entity_src_gen.pdbx_end_seq_num                   ? 
_entity_src_gen.gene_src_common_name               OAT 
_entity_src_gen.gene_src_genus                     ? 
_entity_src_gen.pdbx_gene_src_gene                 ? 
_entity_src_gen.gene_src_species                   ? 
_entity_src_gen.gene_src_strain                    ? 
_entity_src_gen.gene_src_tissue                    ? 
_entity_src_gen.gene_src_tissue_fraction           ? 
_entity_src_gen.gene_src_details                   ? 
_entity_src_gen.pdbx_gene_src_fragment             ? 
_entity_src_gen.pdbx_gene_src_scientific_name      'AVENA SATIVA' 
_entity_src_gen.pdbx_gene_src_ncbi_taxonomy_id     4498 
_entity_src_gen.pdbx_gene_src_variant              ? 
_entity_src_gen.pdbx_gene_src_cell_line            ? 
_entity_src_gen.pdbx_gene_src_atcc                 ? 
_entity_src_gen.pdbx_gene_src_organ                ? 
_entity_src_gen.pdbx_gene_src_organelle            ? 
_entity_src_gen.pdbx_gene_src_cell                 ? 
_entity_src_gen.pdbx_gene_src_cellular_location    ? 
_entity_src_gen.host_org_common_name               ? 
_entity_src_gen.pdbx_host_org_scientific_name      'ESCHERICHIA COLI' 
_entity_src_gen.pdbx_host_org_ncbi_taxonomy_id     469008 
_entity_src_gen.host_org_genus                     ? 
_entity_src_gen.pdbx_host_org_gene                 ? 
_entity_src_gen.pdbx_host_org_organ                ? 
_entity_src_gen.host_org_species                   ? 
_entity_src_gen.pdbx_host_org_tissue               ? 
_entity_src_gen.pdbx_host_org_tissue_fraction      ? 
_entity_src_gen.pdbx_host_org_strain               'BL21(DE3)' 
_entity_src_gen.pdbx_host_org_variant              ? 
_entity_src_gen.pdbx_host_org_cell_line            ? 
_entity_src_gen.pdbx_host_org_atcc                 ? 
_entity_src_gen.pdbx_host_org_culture_collection   ? 
_entity_src_gen.pdbx_host_org_cell                 ? 
_entity_src_gen.pdbx_host_org_organelle            ? 
_entity_src_gen.pdbx_host_org_cellular_location    ? 
_entity_src_gen.pdbx_host_org_vector_type          ? 
_entity_src_gen.pdbx_host_org_vector               ? 
_entity_src_gen.host_org_details                   ? 
_entity_src_gen.expression_system_id               ? 
_entity_src_gen.plasmid_name                       PHIS-GB1-PARALLEL1 
_entity_src_gen.plasmid_details                    ? 
_entity_src_gen.pdbx_description                   ? 
# 
loop_
_struct_ref.id 
_struct_ref.db_name 
_struct_ref.db_code 
_struct_ref.entity_id 
_struct_ref.pdbx_seq_one_letter_code 
_struct_ref.pdbx_align_begin 
_struct_ref.pdbx_db_accession 
_struct_ref.pdbx_db_isoform 
1 PDB 2V0U         1 ? ? 2V0U   ? 
2 UNP O49003_AVESA 1 ? ? O49003 ? 
# 
loop_
_struct_ref_seq.align_id 
_struct_ref_seq.ref_id 
_struct_ref_seq.pdbx_PDB_id_code 
_struct_ref_seq.pdbx_strand_id 
_struct_ref_seq.seq_align_beg 
_struct_ref_seq.pdbx_seq_align_beg_ins_code 
_struct_ref_seq.seq_align_end 
_struct_ref_seq.pdbx_seq_align_end_ins_code 
_struct_ref_seq.pdbx_db_accession 
_struct_ref_seq.db_align_beg 
_struct_ref_seq.pdbx_db_align_beg_ins_code 
_struct_ref_seq.db_align_end 
_struct_ref_seq.pdbx_db_align_end_ins_code 
_struct_ref_seq.pdbx_auth_seq_align_beg 
_struct_ref_seq.pdbx_auth_seq_align_end 
1 1 2V0U A 1 ? 3   ? 2V0U   401 ? 403 ? 401 403 
2 2 2V0U A 4 ? 146 ? O49003 404 ? 546 ? 404 546 
# 
loop_
_chem_comp.id 
_chem_comp.type 
_chem_comp.mon_nstd_flag 
_chem_comp.name 
_chem_comp.pdbx_synonyms 
_chem_comp.formula 
_chem_comp.formula_weight 
ALA 'L-peptide linking' y ALANINE                 ?                               'C3 H7 N O2'      89.093  
ARG 'L-peptide linking' y ARGININE                ?                               'C6 H15 N4 O2 1'  175.209 
ASN 'L-peptide linking' y ASPARAGINE              ?                               'C4 H8 N2 O3'     132.118 
ASP 'L-peptide linking' y 'ASPARTIC ACID'         ?                               'C4 H7 N O4'      133.103 
CYS 'L-peptide linking' y CYSTEINE                ?                               'C3 H7 N O2 S'    121.158 
FMN non-polymer         . 'FLAVIN MONONUCLEOTIDE' 'RIBOFLAVIN MONOPHOSPHATE'      'C17 H21 N4 O9 P' 456.344 
GLN 'L-peptide linking' y GLUTAMINE               ?                               'C5 H10 N2 O3'    146.144 
GLU 'L-peptide linking' y 'GLUTAMIC ACID'         ?                               'C5 H9 N O4'      147.129 
GLY 'peptide linking'   y GLYCINE                 ?                               'C2 H5 N O2'      75.067  
GOL non-polymer         . GLYCEROL                'GLYCERIN; PROPANE-1,2,3-TRIOL' 'C3 H8 O3'        92.094  
HIS 'L-peptide linking' y HISTIDINE               ?                               'C6 H10 N3 O2 1'  156.162 
HOH non-polymer         . WATER                   ?                               'H2 O'            18.015  
ILE 'L-peptide linking' y ISOLEUCINE              ?                               'C6 H13 N O2'     131.173 
LEU 'L-peptide linking' y LEUCINE                 ?                               'C6 H13 N O2'     131.173 
LYS 'L-peptide linking' y LYSINE                  ?                               'C6 H15 N2 O2 1'  147.195 
MET 'L-peptide linking' y METHIONINE              ?                               'C5 H11 N O2 S'   149.211 
PHE 'L-peptide linking' y PHENYLALANINE           ?                               'C9 H11 N O2'     165.189 
PRO 'L-peptide linking' y PROLINE                 ?                               'C5 H9 N O2'      115.130 
SER 'L-peptide linking' y SERINE                  ?                               'C3 H7 N O3'      105.093 
THR 'L-peptide linking' y THREONINE               ?                               'C4 H9 N O3'      119.119 
TRP 'L-peptide linking' y TRYPTOPHAN              ?                               'C11 H12 N2 O2'   204.225 
TYR 'L-peptide linking' y TYROSINE                ?                               'C9 H11 N O3'     181.189 
VAL 'L-peptide linking' y VALINE                  ?                               'C5 H11 N O2'     117.146 
# 
_exptl.entry_id          2V0U 
_exptl.method            'X-RAY DIFFRACTION' 
_exptl.crystals_number   ? 
# 
_exptl_crystal.id                    1 
_exptl_crystal.density_meas          ? 
_exptl_crystal.density_Matthews      2.08 
_exptl_crystal.density_percent_sol   40.96 
_exptl_crystal.description           NONE 
# 
_diffrn.id                     1 
_diffrn.ambient_temp           105 
_diffrn.ambient_temp_details   ? 
_diffrn.crystal_id             1 
# 
_diffrn_detector.diffrn_id              1 
_diffrn_detector.detector               CCD 
_diffrn_detector.type                   MARRESEARCH 
_diffrn_detector.pdbx_collection_date   ? 
_diffrn_detector.details                'BENT CONICAL SI-MIRROR (RH COATED)' 
# 
_diffrn_radiation.diffrn_id                        1 
_diffrn_radiation.wavelength_id                    1 
_diffrn_radiation.pdbx_monochromatic_or_laue_m_l   M 
_diffrn_radiation.monochromator                    'BENT GE(111) MONOCHROMATOR' 
_diffrn_radiation.pdbx_diffrn_protocol             'SINGLE WAVELENGTH' 
_diffrn_radiation.pdbx_scattering_type             x-ray 
# 
_diffrn_radiation_wavelength.id           1 
_diffrn_radiation_wavelength.wavelength   0.9 
_diffrn_radiation_wavelength.wt           1.0 
# 
_diffrn_source.diffrn_id                   1 
_diffrn_source.source                      SYNCHROTRON 
_diffrn_source.type                        'APS BEAMLINE 14-BM-C' 
_diffrn_source.pdbx_synchrotron_site       APS 
_diffrn_source.pdbx_synchrotron_beamline   14-BM-C 
_diffrn_source.pdbx_wavelength             0.9 
_diffrn_source.pdbx_wavelength_list        ? 
# 
_reflns.pdbx_diffrn_id               1 
_reflns.pdbx_ordinal                 1 
_reflns.entry_id                     2V0U 
_reflns.observed_criterion_sigma_I   0.0 
_reflns.observed_criterion_sigma_F   ? 
_reflns.d_resolution_low             50.00 
_reflns.d_resolution_high            1.40 
_reflns.number_obs                   26704 
_reflns.number_all                   ? 
_reflns.percent_possible_obs         99.0 
_reflns.pdbx_Rmerge_I_obs            0.05 
_reflns.pdbx_Rsym_value              ? 
_reflns.pdbx_netI_over_sigmaI        36.00 
_reflns.B_iso_Wilson_estimate        ? 
_reflns.pdbx_redundancy              6.7 
# 
_reflns_shell.pdbx_diffrn_id         1 
_reflns_shell.pdbx_ordinal           1 
_reflns_shell.d_res_high             1.40 
_reflns_shell.d_res_low              1.45 
_reflns_shell.percent_possible_all   100.0 
_reflns_shell.Rmerge_I_obs           0.53 
_reflns_shell.pdbx_Rsym_value        ? 
_reflns_shell.meanI_over_sigI_obs    3.70 
_reflns_shell.pdbx_redundancy        6.8 
# 
_refine.pdbx_refine_id                           'X-RAY DIFFRACTION' 
_refine.entry_id                                 2V0U 
_refine.pdbx_diffrn_id                           1 
_refine.pdbx_TLS_residual_ADP_flag               'LIKELY RESIDUAL' 
_refine.ls_number_reflns_obs                     25307 
_refine.ls_number_reflns_all                     ? 
_refine.pdbx_ls_sigma_I                          ? 
_refine.pdbx_ls_sigma_F                          ? 
_refine.pdbx_data_cutoff_high_absF               ? 
_refine.pdbx_data_cutoff_low_absF                ? 
_refine.pdbx_data_cutoff_high_rms_absF           ? 
_refine.ls_d_res_low                             24.34 
_refine.ls_d_res_high                            1.40 
_refine.ls_percent_reflns_obs                    98.7 
_refine.ls_R_factor_obs                          0.167 
_refine.ls_R_factor_all                          ? 
_refine.ls_R_factor_R_work                       0.165 
_refine.ls_R_factor_R_free                       0.197 
_refine.ls_R_factor_R_free_error                 ? 
_refine.ls_R_factor_R_free_error_details         ? 
_refine.ls_percent_reflns_R_free                 5.000 
_refine.ls_number_reflns_R_free                  1340 
_refine.ls_number_parameters                     ? 
_refine.ls_number_restraints                     ? 
_refine.occupancy_min                            ? 
_refine.occupancy_max                            ? 
_refine.correlation_coeff_Fo_to_Fc               0.962 
_refine.correlation_coeff_Fo_to_Fc_free          0.946 
_refine.B_iso_mean                               13.24 
_refine.aniso_B[1][1]                            -0.12000 
_refine.aniso_B[2][2]                            0.13000 
_refine.aniso_B[3][3]                            -0.01000 
_refine.aniso_B[1][2]                            0.00000 
_refine.aniso_B[1][3]                            0.00000 
_refine.aniso_B[2][3]                            0.00000 
_refine.solvent_model_details                    MASK 
_refine.solvent_model_param_ksol                 ? 
_refine.solvent_model_param_bsol                 ? 
_refine.pdbx_solvent_vdw_probe_radii             1.40 
_refine.pdbx_solvent_ion_probe_radii             0.80 
_refine.pdbx_solvent_shrinkage_radii             0.80 
_refine.pdbx_ls_cross_valid_method               THROUGHOUT 
_refine.details                                  'HYDROGENS HAVE BEEN ADDED IN THE RIDING POSITIONS.' 
_refine.pdbx_starting_model                      'PDB ENTRY 1G28' 
_refine.pdbx_method_to_determine_struct          'MOLECULAR REPLACEMENT' 
_refine.pdbx_isotropic_thermal_model             ? 
_refine.pdbx_stereochemistry_target_values       'MAXIMUM LIKELIHOOD' 
_refine.pdbx_stereochem_target_val_spec_case     ? 
_refine.pdbx_R_Free_selection_details            RANDOM 
_refine.pdbx_overall_ESU_R                       0.065 
_refine.pdbx_overall_ESU_R_Free                  0.068 
_refine.overall_SU_ML                            0.039 
_refine.pdbx_overall_phase_error                 ? 
_refine.overall_SU_B                             1.874 
_refine.overall_SU_R_Cruickshank_DPI             ? 
_refine.pdbx_overall_SU_R_free_Cruickshank_DPI   ? 
_refine.pdbx_overall_SU_R_Blow_DPI               ? 
_refine.pdbx_overall_SU_R_free_Blow_DPI          ? 
# 
_refine_hist.pdbx_refine_id                   'X-RAY DIFFRACTION' 
_refine_hist.cycle_id                         LAST 
_refine_hist.pdbx_number_atoms_protein        1186 
_refine_hist.pdbx_number_atoms_nucleic_acid   0 
_refine_hist.pdbx_number_atoms_ligand         67 
_refine_hist.number_atoms_solvent             173 
_refine_hist.number_atoms_total               1426 
_refine_hist.d_res_high                       1.40 
_refine_hist.d_res_low                        24.34 
# 
loop_
_refine_ls_restr.type 
_refine_ls_restr.dev_ideal 
_refine_ls_restr.dev_ideal_target 
_refine_ls_restr.weight 
_refine_ls_restr.number 
_refine_ls_restr.pdbx_refine_id 
_refine_ls_restr.pdbx_restraint_function 
r_bond_refined_d             0.009  0.022  ? 1331 'X-RAY DIFFRACTION' ? 
r_bond_other_d               0.002  0.020  ? 928  'X-RAY DIFFRACTION' ? 
r_angle_refined_deg          1.293  2.017  ? 1808 'X-RAY DIFFRACTION' ? 
r_angle_other_deg            0.887  3.000  ? 2270 'X-RAY DIFFRACTION' ? 
r_dihedral_angle_1_deg       6.182  5.000  ? 164  'X-RAY DIFFRACTION' ? 
r_dihedral_angle_2_deg       29.620 24.627 ? 67   'X-RAY DIFFRACTION' ? 
r_dihedral_angle_3_deg       11.158 15.000 ? 239  'X-RAY DIFFRACTION' ? 
r_dihedral_angle_4_deg       12.939 15.000 ? 11   'X-RAY DIFFRACTION' ? 
r_chiral_restr               0.078  0.200  ? 205  'X-RAY DIFFRACTION' ? 
r_gen_planes_refined         0.005  0.020  ? 1442 'X-RAY DIFFRACTION' ? 
r_gen_planes_other           0.001  0.020  ? 255  'X-RAY DIFFRACTION' ? 
r_nbd_refined                0.246  0.200  ? 250  'X-RAY DIFFRACTION' ? 
r_nbd_other                  0.188  0.200  ? 1030 'X-RAY DIFFRACTION' ? 
r_nbtor_refined              0.180  0.200  ? 668  'X-RAY DIFFRACTION' ? 
r_nbtor_other                0.084  0.200  ? 676  'X-RAY DIFFRACTION' ? 
r_xyhbond_nbd_refined        0.115  0.200  ? 107  'X-RAY DIFFRACTION' ? 
r_xyhbond_nbd_other          ?      ?      ? ?    'X-RAY DIFFRACTION' ? 
r_metal_ion_refined          ?      ?      ? ?    'X-RAY DIFFRACTION' ? 
r_metal_ion_other            ?      ?      ? ?    'X-RAY DIFFRACTION' ? 
r_symmetry_vdw_refined       0.225  0.200  ? 22   'X-RAY DIFFRACTION' ? 
r_symmetry_vdw_other         0.272  0.200  ? 84   'X-RAY DIFFRACTION' ? 
r_symmetry_hbond_refined     0.152  0.200  ? 26   'X-RAY DIFFRACTION' ? 
r_symmetry_hbond_other       ?      ?      ? ?    'X-RAY DIFFRACTION' ? 
r_symmetry_metal_ion_refined ?      ?      ? ?    'X-RAY DIFFRACTION' ? 
r_symmetry_metal_ion_other   ?      ?      ? ?    'X-RAY DIFFRACTION' ? 
r_mcbond_it                  0.939  1.500  ? 1016 'X-RAY DIFFRACTION' ? 
r_mcbond_other               ?      ?      ? ?    'X-RAY DIFFRACTION' ? 
r_mcangle_it                 1.022  2.000  ? 1252 'X-RAY DIFFRACTION' ? 
r_mcangle_other              ?      ?      ? ?    'X-RAY DIFFRACTION' ? 
r_scbond_it                  2.109  3.000  ? 668  'X-RAY DIFFRACTION' ? 
r_scbond_other               ?      ?      ? ?    'X-RAY DIFFRACTION' ? 
r_scangle_it                 2.976  4.500  ? 548  'X-RAY DIFFRACTION' ? 
r_scangle_other              ?      ?      ? ?    'X-RAY DIFFRACTION' ? 
r_long_range_B_refined       ?      ?      ? ?    'X-RAY DIFFRACTION' ? 
r_long_range_B_other         ?      ?      ? ?    'X-RAY DIFFRACTION' ? 
r_rigid_bond_restr           ?      ?      ? ?    'X-RAY DIFFRACTION' ? 
r_sphericity_free            ?      ?      ? ?    'X-RAY DIFFRACTION' ? 
r_sphericity_bonded          ?      ?      ? ?    'X-RAY DIFFRACTION' ? 
# 
_refine_ls_shell.pdbx_refine_id                   'X-RAY DIFFRACTION' 
_refine_ls_shell.pdbx_total_number_of_bins_used   20 
_refine_ls_shell.d_res_high                       1.40 
_refine_ls_shell.d_res_low                        1.44 
_refine_ls_shell.number_reflns_R_work             1754 
_refine_ls_shell.R_factor_R_work                  0.2070 
_refine_ls_shell.percent_reflns_obs               ? 
_refine_ls_shell.R_factor_R_free                  0.2350 
_refine_ls_shell.R_factor_R_free_error            ? 
_refine_ls_shell.percent_reflns_R_free            ? 
_refine_ls_shell.number_reflns_R_free             106 
_refine_ls_shell.number_reflns_all                ? 
_refine_ls_shell.R_factor_all                     ? 
# 
_struct.entry_id                  2V0U 
_struct.title                     
;n- and c-terminal helices of oat lov2 (404-546) are involved in light-induced signal transduction (cryo dark structure of lov2 (404-546))
;
_struct.pdbx_model_details        ? 
_struct.pdbx_CASP_flag            ? 
_struct.pdbx_model_type_details   ? 
# 
_struct_keywords.entry_id        2V0U 
_struct_keywords.pdbx_keywords   TRANSFERASE 
_struct_keywords.text            
;LOV2, KINASE, TRANSFERASE, ATP-BINDING, AVENA SATIVA, SERINE/THREONINE-PROTEIN KINASE, LIGHT-INDUCED SIGNAL TRANSDUCTION, PHOTOTROPIN1, NUCLEOTIDE-BINDING
;
# 
loop_
_struct_asym.id 
_struct_asym.pdbx_blank_PDB_chainid_flag 
_struct_asym.pdbx_modified 
_struct_asym.entity_id 
_struct_asym.details 
A N N 1 ? 
B N N 2 ? 
C N N 3 ? 
D N N 3 ? 
E N N 3 ? 
F N N 3 ? 
G N N 3 ? 
H N N 3 ? 
I N N 4 ? 
# 
_struct_biol.id   1 
# 
loop_
_struct_conf.conf_type_id 
_struct_conf.id 
_struct_conf.pdbx_PDB_helix_id 
_struct_conf.beg_label_comp_id 
_struct_conf.beg_label_asym_id 
_struct_conf.beg_label_seq_id 
_struct_conf.pdbx_beg_PDB_ins_code 
_struct_conf.end_label_comp_id 
_struct_conf.end_label_asym_id 
_struct_conf.end_label_seq_id 
_struct_conf.pdbx_end_PDB_ins_code 
_struct_conf.beg_auth_comp_id 
_struct_conf.beg_auth_asym_id 
_struct_conf.beg_auth_seq_id 
_struct_conf.end_auth_comp_id 
_struct_conf.end_auth_asym_id 
_struct_conf.end_auth_seq_id 
_struct_conf.pdbx_PDB_helix_class 
_struct_conf.details 
_struct_conf.pdbx_PDB_helix_length 
HELX_P HELX_P1 1 THR A 7   ? ILE A 11  ? THR A 407 ILE A 411 5 ? 5  
HELX_P HELX_P2 2 SER A 31  ? GLU A 39  ? SER A 431 GLU A 439 1 ? 9  
HELX_P HELX_P3 3 SER A 41  ? LEU A 46  ? SER A 441 LEU A 446 1 ? 6  
HELX_P HELX_P4 4 ASN A 49  ? GLN A 54  ? ASN A 449 GLN A 454 5 ? 6  
HELX_P HELX_P5 5 ASP A 59  ? ASN A 72  ? ASP A 459 ASN A 472 1 ? 14 
HELX_P HELX_P6 6 ARG A 121 ? LYS A 144 ? ARG A 521 LYS A 544 1 ? 24 
# 
_struct_conf_type.id          HELX_P 
_struct_conf_type.criteria    ? 
_struct_conf_type.reference   ? 
# 
_struct_sheet.id               AA 
_struct_sheet.type             ? 
_struct_sheet.number_strands   5 
_struct_sheet.details          ? 
# 
loop_
_struct_sheet_order.sheet_id 
_struct_sheet_order.range_id_1 
_struct_sheet_order.range_id_2 
_struct_sheet_order.offset 
_struct_sheet_order.sense 
AA 1 2 ? anti-parallel 
AA 2 3 ? anti-parallel 
AA 3 4 ? anti-parallel 
AA 4 5 ? anti-parallel 
# 
loop_
_struct_sheet_range.sheet_id 
_struct_sheet_range.id 
_struct_sheet_range.beg_label_comp_id 
_struct_sheet_range.beg_label_asym_id 
_struct_sheet_range.beg_label_seq_id 
_struct_sheet_range.pdbx_beg_PDB_ins_code 
_struct_sheet_range.end_label_comp_id 
_struct_sheet_range.end_label_asym_id 
_struct_sheet_range.end_label_seq_id 
_struct_sheet_range.pdbx_end_PDB_ins_code 
_struct_sheet_range.beg_auth_comp_id 
_struct_sheet_range.beg_auth_asym_id 
_struct_sheet_range.beg_auth_seq_id 
_struct_sheet_range.end_auth_comp_id 
_struct_sheet_range.end_auth_asym_id 
_struct_sheet_range.end_auth_seq_id 
AA 1 ILE A 27  ? ALA A 30  ? ILE A 427 ALA A 430 
AA 2 PHE A 15  ? THR A 18  ? PHE A 415 THR A 418 
AA 3 VAL A 106 ? GLY A 116 ? VAL A 506 GLY A 516 
AA 4 LYS A 89  ? ARG A 100 ? LYS A 489 ARG A 500 
AA 5 VAL A 76  ? TYR A 83  ? VAL A 476 TYR A 483 
# 
loop_
_pdbx_struct_sheet_hbond.sheet_id 
_pdbx_struct_sheet_hbond.range_id_1 
_pdbx_struct_sheet_hbond.range_id_2 
_pdbx_struct_sheet_hbond.range_1_label_atom_id 
_pdbx_struct_sheet_hbond.range_1_label_comp_id 
_pdbx_struct_sheet_hbond.range_1_label_asym_id 
_pdbx_struct_sheet_hbond.range_1_label_seq_id 
_pdbx_struct_sheet_hbond.range_1_PDB_ins_code 
_pdbx_struct_sheet_hbond.range_1_auth_atom_id 
_pdbx_struct_sheet_hbond.range_1_auth_comp_id 
_pdbx_struct_sheet_hbond.range_1_auth_asym_id 
_pdbx_struct_sheet_hbond.range_1_auth_seq_id 
_pdbx_struct_sheet_hbond.range_2_label_atom_id 
_pdbx_struct_sheet_hbond.range_2_label_comp_id 
_pdbx_struct_sheet_hbond.range_2_label_asym_id 
_pdbx_struct_sheet_hbond.range_2_label_seq_id 
_pdbx_struct_sheet_hbond.range_2_PDB_ins_code 
_pdbx_struct_sheet_hbond.range_2_auth_atom_id 
_pdbx_struct_sheet_hbond.range_2_auth_comp_id 
_pdbx_struct_sheet_hbond.range_2_auth_asym_id 
_pdbx_struct_sheet_hbond.range_2_auth_seq_id 
AA 1 2 N ILE A 28  ? N ILE A 428 O ILE A 17  ? O ILE A 417 
AA 2 3 N THR A 18  ? N THR A 418 O PHE A 109 ? O PHE A 509 
AA 3 4 N GLY A 116 ? N GLY A 516 O TRP A 91  ? O TRP A 491 
AA 4 5 N LEU A 96  ? N LEU A 496 O VAL A 76  ? O VAL A 476 
# 
loop_
_struct_site.id 
_struct_site.pdbx_evidence_code 
_struct_site.pdbx_auth_asym_id 
_struct_site.pdbx_auth_comp_id 
_struct_site.pdbx_auth_seq_id 
_struct_site.pdbx_auth_ins_code 
_struct_site.pdbx_num_residues 
_struct_site.details 
AC1 Software ? ? ? ? 23 'BINDING SITE FOR RESIDUE FMN A1547' 
AC2 Software ? ? ? ? 6  'BINDING SITE FOR RESIDUE GOL A1548' 
AC3 Software ? ? ? ? 5  'BINDING SITE FOR RESIDUE GOL A1549' 
AC4 Software ? ? ? ? 7  'BINDING SITE FOR RESIDUE GOL A1550' 
AC5 Software ? ? ? ? 6  'BINDING SITE FOR RESIDUE GOL A1551' 
AC6 Software ? ? ? ? 5  'BINDING SITE FOR RESIDUE GOL A1552' 
AC7 Software ? ? ? ? 6  'BINDING SITE FOR RESIDUE GOL A1553' 
# 
loop_
_struct_site_gen.id 
_struct_site_gen.site_id 
_struct_site_gen.pdbx_num_res 
_struct_site_gen.label_comp_id 
_struct_site_gen.label_asym_id 
_struct_site_gen.label_seq_id 
_struct_site_gen.pdbx_auth_ins_code 
_struct_site_gen.auth_comp_id 
_struct_site_gen.auth_asym_id 
_struct_site_gen.auth_seq_id 
_struct_site_gen.label_atom_id 
_struct_site_gen.label_alt_id 
_struct_site_gen.symmetry 
_struct_site_gen.details 
1  AC1 23 VAL A 16  ? VAL A 416  . ? 1_555 ? 
2  AC1 23 THR A 18  ? THR A 418  . ? 1_555 ? 
3  AC1 23 ASN A 25  ? ASN A 425  . ? 1_555 ? 
4  AC1 23 ASN A 49  ? ASN A 449  . ? 1_555 ? 
5  AC1 23 CYS A 50  ? CYS A 450  . ? 1_555 ? 
6  AC1 23 ARG A 51  ? ARG A 451  . ? 1_555 ? 
7  AC1 23 LEU A 53  ? LEU A 453  . ? 1_555 ? 
8  AC1 23 GLN A 54  ? GLN A 454  . ? 1_555 ? 
9  AC1 23 VAL A 63  ? VAL A 463  . ? 1_555 ? 
10 AC1 23 ARG A 67  ? ARG A 467  . ? 1_555 ? 
11 AC1 23 ILE A 70  ? ILE A 470  . ? 1_555 ? 
12 AC1 23 LEU A 80  ? LEU A 480  . ? 1_555 ? 
13 AC1 23 ASN A 82  ? ASN A 482  . ? 1_555 ? 
14 AC1 23 ASN A 92  ? ASN A 492  . ? 1_555 ? 
15 AC1 23 PHE A 94  ? PHE A 494  . ? 1_555 ? 
16 AC1 23 PHE A 109 ? PHE A 509  . ? 1_555 ? 
17 AC1 23 GLY A 111 ? GLY A 511  . ? 1_555 ? 
18 AC1 23 GLN A 113 ? GLN A 513  . ? 1_555 ? 
19 AC1 23 HOH I .   ? HOH A 2039 . ? 1_555 ? 
20 AC1 23 HOH I .   ? HOH A 2162 . ? 1_555 ? 
21 AC1 23 HOH I .   ? HOH A 2163 . ? 1_555 ? 
22 AC1 23 HOH I .   ? HOH A 2164 . ? 1_555 ? 
23 AC1 23 HOH I .   ? HOH A 2165 . ? 1_555 ? 
24 AC2 6  THR A 77  ? THR A 477  . ? 1_555 ? 
25 AC2 6  GLN A 79  ? GLN A 479  . ? 1_555 ? 
26 AC2 6  LEU A 93  ? LEU A 493  . ? 1_555 ? 
27 AC2 6  LYS A 103 ? LYS A 503  . ? 1_555 ? 
28 AC2 6  GLU A 125 ? GLU A 525  . ? 1_555 ? 
29 AC2 6  HOH I .   ? HOH A 2107 . ? 1_555 ? 
30 AC3 5  PHE A 3   ? PHE A 403  . ? 1_555 ? 
31 AC3 5  LEU A 4   ? LEU A 404  . ? 1_555 ? 
32 AC3 5  LYS A 103 ? LYS A 503  . ? 1_555 ? 
33 AC3 5  GLU A 125 ? GLU A 525  . ? 1_555 ? 
34 AC3 5  ARG A 126 ? ARG A 526  . ? 1_555 ? 
35 AC4 7  PRO A 56  ? PRO A 456  . ? 1_555 ? 
36 AC4 7  GLU A 57  ? GLU A 457  . ? 1_555 ? 
37 AC4 7  ARG A 60  ? ARG A 460  . ? 1_555 ? 
38 AC4 7  ASN A 138 ? ASN A 538  . ? 1_555 ? 
39 AC4 7  HOH I .   ? HOH A 2073 . ? 1_555 ? 
40 AC4 7  HOH I .   ? HOH A 2169 . ? 1_555 ? 
41 AC4 7  HOH I .   ? HOH A 2170 . ? 1_555 ? 
42 AC5 6  THR A 7   ? THR A 407  . ? 1_555 ? 
43 AC5 6  ARG A 51  ? ARG A 451  . ? 1_555 ? 
44 AC5 6  GLN A 54  ? GLN A 454  . ? 1_555 ? 
45 AC5 6  HOH I .   ? HOH A 2065 . ? 1_555 ? 
46 AC5 6  HOH I .   ? HOH A 2162 . ? 1_555 ? 
47 AC5 6  HOH I .   ? HOH A 2171 . ? 1_555 ? 
48 AC6 5  ASN A 14  ? ASN A 414  . ? 1_555 ? 
49 AC6 5  SER A 33  ? SER A 433  . ? 1_555 ? 
50 AC6 5  LYS A 89  ? LYS A 489  . ? 1_555 ? 
51 AC6 5  ASP A 115 ? ASP A 515  . ? 1_555 ? 
52 AC6 5  HOH I .   ? HOH A 2173 . ? 1_555 ? 
53 AC7 6  ALA A 61  ? ALA A 461  . ? 1_555 ? 
54 AC7 6  ARG A 64  ? ARG A 464  . ? 1_555 ? 
55 AC7 6  LYS A 65  ? LYS A 465  . ? 1_555 ? 
56 AC7 6  GLN A 73  ? GLN A 473  . ? 1_555 ? 
57 AC7 6  ARG A 100 ? ARG A 500  . ? 1_555 ? 
58 AC7 6  HOH I .   ? HOH A 2146 . ? 1_555 ? 
# 
_atom_sites.entry_id                    2V0U 
_atom_sites.fract_transf_matrix[1][1]   -0.02740795 
_atom_sites.fract_transf_matrix[1][2]   0.00328919 
_atom_sites.fract_transf_matrix[1][3]   0.00541131 
_atom_sites.fract_transf_matrix[2][1]   -0.00295202 
_atom_sites.fract_transf_matrix[2][2]   0.00366955 
_atom_sites.fract_transf_matrix[2][3]   -0.01718225 
_atom_sites.fract_transf_matrix[3][1]   -0.00228205 
_atom_sites.fract_transf_matrix[3][2]   -0.01454892 
_atom_sites.fract_transf_matrix[3][3]   -0.00271509 
_atom_sites.fract_transf_vector[1]      0.395225 
_atom_sites.fract_transf_vector[2]      0.001342 
_atom_sites.fract_transf_vector[3]      0.074485 
# 
loop_
_atom_type.symbol 
C 
N 
O 
P 
S 
# 
loop_
_atom_site.group_PDB 
_atom_site.id 
_atom_site.type_symbol 
_atom_site.label_atom_id 
_atom_site.label_alt_id 
_atom_site.label_comp_id 
_atom_site.label_asym_id 
_atom_site.label_entity_id 
_atom_site.label_seq_id 
_atom_site.pdbx_PDB_ins_code 
_atom_site.Cartn_x 
_atom_site.Cartn_y 
_atom_site.Cartn_z 
_atom_site.occupancy 
_atom_site.B_iso_or_equiv 
_atom_site.pdbx_formal_charge 
_atom_site.auth_seq_id 
_atom_site.auth_comp_id 
_atom_site.auth_asym_id 
_atom_site.auth_atom_id 
_atom_site.pdbx_PDB_model_num 
ATOM   1    N N     . GLY A 1 1   ? 5.752   -18.500 8.926   1.00 24.66 ? 401  GLY A N     1 
ATOM   2    C CA    . GLY A 1 1   ? 6.632   -19.641 8.544   1.00 23.84 ? 401  GLY A CA    1 
ATOM   3    C C     . GLY A 1 1   ? 6.864   -19.645 7.047   1.00 23.83 ? 401  GLY A C     1 
ATOM   4    O O     . GLY A 1 1   ? 7.999   -19.549 6.583   1.00 24.29 ? 401  GLY A O     1 
ATOM   5    N N     . GLU A 1 2   ? 5.770   -19.714 6.295   1.00 23.20 ? 402  GLU A N     1 
ATOM   6    C CA    . GLU A 1 2   ? 5.827   -19.761 4.836   1.00 22.43 ? 402  GLU A CA    1 
ATOM   7    C C     . GLU A 1 2   ? 6.162   -18.389 4.262   1.00 21.78 ? 402  GLU A C     1 
ATOM   8    O O     . GLU A 1 2   ? 5.825   -17.369 4.846   1.00 21.87 ? 402  GLU A O     1 
ATOM   9    C CB    . GLU A 1 2   ? 4.486   -20.231 4.261   1.00 22.70 ? 402  GLU A CB    1 
ATOM   10   C CG    . GLU A 1 2   ? 3.959   -21.540 4.823   1.00 23.54 ? 402  GLU A CG    1 
ATOM   11   C CD    . GLU A 1 2   ? 4.690   -22.761 4.316   1.00 24.49 ? 402  GLU A CD    1 
ATOM   12   O OE1   . GLU A 1 2   ? 5.414   -22.659 3.301   1.00 25.57 ? 402  GLU A OE1   1 
ATOM   13   O OE2   . GLU A 1 2   ? 4.513   -23.832 4.929   1.00 25.03 ? 402  GLU A OE2   1 
ATOM   14   N N     . PHE A 1 3   ? 6.814   -18.378 3.103   1.00 20.69 ? 403  PHE A N     1 
ATOM   15   C CA    . PHE A 1 3   ? 7.153   -17.149 2.401   1.00 19.91 ? 403  PHE A CA    1 
ATOM   16   C C     . PHE A 1 3   ? 8.066   -16.264 3.218   1.00 19.55 ? 403  PHE A C     1 
ATOM   17   O O     . PHE A 1 3   ? 7.676   -15.198 3.704   1.00 20.29 ? 403  PHE A O     1 
ATOM   18   C CB    . PHE A 1 3   ? 5.907   -16.408 1.925   1.00 18.55 ? 403  PHE A CB    1 
ATOM   19   C CG    . PHE A 1 3   ? 5.105   -17.197 0.948   1.00 15.84 ? 403  PHE A CG    1 
ATOM   20   C CD1   . PHE A 1 3   ? 5.427   -17.193 -0.407  1.00 15.87 ? 403  PHE A CD1   1 
ATOM   21   C CD2   . PHE A 1 3   ? 4.052   -17.982 1.383   1.00 16.31 ? 403  PHE A CD2   1 
ATOM   22   C CE1   . PHE A 1 3   ? 4.690   -17.935 -1.297  1.00 15.95 ? 403  PHE A CE1   1 
ATOM   23   C CE2   . PHE A 1 3   ? 3.313   -18.734 0.489   1.00 16.94 ? 403  PHE A CE2   1 
ATOM   24   C CZ    . PHE A 1 3   ? 3.640   -18.707 -0.859  1.00 16.71 ? 403  PHE A CZ    1 
ATOM   25   N N     . LEU A 1 4   ? 9.302   -16.729 3.319   1.00 19.30 ? 404  LEU A N     1 
ATOM   26   C CA    . LEU A 1 4   ? 10.391  -15.965 3.897   1.00 19.10 ? 404  LEU A CA    1 
ATOM   27   C C     . LEU A 1 4   ? 10.539  -14.661 3.136   1.00 18.33 ? 404  LEU A C     1 
ATOM   28   O O     . LEU A 1 4   ? 10.393  -14.638 1.908   1.00 18.86 ? 404  LEU A O     1 
ATOM   29   C CB    . LEU A 1 4   ? 11.698  -16.758 3.787   1.00 19.85 ? 404  LEU A CB    1 
ATOM   30   C CG    . LEU A 1 4   ? 11.750  -18.073 4.562   1.00 21.14 ? 404  LEU A CG    1 
ATOM   31   C CD1   . LEU A 1 4   ? 12.861  -18.985 4.048   1.00 23.19 ? 404  LEU A CD1   1 
ATOM   32   C CD2   . LEU A 1 4   ? 11.899  -17.784 6.054   1.00 22.93 ? 404  LEU A CD2   1 
ATOM   33   N N     . ALA A 1 5   ? 10.831  -13.583 3.856   1.00 17.66 ? 405  ALA A N     1 
ATOM   34   C CA    . ALA A 1 5   ? 10.994  -12.259 3.237   1.00 16.80 ? 405  ALA A CA    1 
ATOM   35   C C     . ALA A 1 5   ? 12.143  -12.236 2.241   1.00 16.67 ? 405  ALA A C     1 
ATOM   36   O O     . ALA A 1 5   ? 13.249  -12.721 2.520   1.00 16.99 ? 405  ALA A O     1 
ATOM   37   C CB    . ALA A 1 5   ? 11.220  -11.177 4.291   1.00 16.93 ? 405  ALA A CB    1 
ATOM   38   N N     . THR A 1 6   ? 11.869  -11.659 1.081   1.00 15.85 ? 406  THR A N     1 
ATOM   39   C CA    . THR A 1 6   ? 12.914  -11.331 0.132   1.00 15.33 ? 406  THR A CA    1 
ATOM   40   C C     . THR A 1 6   ? 13.660  -10.106 0.650   1.00 14.45 ? 406  THR A C     1 
ATOM   41   O O     . THR A 1 6   ? 13.209  -9.441  1.575   1.00 14.09 ? 406  THR A O     1 
ATOM   42   C CB    . THR A 1 6   ? 12.322  -11.017 -1.224  1.00 15.52 ? 406  THR A CB    1 
ATOM   43   O OG1   . THR A 1 6   ? 11.446  -9.890  -1.100  1.00 16.48 ? 406  THR A OG1   1 
ATOM   44   C CG2   . THR A 1 6   ? 11.543  -12.215 -1.748  1.00 17.50 ? 406  THR A CG2   1 
ATOM   45   N N     . THR A 1 7   ? 14.815  -9.810  0.067   1.00 13.46 ? 407  THR A N     1 
ATOM   46   C CA    . THR A 1 7   ? 15.568  -8.621  0.467   1.00 13.81 ? 407  THR A CA    1 
ATOM   47   C C     . THR A 1 7   ? 14.712  -7.355  0.351   1.00 13.72 ? 407  THR A C     1 
ATOM   48   O O     . THR A 1 7   ? 14.733  -6.481  1.223   1.00 13.05 ? 407  THR A O     1 
ATOM   49   C CB    . THR A 1 7   ? 16.836  -8.479  -0.379  1.00 13.62 ? 407  THR A CB    1 
ATOM   50   O OG1   . THR A 1 7   ? 17.655  -9.641  -0.183  1.00 15.28 ? 407  THR A OG1   1 
ATOM   51   C CG2   . THR A 1 7   ? 17.610  -7.249  0.028   1.00 12.92 ? 407  THR A CG2   1 
ATOM   52   N N     . LEU A 1 8   ? 13.960  -7.264  -0.737  1.00 14.34 ? 408  LEU A N     1 
ATOM   53   C CA    . LEU A 1 8   ? 13.004  -6.180  -0.961  1.00 15.20 ? 408  LEU A CA    1 
ATOM   54   C C     . LEU A 1 8   ? 12.063  -6.013  0.223   1.00 14.54 ? 408  LEU A C     1 
ATOM   55   O O     . LEU A 1 8   ? 11.840  -4.906  0.710   1.00 14.28 ? 408  LEU A O     1 
ATOM   56   C CB    . LEU A 1 8   ? 12.202  -6.476  -2.244  1.00 15.75 ? 408  LEU A CB    1 
ATOM   57   C CG    . LEU A 1 8   ? 10.960  -5.644  -2.576  1.00 16.82 ? 408  LEU A CG    1 
ATOM   58   C CD1   . LEU A 1 8   ? 11.358  -4.303  -3.109  1.00 19.42 ? 408  LEU A CD1   1 
ATOM   59   C CD2   . LEU A 1 8   ? 10.121  -6.401  -3.606  1.00 18.81 ? 408  LEU A CD2   1 
ATOM   60   N N     . GLU A 1 9   ? 11.523  -7.127  0.698   1.00 14.39 ? 409  GLU A N     1 
ATOM   61   C CA    . GLU A 1 9   ? 10.551  -7.102  1.793   1.00 14.41 ? 409  GLU A CA    1 
ATOM   62   C C     . GLU A 1 9   ? 11.150  -6.785  3.155   1.00 14.67 ? 409  GLU A C     1 
ATOM   63   O O     . GLU A 1 9   ? 10.406  -6.569  4.106   1.00 15.43 ? 409  GLU A O     1 
ATOM   64   C CB    . GLU A 1 9   ? 9.761   -8.418  1.820   1.00 14.05 ? 409  GLU A CB    1 
ATOM   65   C CG    . GLU A 1 9   ? 8.816   -8.565  0.638   1.00 14.42 ? 409  GLU A CG    1 
ATOM   66   C CD    . GLU A 1 9   ? 8.252   -9.959  0.481   1.00 13.67 ? 409  GLU A CD    1 
ATOM   67   O OE1   . GLU A 1 9   ? 9.043   -10.929 0.465   1.00 15.20 ? 409  GLU A OE1   1 
ATOM   68   O OE2   . GLU A 1 9   ? 7.012   -10.102 0.361   1.00 12.85 ? 409  GLU A OE2   1 
ATOM   69   N N     . ARG A 1 10  ? 12.479  -6.788  3.255   1.00 14.07 ? 410  ARG A N     1 
ATOM   70   C CA    . ARG A 1 10  ? 13.164  -6.386  4.479   1.00 15.05 ? 410  ARG A CA    1 
ATOM   71   C C     . ARG A 1 10  ? 13.506  -4.882  4.473   1.00 14.57 ? 410  ARG A C     1 
ATOM   72   O O     . ARG A 1 10  ? 14.064  -4.384  5.445   1.00 15.60 ? 410  ARG A O     1 
ATOM   73   C CB    . ARG A 1 10  ? 14.417  -7.243  4.691   1.00 14.68 ? 410  ARG A CB    1 
ATOM   74   C CG    . ARG A 1 10  ? 14.098  -8.733  4.846   1.00 15.73 ? 410  ARG A CG    1 
ATOM   75   C CD    . ARG A 1 10  ? 15.351  -9.582  4.839   1.00 18.47 ? 410  ARG A CD    1 
ATOM   76   N NE    . ARG A 1 10  ? 16.232  -9.236  5.944   1.00 22.88 ? 410  ARG A NE    1 
ATOM   77   C CZ    . ARG A 1 10  ? 17.563  -9.312  5.923   1.00 24.05 ? 410  ARG A CZ    1 
ATOM   78   N NH1   . ARG A 1 10  ? 18.219  -9.713  4.833   1.00 26.25 ? 410  ARG A NH1   1 
ATOM   79   N NH2   . ARG A 1 10  ? 18.248  -8.965  7.003   1.00 25.06 ? 410  ARG A NH2   1 
ATOM   80   N N     . ILE A 1 11  ? 13.182  -4.169  3.389   1.00 15.20 ? 411  ILE A N     1 
ATOM   81   C CA    . ILE A 1 11  ? 13.279  -2.709  3.394   1.00 15.38 ? 411  ILE A CA    1 
ATOM   82   C C     . ILE A 1 11  ? 12.408  -2.211  4.545   1.00 15.70 ? 411  ILE A C     1 
ATOM   83   O O     . ILE A 1 11  ? 11.275  -2.664  4.731   1.00 16.02 ? 411  ILE A O     1 
ATOM   84   C CB    . ILE A 1 11  ? 12.845  -2.076  2.046   1.00 15.40 ? 411  ILE A CB    1 
ATOM   85   C CG1   . ILE A 1 11  ? 13.880  -2.379  0.949   1.00 14.72 ? 411  ILE A CG1   1 
ATOM   86   C CG2   . ILE A 1 11  ? 12.657  -0.548  2.192   1.00 15.82 ? 411  ILE A CG2   1 
ATOM   87   C CD1   . ILE A 1 11  ? 13.463  -1.969  -0.463  1.00 15.37 ? 411  ILE A CD1   1 
ATOM   88   N N     . GLU A 1 12  ? 12.943  -1.267  5.303   1.00 16.19 ? 412  GLU A N     1 
ATOM   89   C CA    . GLU A 1 12  ? 12.414  -0.921  6.626   1.00 16.23 ? 412  GLU A CA    1 
ATOM   90   C C     . GLU A 1 12  ? 11.292  0.133   6.553   1.00 15.68 ? 412  GLU A C     1 
ATOM   91   O O     . GLU A 1 12  ? 11.348  1.189   7.194   1.00 15.73 ? 412  GLU A O     1 
ATOM   92   C CB    . GLU A 1 12  ? 13.574  -0.435  7.508   1.00 16.66 ? 412  GLU A CB    1 
ATOM   93   C CG    . GLU A 1 12  ? 14.688  -1.492  7.676   1.00 19.00 ? 412  GLU A CG    1 
ATOM   94   C CD    . GLU A 1 12  ? 16.051  -0.927  8.015   1.00 19.33 ? 412  GLU A CD    1 
ATOM   95   O OE1   . GLU A 1 12  ? 16.194  0.306   8.181   1.00 24.11 ? 412  GLU A OE1   1 
ATOM   96   O OE2   . GLU A 1 12  ? 16.998  -1.734  8.125   1.00 23.92 ? 412  GLU A OE2   1 
ATOM   97   N N     . LYS A 1 13  ? 10.269  -0.179  5.761   1.00 14.73 ? 413  LYS A N     1 
ATOM   98   C CA    . LYS A 1 13  ? 9.130   0.708   5.515   1.00 14.06 ? 413  LYS A CA    1 
ATOM   99   C C     . LYS A 1 13  ? 7.890   -0.154  5.322   1.00 13.42 ? 413  LYS A C     1 
ATOM   100  O O     . LYS A 1 13  ? 8.006   -1.294  4.892   1.00 13.88 ? 413  LYS A O     1 
ATOM   101  C CB    . LYS A 1 13  ? 9.338   1.520   4.228   1.00 15.10 ? 413  LYS A CB    1 
ATOM   102  C CG    . LYS A 1 13  ? 10.554  2.467   4.203   1.00 16.80 ? 413  LYS A CG    1 
ATOM   103  C CD    . LYS A 1 13  ? 10.337  3.640   5.143   1.00 19.05 ? 413  LYS A CD    1 
ATOM   104  C CE    . LYS A 1 13  ? 11.482  4.649   5.106   1.00 19.65 ? 413  LYS A CE    1 
ATOM   105  N NZ    . LYS A 1 13  ? 11.649  5.312   3.773   1.00 21.64 ? 413  LYS A NZ    1 
ATOM   106  N N     . ASN A 1 14  ? 6.709   0.397   5.603   1.00 12.61 ? 414  ASN A N     1 
ATOM   107  C CA    . ASN A 1 14  ? 5.445   -0.292  5.321   1.00 12.72 ? 414  ASN A CA    1 
ATOM   108  C C     . ASN A 1 14  ? 5.125   -0.135  3.840   1.00 12.30 ? 414  ASN A C     1 
ATOM   109  O O     . ASN A 1 14  ? 4.869   0.976   3.368   1.00 12.52 ? 414  ASN A O     1 
ATOM   110  C CB    . ASN A 1 14  ? 4.274   0.347   6.072   1.00 12.94 ? 414  ASN A CB    1 
ATOM   111  C CG    . ASN A 1 14  ? 4.422   0.338   7.561   1.00 14.01 ? 414  ASN A CG    1 
ATOM   112  O OD1   . ASN A 1 14  ? 4.949   -0.604  8.152   1.00 15.30 ? 414  ASN A OD1   1 
ATOM   113  N ND2   . ASN A 1 14  ? 3.917   1.393   8.193   1.00 13.98 ? 414  ASN A ND2   1 
ATOM   114  N N     . PHE A 1 15  ? 5.086   -1.241  3.100   1.00 11.26 ? 415  PHE A N     1 
ATOM   115  C CA    . PHE A 1 15  ? 4.608   -1.195  1.726   1.00 11.81 ? 415  PHE A CA    1 
ATOM   116  C C     . PHE A 1 15  ? 4.155   -2.556  1.249   1.00 11.37 ? 415  PHE A C     1 
ATOM   117  O O     . PHE A 1 15  ? 4.512   -3.587  1.824   1.00 11.52 ? 415  PHE A O     1 
ATOM   118  C CB    . PHE A 1 15  ? 5.667   -0.634  0.765   1.00 12.98 ? 415  PHE A CB    1 
ATOM   119  C CG    . PHE A 1 15  ? 6.841   -1.525  0.572   1.00 12.93 ? 415  PHE A CG    1 
ATOM   120  C CD1   . PHE A 1 15  ? 7.895   -1.466  1.466   1.00 13.00 ? 415  PHE A CD1   1 
ATOM   121  C CD2   . PHE A 1 15  ? 6.892   -2.430  -0.477  1.00 15.19 ? 415  PHE A CD2   1 
ATOM   122  C CE1   . PHE A 1 15  ? 8.995   -2.294  1.311   1.00 14.47 ? 415  PHE A CE1   1 
ATOM   123  C CE2   . PHE A 1 15  ? 7.989   -3.267  -0.639  1.00 14.99 ? 415  PHE A CE2   1 
ATOM   124  C CZ    . PHE A 1 15  ? 9.039   -3.191  0.268   1.00 14.52 ? 415  PHE A CZ    1 
ATOM   125  N N     . VAL A 1 16  ? 3.362   -2.529  0.180   1.00 11.58 ? 416  VAL A N     1 
ATOM   126  C CA    . VAL A 1 16  ? 3.025   -3.720  -0.585  1.00 11.54 ? 416  VAL A CA    1 
ATOM   127  C C     . VAL A 1 16  ? 3.217   -3.431  -2.066  1.00 11.13 ? 416  VAL A C     1 
ATOM   128  O O     . VAL A 1 16  ? 3.244   -2.262  -2.497  1.00 11.78 ? 416  VAL A O     1 
ATOM   129  C CB    . VAL A 1 16  ? 1.587   -4.192  -0.340  1.00 12.08 ? 416  VAL A CB    1 
ATOM   130  C CG1   . VAL A 1 16  ? 1.371   -4.566  1.102   1.00 13.02 ? 416  VAL A CG1   1 
ATOM   131  C CG2   . VAL A 1 16  ? 0.590   -3.113  -0.729  1.00 14.18 ? 416  VAL A CG2   1 
ATOM   132  N N     . ILE A 1 17  ? 3.376   -4.501  -2.837  1.00 11.20 ? 417  ILE A N     1 
ATOM   133  C CA    . ILE A 1 17  ? 3.395   -4.432  -4.296  1.00 11.46 ? 417  ILE A CA    1 
ATOM   134  C C     . ILE A 1 17  ? 2.323   -5.389  -4.778  1.00 10.89 ? 417  ILE A C     1 
ATOM   135  O O     . ILE A 1 17  ? 2.241   -6.528  -4.298  1.00 11.11 ? 417  ILE A O     1 
ATOM   136  C CB    . ILE A 1 17  ? 4.758   -4.828  -4.866  1.00 11.27 ? 417  ILE A CB    1 
ATOM   137  C CG1   . ILE A 1 17  ? 5.841   -3.883  -4.320  1.00 13.46 ? 417  ILE A CG1   1 
ATOM   138  C CG2   . ILE A 1 17  ? 4.729   -4.793  -6.417  1.00 12.11 ? 417  ILE A CG2   1 
ATOM   139  C CD1   . ILE A 1 17  ? 7.245   -4.189  -4.800  1.00 14.17 ? 417  ILE A CD1   1 
ATOM   140  N N     . THR A 1 18  ? 1.474   -4.921  -5.692  1.00 11.23 ? 418  THR A N     1 
ATOM   141  C CA    . THR A 1 18  ? 0.456   -5.768  -6.291  1.00 11.82 ? 418  THR A CA    1 
ATOM   142  C C     . THR A 1 18  ? 0.721   -5.957  -7.784  1.00 11.20 ? 418  THR A C     1 
ATOM   143  O O     . THR A 1 18  ? 1.433   -5.163  -8.397  1.00 11.04 ? 418  THR A O     1 
ATOM   144  C CB    . THR A 1 18  ? -0.958  -5.193  -6.117  1.00 11.72 ? 418  THR A CB    1 
ATOM   145  O OG1   . THR A 1 18  ? -1.066  -3.989  -6.879  1.00 12.60 ? 418  THR A OG1   1 
ATOM   146  C CG2   . THR A 1 18  ? -1.270  -4.912  -4.653  1.00 12.21 ? 418  THR A CG2   1 
ATOM   147  N N     . ASP A 1 19  ? 0.151   -7.024  -8.347  1.00 11.58 ? 419  ASP A N     1 
ATOM   148  C CA    . ASP A 1 19  ? 0.272   -7.309  -9.765  1.00 12.37 ? 419  ASP A CA    1 
ATOM   149  C C     . ASP A 1 19  ? -1.108  -7.252  -10.395 1.00 12.90 ? 419  ASP A C     1 
ATOM   150  O O     . ASP A 1 19  ? -1.910  -8.156  -10.226 1.00 13.91 ? 419  ASP A O     1 
ATOM   151  C CB    . ASP A 1 19  ? 0.899   -8.679  -10.001 1.00 11.61 ? 419  ASP A CB    1 
ATOM   152  C CG    . ASP A 1 19  ? 1.206   -8.927  -11.456 1.00 12.35 ? 419  ASP A CG    1 
ATOM   153  O OD1   . ASP A 1 19  ? 0.703   -8.157  -12.302 1.00 13.44 ? 419  ASP A OD1   1 
ATOM   154  O OD2   . ASP A 1 19  ? 1.931   -9.897  -11.762 1.00 13.77 ? 419  ASP A OD2   1 
ATOM   155  N N     . PRO A 1 20  ? -1.379  -6.181  -11.149 1.00 14.51 ? 420  PRO A N     1 
ATOM   156  C CA    . PRO A 1 20  ? -2.709  -6.021  -11.735 1.00 15.63 ? 420  PRO A CA    1 
ATOM   157  C C     . PRO A 1 20  ? -3.044  -7.043  -12.839 1.00 17.18 ? 420  PRO A C     1 
ATOM   158  O O     . PRO A 1 20  ? -4.178  -7.068  -13.333 1.00 18.07 ? 420  PRO A O     1 
ATOM   159  C CB    . PRO A 1 20  ? -2.683  -4.579  -12.258 1.00 15.66 ? 420  PRO A CB    1 
ATOM   160  C CG    . PRO A 1 20  ? -1.250  -4.269  -12.496 1.00 15.53 ? 420  PRO A CG    1 
ATOM   161  C CD    . PRO A 1 20  ? -0.492  -5.046  -11.435 1.00 14.44 ? 420  PRO A CD    1 
ATOM   162  N N     . ARG A 1 21  ? -2.084  -7.886  -13.207 1.00 18.41 ? 421  ARG A N     1 
ATOM   163  C CA    . ARG A 1 21  ? -2.336  -8.965  -14.183 1.00 18.37 ? 421  ARG A CA    1 
ATOM   164  C C     . ARG A 1 21  ? -3.028  -10.190 -13.559 1.00 18.39 ? 421  ARG A C     1 
ATOM   165  O O     . ARG A 1 21  ? -3.649  -10.993 -14.272 1.00 17.90 ? 421  ARG A O     1 
ATOM   166  C CB    . ARG A 1 21  ? -1.021  -9.372  -14.848 1.00 19.81 ? 421  ARG A CB    1 
ATOM   167  C CG    . ARG A 1 21  ? -1.188  -10.241 -16.047 1.00 20.77 ? 421  ARG A CG    1 
ATOM   168  C CD    . ARG A 1 21  ? 0.056   -10.245 -16.922 1.00 22.57 ? 421  ARG A CD    1 
ATOM   169  N NE    . ARG A 1 21  ? 0.033   -11.355 -17.871 1.00 25.40 ? 421  ARG A NE    1 
ATOM   170  C CZ    . ARG A 1 21  ? 0.300   -12.625 -17.565 1.00 27.06 ? 421  ARG A CZ    1 
ATOM   171  N NH1   . ARG A 1 21  ? 0.625   -12.979 -16.317 1.00 28.57 ? 421  ARG A NH1   1 
ATOM   172  N NH2   . ARG A 1 21  ? 0.248   -13.547 -18.517 1.00 28.51 ? 421  ARG A NH2   1 
ATOM   173  N N     A LEU A 1 22  ? -2.960  -10.341 -12.245 0.50 18.13 ? 422  LEU A N     1 
ATOM   174  N N     B LEU A 1 22  ? -2.843  -10.342 -12.247 0.50 17.17 ? 422  LEU A N     1 
ATOM   175  C CA    A LEU A 1 22  ? -3.739  -11.374 -11.571 0.50 18.46 ? 422  LEU A CA    1 
ATOM   176  C CA    B LEU A 1 22  ? -3.429  -11.424 -11.468 0.50 16.83 ? 422  LEU A CA    1 
ATOM   177  C C     A LEU A 1 22  ? -5.156  -10.820 -11.332 0.50 18.62 ? 422  LEU A C     1 
ATOM   178  C C     B LEU A 1 22  ? -4.780  -10.961 -10.953 0.50 16.20 ? 422  LEU A C     1 
ATOM   179  O O     A LEU A 1 22  ? -5.306  -9.643  -11.000 0.50 18.27 ? 422  LEU A O     1 
ATOM   180  O O     B LEU A 1 22  ? -5.002  -9.761  -10.757 0.50 16.87 ? 422  LEU A O     1 
ATOM   181  C CB    A LEU A 1 22  ? -3.058  -11.782 -10.258 0.50 18.47 ? 422  LEU A CB    1 
ATOM   182  C CB    B LEU A 1 22  ? -2.518  -11.814 -10.302 0.50 16.58 ? 422  LEU A CB    1 
ATOM   183  C CG    A LEU A 1 22  ? -1.663  -12.420 -10.356 0.50 18.94 ? 422  LEU A CG    1 
ATOM   184  C CG    B LEU A 1 22  ? -1.105  -12.278 -10.674 0.50 16.56 ? 422  LEU A CG    1 
ATOM   185  C CD1   A LEU A 1 22  ? -1.011  -12.534 -8.980  0.50 19.88 ? 422  LEU A CD1   1 
ATOM   186  C CD1   B LEU A 1 22  ? -0.402  -12.846 -9.462  0.50 16.97 ? 422  LEU A CD1   1 
ATOM   187  C CD2   A LEU A 1 22  ? -1.730  -13.787 -11.037 0.50 19.78 ? 422  LEU A CD2   1 
ATOM   188  C CD2   B LEU A 1 22  ? -1.141  -13.302 -11.804 0.50 16.30 ? 422  LEU A CD2   1 
ATOM   189  N N     A PRO A 1 23  ? -6.212  -11.625 -11.589 0.60 19.20 ? 423  PRO A N     1 
ATOM   190  N N     B PRO A 1 23  ? -5.732  -11.907 -10.791 0.40 15.92 ? 423  PRO A N     1 
ATOM   191  C CA    A PRO A 1 23  ? -7.488  -11.276 -10.975 0.60 18.78 ? 423  PRO A CA    1 
ATOM   192  C CA    B PRO A 1 23  ? -7.140  -11.581 -10.508 0.40 16.34 ? 423  PRO A CA    1 
ATOM   193  C C     A PRO A 1 23  ? -7.398  -10.689 -9.536  0.60 18.43 ? 423  PRO A C     1 
ATOM   194  C C     B PRO A 1 23  ? -7.328  -10.674 -9.293  0.40 16.58 ? 423  PRO A C     1 
ATOM   195  O O     A PRO A 1 23  ? -6.709  -11.186 -8.642  0.60 19.14 ? 423  PRO A O     1 
ATOM   196  O O     B PRO A 1 23  ? -6.766  -10.982 -8.226  0.40 16.60 ? 423  PRO A O     1 
ATOM   197  C CB    A PRO A 1 23  ? -8.244  -12.591 -11.016 0.60 19.45 ? 423  PRO A CB    1 
ATOM   198  C CB    B PRO A 1 23  ? -7.769  -12.959 -10.257 0.40 16.24 ? 423  PRO A CB    1 
ATOM   199  C CG    A PRO A 1 23  ? -7.795  -13.187 -12.296 0.60 19.68 ? 423  PRO A CG    1 
ATOM   200  C CG    B PRO A 1 23  ? -6.935  -13.887 -11.055 0.40 15.79 ? 423  PRO A CG    1 
ATOM   201  C CD    A PRO A 1 23  ? -6.347  -12.800 -12.466 0.60 19.17 ? 423  PRO A CD    1 
ATOM   202  C CD    B PRO A 1 23  ? -5.532  -13.362 -10.920 0.40 15.80 ? 423  PRO A CD    1 
ATOM   203  N N     . ASP A 1 24  ? -8.117  -9.592  -9.413  1.00 17.78 ? 424  ASP A N     1 
ATOM   204  C CA    . ASP A 1 24  ? -8.306  -8.741  -8.247  1.00 16.70 ? 424  ASP A CA    1 
ATOM   205  C C     . ASP A 1 24  ? -7.048  -7.988  -7.780  1.00 15.94 ? 424  ASP A C     1 
ATOM   206  O O     . ASP A 1 24  ? -7.010  -7.566  -6.637  1.00 15.14 ? 424  ASP A O     1 
ATOM   207  C CB    . ASP A 1 24  ? -8.919  -9.544  -7.097  1.00 17.62 ? 424  ASP A CB    1 
ATOM   208  C CG    . ASP A 1 24  ? -9.847  -8.717  -6.243  1.00 16.44 ? 424  ASP A CG    1 
ATOM   209  O OD1   . ASP A 1 24  ? -10.230 -7.615  -6.689  1.00 18.47 ? 424  ASP A OD1   1 
ATOM   210  O OD2   . ASP A 1 24  ? -10.196 -9.186  -5.141  1.00 20.19 ? 424  ASP A OD2   1 
ATOM   211  N N     . ASN A 1 25  ? -6.049  -7.811  -8.650  1.00 15.07 ? 425  ASN A N     1 
ATOM   212  C CA    . ASN A 1 25  ? -4.873  -6.965  -8.356  1.00 14.18 ? 425  ASN A CA    1 
ATOM   213  C C     . ASN A 1 25  ? -4.283  -7.251  -6.964  1.00 13.62 ? 425  ASN A C     1 
ATOM   214  O O     . ASN A 1 25  ? -4.215  -6.376  -6.109  1.00 13.77 ? 425  ASN A O     1 
ATOM   215  C CB    . ASN A 1 25  ? -5.286  -5.498  -8.501  1.00 14.33 ? 425  ASN A CB    1 
ATOM   216  C CG    . ASN A 1 25  ? -4.106  -4.522  -8.523  1.00 14.60 ? 425  ASN A CG    1 
ATOM   217  O OD1   . ASN A 1 25  ? -2.937  -4.883  -8.704  1.00 14.07 ? 425  ASN A OD1   1 
ATOM   218  N ND2   . ASN A 1 25  ? -4.429  -3.244  -8.347  1.00 18.60 ? 425  ASN A ND2   1 
ATOM   219  N N     . PRO A 1 26  ? -3.861  -8.498  -6.737  1.00 13.38 ? 426  PRO A N     1 
ATOM   220  C CA    . PRO A 1 26  ? -3.477  -8.946  -5.417  1.00 13.28 ? 426  PRO A CA    1 
ATOM   221  C C     . PRO A 1 26  ? -2.058  -8.610  -5.004  1.00 12.65 ? 426  PRO A C     1 
ATOM   222  O O     . PRO A 1 26  ? -1.187  -8.372  -5.839  1.00 11.92 ? 426  PRO A O     1 
ATOM   223  C CB    . PRO A 1 26  ? -3.587  -10.455 -5.533  1.00 13.93 ? 426  PRO A CB    1 
ATOM   224  C CG    . PRO A 1 26  ? -3.204  -10.732 -6.923  1.00 13.51 ? 426  PRO A CG    1 
ATOM   225  C CD    . PRO A 1 26  ? -3.691  -9.561  -7.735  1.00 13.43 ? 426  PRO A CD    1 
ATOM   226  N N     . ILE A 1 27  ? -1.853  -8.637  -3.701  1.00 12.13 ? 427  ILE A N     1 
ATOM   227  C CA    . ILE A 1 27  ? -0.527  -8.497  -3.135  1.00 12.05 ? 427  ILE A CA    1 
ATOM   228  C C     . ILE A 1 27  ? 0.389   -9.631  -3.585  1.00 11.37 ? 427  ILE A C     1 
ATOM   229  O O     . ILE A 1 27  ? 0.044   -10.806 -3.475  1.00 11.49 ? 427  ILE A O     1 
ATOM   230  C CB    . ILE A 1 27  ? -0.585  -8.495  -1.592  1.00 11.65 ? 427  ILE A CB    1 
ATOM   231  C CG1   . ILE A 1 27  ? -1.389  -7.308  -1.065  1.00 11.93 ? 427  ILE A CG1   1 
ATOM   232  C CG2   . ILE A 1 27  ? 0.827   -8.470  -1.008  1.00 13.30 ? 427  ILE A CG2   1 
ATOM   233  C CD1   . ILE A 1 27  ? -1.721  -7.427  0.410   1.00 14.00 ? 427  ILE A CD1   1 
ATOM   234  N N     . ILE A 1 28  ? 1.570   -9.269  -4.080  1.00 10.94 ? 428  ILE A N     1 
ATOM   235  C CA    . ILE A 1 28  ? 2.620   -10.240 -4.378  1.00 10.93 ? 428  ILE A CA    1 
ATOM   236  C C     . ILE A 1 28  ? 3.870   -10.046 -3.517  1.00 10.70 ? 428  ILE A C     1 
ATOM   237  O O     . ILE A 1 28  ? 4.617   -10.993 -3.309  1.00 10.93 ? 428  ILE A O     1 
ATOM   238  C CB    . ILE A 1 28  ? 2.998   -10.273 -5.879  1.00 11.10 ? 428  ILE A CB    1 
ATOM   239  C CG1   . ILE A 1 28  ? 3.527   -8.932  -6.387  1.00 10.89 ? 428  ILE A CG1   1 
ATOM   240  C CG2   . ILE A 1 28  ? 1.793   -10.767 -6.696  1.00 10.34 ? 428  ILE A CG2   1 
ATOM   241  C CD1   . ILE A 1 28  ? 4.269   -9.048  -7.718  1.00 12.31 ? 428  ILE A CD1   1 
ATOM   242  N N     . PHE A 1 29  ? 4.090   -8.832  -2.995  1.00 10.19 ? 429  PHE A N     1 
ATOM   243  C CA    . PHE A 1 29  ? 5.148   -8.606  -2.010  1.00 10.48 ? 429  PHE A CA    1 
ATOM   244  C C     . PHE A 1 29  ? 4.581   -7.744  -0.893  1.00 10.36 ? 429  PHE A C     1 
ATOM   245  O O     . PHE A 1 29  ? 3.786   -6.831  -1.142  1.00 11.05 ? 429  PHE A O     1 
ATOM   246  C CB    . PHE A 1 29  ? 6.358   -7.899  -2.634  1.00 10.79 ? 429  PHE A CB    1 
ATOM   247  C CG    . PHE A 1 29  ? 7.126   -8.754  -3.608  1.00 11.46 ? 429  PHE A CG    1 
ATOM   248  C CD1   . PHE A 1 29  ? 7.946   -9.779  -3.161  1.00 12.96 ? 429  PHE A CD1   1 
ATOM   249  C CD2   . PHE A 1 29  ? 7.022   -8.549  -4.972  1.00 12.36 ? 429  PHE A CD2   1 
ATOM   250  C CE1   . PHE A 1 29  ? 8.647   -10.582 -4.074  1.00 12.64 ? 429  PHE A CE1   1 
ATOM   251  C CE2   . PHE A 1 29  ? 7.719   -9.359  -5.872  1.00 12.26 ? 429  PHE A CE2   1 
ATOM   252  C CZ    . PHE A 1 29  ? 8.526   -10.361 -5.425  1.00 13.20 ? 429  PHE A CZ    1 
ATOM   253  N N     . ALA A 1 30  ? 5.005   -8.011  0.337   1.00 10.67 ? 430  ALA A N     1 
ATOM   254  C CA    . ALA A 1 30  ? 4.556   -7.241  1.498   1.00 11.30 ? 430  ALA A CA    1 
ATOM   255  C C     . ALA A 1 30  ? 5.722   -7.177  2.467   1.00 11.20 ? 430  ALA A C     1 
ATOM   256  O O     . ALA A 1 30  ? 6.293   -8.197  2.834   1.00 11.66 ? 430  ALA A O     1 
ATOM   257  C CB    . ALA A 1 30  ? 3.343   -7.890  2.155   1.00 12.16 ? 430  ALA A CB    1 
ATOM   258  N N     . SER A 1 31  ? 6.091   -5.974  2.890   1.00 10.94 ? 431  SER A N     1 
ATOM   259  C CA    . SER A 1 31  ? 7.258   -5.809  3.756   1.00 11.27 ? 431  SER A CA    1 
ATOM   260  C C     . SER A 1 31  ? 7.024   -6.376  5.140   1.00 11.31 ? 431  SER A C     1 
ATOM   261  O O     . SER A 1 31  ? 5.888   -6.449  5.611   1.00 11.82 ? 431  SER A O     1 
ATOM   262  C CB    . SER A 1 31  ? 7.664   -4.340  3.858   1.00 11.47 ? 431  SER A CB    1 
ATOM   263  O OG    . SER A 1 31  ? 6.755   -3.587  4.649   1.00 11.83 ? 431  SER A OG    1 
ATOM   264  N N     . ASP A 1 32  ? 8.111   -6.765  5.792   1.00 11.70 ? 432  ASP A N     1 
ATOM   265  C CA    . ASP A 1 32  ? 8.038   -7.188  7.191   1.00 11.99 ? 432  ASP A CA    1 
ATOM   266  C C     . ASP A 1 32  ? 7.372   -6.129  8.071   1.00 12.35 ? 432  ASP A C     1 
ATOM   267  O O     . ASP A 1 32  ? 6.578   -6.457  8.939   1.00 11.63 ? 432  ASP A O     1 
ATOM   268  C CB    . ASP A 1 32  ? 9.431   -7.507  7.749   1.00 12.27 ? 432  ASP A CB    1 
ATOM   269  C CG    . ASP A 1 32  ? 9.945   -8.871  7.336   1.00 14.03 ? 432  ASP A CG    1 
ATOM   270  O OD1   . ASP A 1 32  ? 9.164   -9.717  6.853   1.00 16.14 ? 432  ASP A OD1   1 
ATOM   271  O OD2   . ASP A 1 32  ? 11.158  -9.125  7.547   1.00 16.92 ? 432  ASP A OD2   1 
ATOM   272  N N     . SER A 1 33  ? 7.694   -4.859  7.834   1.00 12.32 ? 433  SER A N     1 
ATOM   273  C CA    . SER A 1 33  ? 7.084   -3.770  8.592   1.00 12.79 ? 433  SER A CA    1 
ATOM   274  C C     . SER A 1 33  ? 5.566   -3.728  8.391   1.00 12.33 ? 433  SER A C     1 
ATOM   275  O O     . SER A 1 33  ? 4.815   -3.543  9.341   1.00 13.14 ? 433  SER A O     1 
ATOM   276  C CB    . SER A 1 33  ? 7.724   -2.441  8.193   1.00 13.51 ? 433  SER A CB    1 
ATOM   277  O OG    . SER A 1 33  ? 9.095   -2.430  8.557   1.00 16.77 ? 433  SER A OG    1 
ATOM   278  N N     . PHE A 1 34  ? 5.108   -3.916  7.162   1.00 12.07 ? 434  PHE A N     1 
ATOM   279  C CA    . PHE A 1 34  ? 3.673   -3.974  6.895   1.00 12.15 ? 434  PHE A CA    1 
ATOM   280  C C     . PHE A 1 34  ? 3.007   -5.116  7.677   1.00 12.24 ? 434  PHE A C     1 
ATOM   281  O O     . PHE A 1 34  ? 1.892   -4.964  8.176   1.00 12.75 ? 434  PHE A O     1 
ATOM   282  C CB    . PHE A 1 34  ? 3.431   -4.112  5.383   1.00 12.37 ? 434  PHE A CB    1 
ATOM   283  C CG    . PHE A 1 34  ? 1.988   -4.302  4.999   1.00 11.83 ? 434  PHE A CG    1 
ATOM   284  C CD1   . PHE A 1 34  ? 1.179   -3.212  4.711   1.00 12.66 ? 434  PHE A CD1   1 
ATOM   285  C CD2   . PHE A 1 34  ? 1.437   -5.571  4.897   1.00 12.52 ? 434  PHE A CD2   1 
ATOM   286  C CE1   . PHE A 1 34  ? -0.150  -3.399  4.364   1.00 13.30 ? 434  PHE A CE1   1 
ATOM   287  C CE2   . PHE A 1 34  ? 0.108   -5.745  4.545   1.00 12.43 ? 434  PHE A CE2   1 
ATOM   288  C CZ    . PHE A 1 34  ? -0.672  -4.662  4.259   1.00 14.24 ? 434  PHE A CZ    1 
ATOM   289  N N     . LEU A 1 35  ? 3.672   -6.262  7.755   1.00 12.40 ? 435  LEU A N     1 
ATOM   290  C CA    . LEU A 1 35  ? 3.126   -7.412  8.486   1.00 13.00 ? 435  LEU A CA    1 
ATOM   291  C C     . LEU A 1 35  ? 3.058   -7.108  9.973   1.00 12.98 ? 435  LEU A C     1 
ATOM   292  O O     . LEU A 1 35  ? 2.107   -7.509  10.646  1.00 13.06 ? 435  LEU A O     1 
ATOM   293  C CB    . LEU A 1 35  ? 3.965   -8.662  8.218   1.00 13.62 ? 435  LEU A CB    1 
ATOM   294  C CG    . LEU A 1 35  ? 4.065   -9.131  6.764   1.00 16.57 ? 435  LEU A CG    1 
ATOM   295  C CD1   . LEU A 1 35  ? 4.938   -10.361 6.667   1.00 21.85 ? 435  LEU A CD1   1 
ATOM   296  C CD2   . LEU A 1 35  ? 2.683   -9.394  6.209   1.00 18.97 ? 435  LEU A CD2   1 
ATOM   297  N N     . GLN A 1 36  ? 4.060   -6.412  10.495  1.00 12.86 ? 436  GLN A N     1 
ATOM   298  C CA    . GLN A 1 36  ? 4.035   -6.030  11.915  1.00 14.23 ? 436  GLN A CA    1 
ATOM   299  C C     . GLN A 1 36  ? 2.912   -5.057  12.186  1.00 14.00 ? 436  GLN A C     1 
ATOM   300  O O     . GLN A 1 36  ? 2.225   -5.179  13.186  1.00 14.83 ? 436  GLN A O     1 
ATOM   301  C CB    . GLN A 1 36  ? 5.352   -5.403  12.332  1.00 14.37 ? 436  GLN A CB    1 
ATOM   302  C CG    . GLN A 1 36  ? 6.491   -6.375  12.287  1.00 16.46 ? 436  GLN A CG    1 
ATOM   303  C CD    . GLN A 1 36  ? 7.801   -5.713  12.561  1.00 18.68 ? 436  GLN A CD    1 
ATOM   304  O OE1   . GLN A 1 36  ? 7.936   -4.958  13.533  1.00 27.32 ? 436  GLN A OE1   1 
ATOM   305  N NE2   . GLN A 1 36  ? 8.800   -6.015  11.740  1.00 26.12 ? 436  GLN A NE2   1 
ATOM   306  N N     . LEU A 1 37  ? 2.729   -4.087  11.295  1.00 13.46 ? 437  LEU A N     1 
ATOM   307  C CA    . LEU A 1 37  ? 1.645   -3.124  11.412  1.00 13.47 ? 437  LEU A CA    1 
ATOM   308  C C     . LEU A 1 37  ? 0.285   -3.813  11.447  1.00 13.68 ? 437  LEU A C     1 
ATOM   309  O O     . LEU A 1 37  ? -0.545  -3.546  12.317  1.00 14.81 ? 437  LEU A O     1 
ATOM   310  C CB    . LEU A 1 37  ? 1.684   -2.143  10.233  1.00 13.85 ? 437  LEU A CB    1 
ATOM   311  C CG    . LEU A 1 37  ? 0.452   -1.251  10.078  1.00 14.45 ? 437  LEU A CG    1 
ATOM   312  C CD1   . LEU A 1 37  ? 0.254   -0.381  11.309  1.00 17.00 ? 437  LEU A CD1   1 
ATOM   313  C CD2   . LEU A 1 37  ? 0.606   -0.426  8.806   1.00 14.67 ? 437  LEU A CD2   1 
ATOM   314  N N     . THR A 1 38  ? 0.058   -4.712  10.503  1.00 12.89 ? 438  THR A N     1 
ATOM   315  C CA    . THR A 1 38  ? -1.271  -5.226  10.256  1.00 12.92 ? 438  THR A CA    1 
ATOM   316  C C     . THR A 1 38  ? -1.573  -6.523  10.999  1.00 12.61 ? 438  THR A C     1 
ATOM   317  O O     . THR A 1 38  ? -2.731  -6.913  11.076  1.00 12.75 ? 438  THR A O     1 
ATOM   318  C CB    . THR A 1 38  ? -1.491  -5.434  8.740   1.00 12.39 ? 438  THR A CB    1 
ATOM   319  O OG1   . THR A 1 38  ? -0.598  -6.446  8.271   1.00 13.01 ? 438  THR A OG1   1 
ATOM   320  C CG2   . THR A 1 38  ? -1.278  -4.125  7.965   1.00 14.36 ? 438  THR A CG2   1 
ATOM   321  N N     . GLU A 1 39  ? -0.528  -7.169  11.525  1.00 13.18 ? 439  GLU A N     1 
ATOM   322  C CA    . GLU A 1 39  ? -0.620  -8.400  12.331  1.00 14.28 ? 439  GLU A CA    1 
ATOM   323  C C     . GLU A 1 39  ? -0.845  -9.679  11.551  1.00 14.63 ? 439  GLU A C     1 
ATOM   324  O O     . GLU A 1 39  ? -1.055  -10.726 12.157  1.00 15.57 ? 439  GLU A O     1 
ATOM   325  C CB    . GLU A 1 39  ? -1.709  -8.306  13.401  1.00 14.93 ? 439  GLU A CB    1 
ATOM   326  C CG    . GLU A 1 39  ? -1.600  -7.131  14.319  1.00 15.38 ? 439  GLU A CG    1 
ATOM   327  C CD    . GLU A 1 39  ? -2.866  -6.947  15.158  1.00 16.17 ? 439  GLU A CD    1 
ATOM   328  O OE1   . GLU A 1 39  ? -3.715  -7.871  15.179  1.00 20.52 ? 439  GLU A OE1   1 
ATOM   329  O OE2   . GLU A 1 39  ? -3.010  -5.895  15.780  1.00 19.75 ? 439  GLU A OE2   1 
ATOM   330  N N     . TYR A 1 40  ? -0.806  -9.606  10.226  1.00 13.87 ? 440  TYR A N     1 
ATOM   331  C CA    . TYR A 1 40  ? -0.954  -10.781 9.385   1.00 14.14 ? 440  TYR A CA    1 
ATOM   332  C C     . TYR A 1 40  ? 0.398   -11.422 9.126   1.00 14.39 ? 440  TYR A C     1 
ATOM   333  O O     . TYR A 1 40  ? 1.437   -10.767 9.147   1.00 14.60 ? 440  TYR A O     1 
ATOM   334  C CB    . TYR A 1 40  ? -1.590  -10.421 8.035   1.00 14.28 ? 440  TYR A CB    1 
ATOM   335  C CG    . TYR A 1 40  ? -3.020  -9.964  8.125   1.00 14.39 ? 440  TYR A CG    1 
ATOM   336  C CD1   . TYR A 1 40  ? -3.335  -8.612  8.122   1.00 14.41 ? 440  TYR A CD1   1 
ATOM   337  C CD2   . TYR A 1 40  ? -4.058  -10.881 8.198   1.00 15.19 ? 440  TYR A CD2   1 
ATOM   338  C CE1   . TYR A 1 40  ? -4.647  -8.175  8.206   1.00 13.01 ? 440  TYR A CE1   1 
ATOM   339  C CE2   . TYR A 1 40  ? -5.385  -10.457 8.263   1.00 14.74 ? 440  TYR A CE2   1 
ATOM   340  C CZ    . TYR A 1 40  ? -5.675  -9.106  8.279   1.00 14.34 ? 440  TYR A CZ    1 
ATOM   341  O OH    . TYR A 1 40  ? -6.982  -8.687  8.370   1.00 15.32 ? 440  TYR A OH    1 
ATOM   342  N N     . SER A 1 41  ? 0.373   -12.717 8.857   1.00 13.86 ? 441  SER A N     1 
ATOM   343  C CA    . SER A 1 41  ? 1.539   -13.385 8.305   1.00 14.01 ? 441  SER A CA    1 
ATOM   344  C C     . SER A 1 41  ? 1.531   -13.152 6.820   1.00 13.14 ? 441  SER A C     1 
ATOM   345  O O     . SER A 1 41  ? 0.500   -12.838 6.234   1.00 13.30 ? 441  SER A O     1 
ATOM   346  C CB    . SER A 1 41  ? 1.476   -14.881 8.557   1.00 14.28 ? 441  SER A CB    1 
ATOM   347  O OG    . SER A 1 41  ? 0.426   -15.448 7.799   1.00 17.11 ? 441  SER A OG    1 
ATOM   348  N N     . ARG A 1 42  ? 2.693   -13.308 6.208   1.00 12.54 ? 442  ARG A N     1 
ATOM   349  C CA    . ARG A 1 42  ? 2.792   -13.072 4.780   1.00 12.86 ? 442  ARG A CA    1 
ATOM   350  C C     . ARG A 1 42  ? 1.905   -14.051 4.011   1.00 13.28 ? 442  ARG A C     1 
ATOM   351  O O     . ARG A 1 42  ? 1.205   -13.659 3.070   1.00 12.48 ? 442  ARG A O     1 
ATOM   352  C CB    . ARG A 1 42  ? 4.245   -13.170 4.313   1.00 12.38 ? 442  ARG A CB    1 
ATOM   353  C CG    . ARG A 1 42  ? 4.425   -12.782 2.840   1.00 12.51 ? 442  ARG A CG    1 
ATOM   354  C CD    . ARG A 1 42  ? 5.879   -12.629 2.459   1.00 13.04 ? 442  ARG A CD    1 
ATOM   355  N NE    . ARG A 1 42  ? 6.427   -11.393 2.991   1.00 11.79 ? 442  ARG A NE    1 
ATOM   356  C CZ    . ARG A 1 42  ? 7.218   -11.288 4.054   1.00 12.19 ? 442  ARG A CZ    1 
ATOM   357  N NH1   . ARG A 1 42  ? 7.610   -12.360 4.739   1.00 13.12 ? 442  ARG A NH1   1 
ATOM   358  N NH2   . ARG A 1 42  ? 7.620   -10.095 4.460   1.00 12.47 ? 442  ARG A NH2   1 
ATOM   359  N N     . GLU A 1 43  ? 1.907   -15.322 4.417   1.00 14.71 ? 443  GLU A N     1 
ATOM   360  C CA    . GLU A 1 43  ? 1.089   -16.328 3.737   1.00 15.53 ? 443  GLU A CA    1 
ATOM   361  C C     . GLU A 1 43  ? -0.400  -15.988 3.740   1.00 15.36 ? 443  GLU A C     1 
ATOM   362  O O     . GLU A 1 43  ? -1.107  -16.324 2.792   1.00 15.86 ? 443  GLU A O     1 
ATOM   363  C CB    . GLU A 1 43  ? 1.304   -17.725 4.336   1.00 16.22 ? 443  GLU A CB    1 
ATOM   364  C CG    . GLU A 1 43  ? 0.496   -18.816 3.626   1.00 18.04 ? 443  GLU A CG    1 
ATOM   365  C CD    . GLU A 1 43  ? 0.782   -20.208 4.124   1.00 19.33 ? 443  GLU A CD    1 
ATOM   366  O OE1   . GLU A 1 43  ? 0.870   -20.405 5.358   1.00 25.14 ? 443  GLU A OE1   1 
ATOM   367  O OE2   . GLU A 1 43  ? 0.903   -21.122 3.275   1.00 26.32 ? 443  GLU A OE2   1 
ATOM   368  N N     . GLU A 1 44  ? -0.863  -15.314 4.793   1.00 15.23 ? 444  GLU A N     1 
ATOM   369  C CA    . GLU A 1 44  ? -2.277  -14.945 4.943   1.00 15.51 ? 444  GLU A CA    1 
ATOM   370  C C     . GLU A 1 44  ? -2.759  -13.863 3.991   1.00 15.00 ? 444  GLU A C     1 
ATOM   371  O O     . GLU A 1 44  ? -3.967  -13.734 3.773   1.00 15.81 ? 444  GLU A O     1 
ATOM   372  C CB    . GLU A 1 44  ? -2.566  -14.467 6.383   1.00 16.06 ? 444  GLU A CB    1 
ATOM   373  C CG    . GLU A 1 44  ? -2.631  -15.575 7.379   1.00 17.38 ? 444  GLU A CG    1 
ATOM   374  C CD    . GLU A 1 44  ? -2.816  -15.102 8.808   1.00 17.25 ? 444  GLU A CD    1 
ATOM   375  O OE1   . GLU A 1 44  ? -2.351  -14.009 9.174   1.00 16.66 ? 444  GLU A OE1   1 
ATOM   376  O OE2   . GLU A 1 44  ? -3.423  -15.865 9.597   1.00 23.57 ? 444  GLU A OE2   1 
ATOM   377  N N     . ILE A 1 45  ? -1.836  -13.076 3.436   1.00 13.78 ? 445  ILE A N     1 
ATOM   378  C CA    A ILE A 1 45  ? -2.194  -11.905 2.620   0.50 13.85 ? 445  ILE A CA    1 
ATOM   379  C CA    B ILE A 1 45  ? -2.230  -11.933 2.611   0.50 13.71 ? 445  ILE A CA    1 
ATOM   380  C C     . ILE A 1 45  ? -1.730  -11.989 1.163   1.00 13.23 ? 445  ILE A C     1 
ATOM   381  O O     . ILE A 1 45  ? -2.268  -11.297 0.295   1.00 13.47 ? 445  ILE A O     1 
ATOM   382  C CB    A ILE A 1 45  ? -1.681  -10.580 3.252   0.50 13.53 ? 445  ILE A CB    1 
ATOM   383  C CB    B ILE A 1 45  ? -1.897  -10.580 3.303   0.50 13.54 ? 445  ILE A CB    1 
ATOM   384  C CG1   A ILE A 1 45  ? -0.149  -10.528 3.310   0.50 14.25 ? 445  ILE A CG1   1 
ATOM   385  C CG1   B ILE A 1 45  ? -0.434  -10.484 3.754   0.50 14.09 ? 445  ILE A CG1   1 
ATOM   386  C CG2   A ILE A 1 45  ? -2.280  -10.388 4.656   0.50 14.00 ? 445  ILE A CG2   1 
ATOM   387  C CG2   B ILE A 1 45  ? -2.803  -10.392 4.533   0.50 13.49 ? 445  ILE A CG2   1 
ATOM   388  C CD1   A ILE A 1 45  ? 0.398   -9.197  3.807   0.50 14.74 ? 445  ILE A CD1   1 
ATOM   389  C CD1   B ILE A 1 45  ? 0.551   -10.192 2.652   0.50 14.96 ? 445  ILE A CD1   1 
ATOM   390  N N     . LEU A 1 46  ? -0.737  -12.826 0.872   1.00 12.54 ? 446  LEU A N     1 
ATOM   391  C CA    . LEU A 1 46  ? -0.326  -12.981 -0.521  1.00 12.58 ? 446  LEU A CA    1 
ATOM   392  C C     . LEU A 1 46  ? -1.506  -13.470 -1.342  1.00 12.46 ? 446  LEU A C     1 
ATOM   393  O O     . LEU A 1 46  ? -2.241  -14.372 -0.928  1.00 13.10 ? 446  LEU A O     1 
ATOM   394  C CB    . LEU A 1 46  ? 0.841   -13.952 -0.670  1.00 11.78 ? 446  LEU A CB    1 
ATOM   395  C CG    . LEU A 1 46  ? 2.194   -13.478 -0.137  1.00 12.41 ? 446  LEU A CG    1 
ATOM   396  C CD1   . LEU A 1 46  ? 3.219   -14.582 -0.342  1.00 13.17 ? 446  LEU A CD1   1 
ATOM   397  C CD2   . LEU A 1 46  ? 2.660   -12.172 -0.784  1.00 13.78 ? 446  LEU A CD2   1 
ATOM   398  N N     . GLY A 1 47  ? -1.684  -12.893 -2.525  1.00 11.87 ? 447  GLY A N     1 
ATOM   399  C CA    . GLY A 1 47  ? -2.777  -13.287 -3.410  1.00 12.66 ? 447  GLY A CA    1 
ATOM   400  C C     . GLY A 1 47  ? -4.128  -12.677 -3.088  1.00 12.91 ? 447  GLY A C     1 
ATOM   401  O O     . GLY A 1 47  ? -5.124  -13.003 -3.743  1.00 13.56 ? 447  GLY A O     1 
ATOM   402  N N     . ARG A 1 48  ? -4.161  -11.783 -2.103  1.00 13.25 ? 448  ARG A N     1 
ATOM   403  C CA    . ARG A 1 48  ? -5.377  -11.067 -1.732  1.00 13.78 ? 448  ARG A CA    1 
ATOM   404  C C     . ARG A 1 48  ? -5.278  -9.593  -2.079  1.00 13.12 ? 448  ARG A C     1 
ATOM   405  O O     . ARG A 1 48  ? -4.206  -8.991  -2.035  1.00 13.35 ? 448  ARG A O     1 
ATOM   406  C CB    . ARG A 1 48  ? -5.645  -11.197 -0.242  1.00 14.08 ? 448  ARG A CB    1 
ATOM   407  C CG    . ARG A 1 48  ? -5.958  -12.609 0.183   1.00 16.50 ? 448  ARG A CG    1 
ATOM   408  C CD    . ARG A 1 48  ? -6.069  -12.697 1.673   1.00 19.15 ? 448  ARG A CD    1 
ATOM   409  N NE    . ARG A 1 48  ? -7.291  -12.083 2.181   1.00 24.54 ? 448  ARG A NE    1 
ATOM   410  C CZ    . ARG A 1 48  ? -7.524  -11.792 3.462   1.00 25.58 ? 448  ARG A CZ    1 
ATOM   411  N NH1   . ARG A 1 48  ? -6.617  -12.040 4.402   1.00 27.76 ? 448  ARG A NH1   1 
ATOM   412  N NH2   . ARG A 1 48  ? -8.675  -11.236 3.805   1.00 26.81 ? 448  ARG A NH2   1 
ATOM   413  N N     . ASN A 1 49  ? -6.418  -9.021  -2.436  1.00 13.17 ? 449  ASN A N     1 
ATOM   414  C CA    . ASN A 1 49  ? -6.536  -7.586  -2.609  1.00 12.98 ? 449  ASN A CA    1 
ATOM   415  C C     . ASN A 1 49  ? -6.466  -6.917  -1.252  1.00 13.08 ? 449  ASN A C     1 
ATOM   416  O O     . ASN A 1 49  ? -6.994  -7.428  -0.279  1.00 13.48 ? 449  ASN A O     1 
ATOM   417  C CB    . ASN A 1 49  ? -7.870  -7.283  -3.296  1.00 12.62 ? 449  ASN A CB    1 
ATOM   418  C CG    . ASN A 1 49  ? -8.049  -5.826  -3.633  1.00 13.09 ? 449  ASN A CG    1 
ATOM   419  O OD1   . ASN A 1 49  ? -8.357  -5.021  -2.756  1.00 13.41 ? 449  ASN A OD1   1 
ATOM   420  N ND2   . ASN A 1 49  ? -7.912  -5.487  -4.912  1.00 14.69 ? 449  ASN A ND2   1 
ATOM   421  N N     . CYS A 1 50  ? -5.849  -5.735  -1.208  1.00 13.05 ? 450  CYS A N     1 
ATOM   422  C CA    A CYS A 1 50  ? -5.591  -5.004  0.042   0.90 13.51 ? 450  CYS A CA    1 
ATOM   423  C CA    B CYS A 1 50  ? -5.579  -5.063  0.072   0.10 13.07 ? 450  CYS A CA    1 
ATOM   424  C C     . CYS A 1 50  ? -6.833  -4.500  0.768   1.00 13.32 ? 450  CYS A C     1 
ATOM   425  O O     . CYS A 1 50  ? -6.744  -3.998  1.897   1.00 13.39 ? 450  CYS A O     1 
ATOM   426  C CB    A CYS A 1 50  ? -4.689  -3.802  -0.242  0.90 13.64 ? 450  CYS A CB    1 
ATOM   427  C CB    B CYS A 1 50  ? -4.521  -3.962  -0.103  0.10 13.07 ? 450  CYS A CB    1 
ATOM   428  S SG    A CYS A 1 50  ? -3.064  -4.244  -0.795  0.90 17.00 ? 450  CYS A SG    1 
ATOM   429  S SG    B CYS A 1 50  ? -3.417  -3.758  1.329   0.10 12.60 ? 450  CYS A SG    1 
ATOM   430  N N     . ARG A 1 51  ? -8.002  -4.623  0.145   1.00 12.86 ? 451  ARG A N     1 
ATOM   431  C CA    . ARG A 1 51  ? -9.234  -4.110  0.760   1.00 13.05 ? 451  ARG A CA    1 
ATOM   432  C C     . ARG A 1 51  ? -9.571  -4.769  2.105   1.00 12.51 ? 451  ARG A C     1 
ATOM   433  O O     . ARG A 1 51  ? -10.408 -4.250  2.858   1.00 13.50 ? 451  ARG A O     1 
ATOM   434  C CB    . ARG A 1 51  ? -10.427 -4.212  -0.200  1.00 13.06 ? 451  ARG A CB    1 
ATOM   435  C CG    . ARG A 1 51  ? -10.946 -5.599  -0.396  1.00 13.56 ? 451  ARG A CG    1 
ATOM   436  C CD    . ARG A 1 51  ? -12.223 -5.612  -1.213  1.00 13.98 ? 451  ARG A CD    1 
ATOM   437  N NE    . ARG A 1 51  ? -11.991 -5.241  -2.607  1.00 13.52 ? 451  ARG A NE    1 
ATOM   438  C CZ    . ARG A 1 51  ? -11.560 -6.080  -3.548  1.00 15.33 ? 451  ARG A CZ    1 
ATOM   439  N NH1   . ARG A 1 51  ? -11.330 -7.350  -3.261  1.00 14.68 ? 451  ARG A NH1   1 
ATOM   440  N NH2   . ARG A 1 51  ? -11.369 -5.642  -4.785  1.00 15.57 ? 451  ARG A NH2   1 
ATOM   441  N N     . PHE A 1 52  ? -8.920  -5.882  2.454   1.00 12.18 ? 452  PHE A N     1 
ATOM   442  C CA    . PHE A 1 52  ? -9.137  -6.471  3.773   1.00 12.38 ? 452  PHE A CA    1 
ATOM   443  C C     . PHE A 1 52  ? -8.729  -5.517  4.900   1.00 12.32 ? 452  PHE A C     1 
ATOM   444  O O     . PHE A 1 52  ? -9.126  -5.718  6.035   1.00 12.94 ? 452  PHE A O     1 
ATOM   445  C CB    . PHE A 1 52  ? -8.428  -7.821  3.932   1.00 12.79 ? 452  PHE A CB    1 
ATOM   446  C CG    . PHE A 1 52  ? -6.940  -7.752  3.768   1.00 12.19 ? 452  PHE A CG    1 
ATOM   447  C CD1   . PHE A 1 52  ? -6.345  -8.127  2.575   1.00 12.67 ? 452  PHE A CD1   1 
ATOM   448  C CD2   . PHE A 1 52  ? -6.127  -7.315  4.806   1.00 13.46 ? 452  PHE A CD2   1 
ATOM   449  C CE1   . PHE A 1 52  ? -4.982  -8.051  2.411   1.00 14.03 ? 452  PHE A CE1   1 
ATOM   450  C CE2   . PHE A 1 52  ? -4.753  -7.251  4.653   1.00 13.84 ? 452  PHE A CE2   1 
ATOM   451  C CZ    . PHE A 1 52  ? -4.184  -7.602  3.443   1.00 14.43 ? 452  PHE A CZ    1 
ATOM   452  N N     . LEU A 1 53  ? -7.948  -4.480  4.595   1.00 12.11 ? 453  LEU A N     1 
ATOM   453  C CA    . LEU A 1 53  ? -7.562  -3.499  5.605   1.00 12.17 ? 453  LEU A CA    1 
ATOM   454  C C     . LEU A 1 53  ? -8.704  -2.555  6.000   1.00 12.17 ? 453  LEU A C     1 
ATOM   455  O O     . LEU A 1 53  ? -8.608  -1.820  6.976   1.00 12.31 ? 453  LEU A O     1 
ATOM   456  C CB    . LEU A 1 53  ? -6.394  -2.670  5.084   1.00 12.46 ? 453  LEU A CB    1 
ATOM   457  C CG    . LEU A 1 53  ? -5.093  -3.453  4.884   1.00 14.56 ? 453  LEU A CG    1 
ATOM   458  C CD1   . LEU A 1 53  ? -4.106  -2.597  4.109   1.00 17.15 ? 453  LEU A CD1   1 
ATOM   459  C CD2   . LEU A 1 53  ? -4.513  -3.903  6.208   1.00 15.88 ? 453  LEU A CD2   1 
ATOM   460  N N     . GLN A 1 54  ? -9.786  -2.562  5.229   1.00 11.85 ? 454  GLN A N     1 
ATOM   461  C CA    . GLN A 1 54  ? -10.885 -1.641  5.456   1.00 11.79 ? 454  GLN A CA    1 
ATOM   462  C C     . GLN A 1 54  ? -11.895 -2.237  6.423   1.00 11.80 ? 454  GLN A C     1 
ATOM   463  O O     . GLN A 1 54  ? -12.017 -3.448  6.523   1.00 13.13 ? 454  GLN A O     1 
ATOM   464  C CB    . GLN A 1 54  ? -11.525 -1.284  4.116   1.00 11.95 ? 454  GLN A CB    1 
ATOM   465  C CG    . GLN A 1 54  ? -10.544 -0.587  3.204   1.00 12.47 ? 454  GLN A CG    1 
ATOM   466  C CD    . GLN A 1 54  ? -10.866 -0.717  1.737   1.00 12.42 ? 454  GLN A CD    1 
ATOM   467  O OE1   . GLN A 1 54  ? -11.966 -1.125  1.351   1.00 13.76 ? 454  GLN A OE1   1 
ATOM   468  N NE2   . GLN A 1 54  ? -9.889  -0.387  0.904   1.00 12.79 ? 454  GLN A NE2   1 
ATOM   469  N N     . GLY A 1 55  ? -12.625 -1.375  7.121   1.00 10.88 ? 455  GLY A N     1 
ATOM   470  C CA    . GLY A 1 55  ? -13.639 -1.814  8.062   1.00 11.30 ? 455  GLY A CA    1 
ATOM   471  C C     . GLY A 1 55  ? -14.737 -0.793  8.237   1.00 11.27 ? 455  GLY A C     1 
ATOM   472  O O     . GLY A 1 55  ? -14.870 0.128   7.439   1.00 11.84 ? 455  GLY A O     1 
ATOM   473  N N     . PRO A 1 56  ? -15.549 -0.962  9.277   1.00 11.83 ? 456  PRO A N     1 
ATOM   474  C CA    . PRO A 1 56  ? -16.743 -0.133  9.394   1.00 12.93 ? 456  PRO A CA    1 
ATOM   475  C C     . PRO A 1 56  ? -16.557 1.389   9.400   1.00 13.42 ? 456  PRO A C     1 
ATOM   476  O O     . PRO A 1 56  ? -17.420 2.093   8.892   1.00 14.04 ? 456  PRO A O     1 
ATOM   477  C CB    . PRO A 1 56  ? -17.352 -0.604  10.710  1.00 13.54 ? 456  PRO A CB    1 
ATOM   478  C CG    . PRO A 1 56  ? -16.842 -2.013  10.880  1.00 13.08 ? 456  PRO A CG    1 
ATOM   479  C CD    . PRO A 1 56  ? -15.469 -1.989  10.331  1.00 11.82 ? 456  PRO A CD    1 
ATOM   480  N N     . GLU A 1 57  ? -15.466 1.902   9.965   1.00 13.70 ? 457  GLU A N     1 
ATOM   481  C CA    . GLU A 1 57  ? -15.267 3.347   10.064  1.00 14.29 ? 457  GLU A CA    1 
ATOM   482  C C     . GLU A 1 57  ? -14.481 3.894   8.881   1.00 14.09 ? 457  GLU A C     1 
ATOM   483  O O     . GLU A 1 57  ? -14.234 5.096   8.812   1.00 15.06 ? 457  GLU A O     1 
ATOM   484  C CB    . GLU A 1 57  ? -14.568 3.722   11.386  1.00 15.02 ? 457  GLU A CB    1 
ATOM   485  C CG    . GLU A 1 57  ? -15.443 3.560   12.585  1.00 17.30 ? 457  GLU A CG    1 
ATOM   486  C CD    . GLU A 1 57  ? -14.731 3.935   13.871  1.00 18.74 ? 457  GLU A CD    1 
ATOM   487  O OE1   . GLU A 1 57  ? -13.785 4.755   13.817  1.00 25.06 ? 457  GLU A OE1   1 
ATOM   488  O OE2   . GLU A 1 57  ? -15.095 3.398   14.927  1.00 26.09 ? 457  GLU A OE2   1 
ATOM   489  N N     . THR A 1 58  ? -14.091 3.031   7.957   1.00 13.45 ? 458  THR A N     1 
ATOM   490  C CA    . THR A 1 58  ? -13.367 3.483   6.773   1.00 13.23 ? 458  THR A CA    1 
ATOM   491  C C     . THR A 1 58  ? -14.278 4.328   5.897   1.00 13.40 ? 458  THR A C     1 
ATOM   492  O O     . THR A 1 58  ? -15.357 3.891   5.535   1.00 13.18 ? 458  THR A O     1 
ATOM   493  C CB    . THR A 1 58  ? -12.833 2.293   5.959   1.00 12.99 ? 458  THR A CB    1 
ATOM   494  O OG1   . THR A 1 58  ? -12.007 1.467   6.787   1.00 11.44 ? 458  THR A OG1   1 
ATOM   495  C CG2   . THR A 1 58  ? -12.000 2.774   4.781   1.00 13.33 ? 458  THR A CG2   1 
ATOM   496  N N     . ASP A 1 59  ? -13.847 5.540   5.555   1.00 13.38 ? 459  ASP A N     1 
ATOM   497  C CA    A ASP A 1 59  ? -14.639 6.431   4.723   0.50 13.02 ? 459  ASP A CA    1 
ATOM   498  C CA    B ASP A 1 59  ? -14.649 6.429   4.718   0.50 13.08 ? 459  ASP A CA    1 
ATOM   499  C C     . ASP A 1 59  ? -14.660 5.896   3.289   1.00 12.63 ? 459  ASP A C     1 
ATOM   500  O O     . ASP A 1 59  ? -13.623 5.855   2.626   1.00 12.56 ? 459  ASP A O     1 
ATOM   501  C CB    A ASP A 1 59  ? -14.049 7.842   4.760   0.50 13.17 ? 459  ASP A CB    1 
ATOM   502  C CB    B ASP A 1 59  ? -14.094 7.855   4.738   0.50 13.37 ? 459  ASP A CB    1 
ATOM   503  C CG    A ASP A 1 59  ? -14.940 8.872   4.100   0.50 14.54 ? 459  ASP A CG    1 
ATOM   504  C CG    B ASP A 1 59  ? -14.977 8.837   3.986   0.50 14.83 ? 459  ASP A CG    1 
ATOM   505  O OD1   A ASP A 1 59  ? -15.862 8.481   3.350   0.50 15.04 ? 459  ASP A OD1   1 
ATOM   506  O OD1   B ASP A 1 59  ? -15.868 9.445   4.617   0.50 17.12 ? 459  ASP A OD1   1 
ATOM   507  O OD2   A ASP A 1 59  ? -14.715 10.081  4.346   0.50 15.71 ? 459  ASP A OD2   1 
ATOM   508  O OD2   B ASP A 1 59  ? -14.770 9.029   2.771   0.50 18.01 ? 459  ASP A OD2   1 
ATOM   509  N N     . ARG A 1 60  ? -15.832 5.488   2.809   1.00 12.96 ? 460  ARG A N     1 
ATOM   510  C CA    . ARG A 1 60  ? -15.915 4.859   1.496   1.00 12.84 ? 460  ARG A CA    1 
ATOM   511  C C     . ARG A 1 60  ? -15.690 5.838   0.331   1.00 12.31 ? 460  ARG A C     1 
ATOM   512  O O     . ARG A 1 60  ? -15.246 5.425   -0.734  1.00 12.02 ? 460  ARG A O     1 
ATOM   513  C CB    . ARG A 1 60  ? -17.240 4.101   1.338   1.00 12.68 ? 460  ARG A CB    1 
ATOM   514  C CG    . ARG A 1 60  ? -17.469 3.058   2.458   1.00 14.55 ? 460  ARG A CG    1 
ATOM   515  C CD    . ARG A 1 60  ? -16.330 2.086   2.562   1.00 16.38 ? 460  ARG A CD    1 
ATOM   516  N NE    . ARG A 1 60  ? -16.106 1.417   1.292   1.00 16.55 ? 460  ARG A NE    1 
ATOM   517  C CZ    . ARG A 1 60  ? -15.204 0.477   1.074   1.00 16.93 ? 460  ARG A CZ    1 
ATOM   518  N NH1   . ARG A 1 60  ? -14.426 0.036   2.045   1.00 17.46 ? 460  ARG A NH1   1 
ATOM   519  N NH2   . ARG A 1 60  ? -15.100 -0.037  -0.141  1.00 17.74 ? 460  ARG A NH2   1 
ATOM   520  N N     . ALA A 1 61  ? -15.948 7.122   0.539   1.00 12.27 ? 461  ALA A N     1 
ATOM   521  C CA    . ALA A 1 61  ? -15.588 8.132   -0.464  1.00 12.49 ? 461  ALA A CA    1 
ATOM   522  C C     . ALA A 1 61  ? -14.078 8.153   -0.674  1.00 12.55 ? 461  ALA A C     1 
ATOM   523  O O     . ALA A 1 61  ? -13.603 8.337   -1.788  1.00 12.67 ? 461  ALA A O     1 
ATOM   524  C CB    . ALA A 1 61  ? -16.079 9.522   -0.042  1.00 13.44 ? 461  ALA A CB    1 
ATOM   525  N N     . THR A 1 62  ? -13.312 7.974   0.401   1.00 12.68 ? 462  THR A N     1 
ATOM   526  C CA    . THR A 1 62  ? -11.850 7.934   0.261   1.00 12.68 ? 462  THR A CA    1 
ATOM   527  C C     . THR A 1 62  ? -11.395 6.680   -0.475  1.00 12.68 ? 462  THR A C     1 
ATOM   528  O O     . THR A 1 62  ? -10.497 6.731   -1.317  1.00 12.55 ? 462  THR A O     1 
ATOM   529  C CB    . THR A 1 62  ? -11.161 8.035   1.607   1.00 12.77 ? 462  THR A CB    1 
ATOM   530  O OG1   . THR A 1 62  ? -11.677 9.179   2.283   1.00 14.24 ? 462  THR A OG1   1 
ATOM   531  C CG2   . THR A 1 62  ? -9.659  8.192   1.437   1.00 13.56 ? 462  THR A CG2   1 
ATOM   532  N N     . VAL A 1 63  ? -12.042 5.554   -0.204  1.00 12.29 ? 463  VAL A N     1 
ATOM   533  C CA    . VAL A 1 63  ? -11.718 4.334   -0.919  1.00 12.36 ? 463  VAL A CA    1 
ATOM   534  C C     . VAL A 1 63  ? -11.991 4.511   -2.409  1.00 12.38 ? 463  VAL A C     1 
ATOM   535  O O     . VAL A 1 63  ? -11.231 4.020   -3.249  1.00 12.06 ? 463  VAL A O     1 
ATOM   536  C CB    . VAL A 1 63  ? -12.486 3.131   -0.370  1.00 12.00 ? 463  VAL A CB    1 
ATOM   537  C CG1   . VAL A 1 63  ? -12.189 1.878   -1.195  1.00 13.93 ? 463  VAL A CG1   1 
ATOM   538  C CG2   . VAL A 1 63  ? -12.095 2.898   1.086   1.00 12.14 ? 463  VAL A CG2   1 
ATOM   539  N N     . ARG A 1 64  ? -13.064 5.218   -2.744  1.00 11.83 ? 464  ARG A N     1 
ATOM   540  C CA    . ARG A 1 64  ? -13.366 5.495   -4.142  1.00 11.64 ? 464  ARG A CA    1 
ATOM   541  C C     . ARG A 1 64  ? -12.268 6.309   -4.824  1.00 11.64 ? 464  ARG A C     1 
ATOM   542  O O     . ARG A 1 64  ? -11.997 6.106   -6.016  1.00 11.41 ? 464  ARG A O     1 
ATOM   543  C CB    . ARG A 1 64  ? -14.731 6.180   -4.294  1.00 11.89 ? 464  ARG A CB    1 
ATOM   544  C CG    . ARG A 1 64  ? -15.194 6.317   -5.736  1.00 12.25 ? 464  ARG A CG    1 
ATOM   545  C CD    . ARG A 1 64  ? -16.711 6.359   -5.814  1.00 12.62 ? 464  ARG A CD    1 
ATOM   546  N NE    . ARG A 1 64  ? -17.305 7.572   -5.259  1.00 13.47 ? 464  ARG A NE    1 
ATOM   547  C CZ    . ARG A 1 64  ? -17.582 8.676   -5.959  1.00 14.23 ? 464  ARG A CZ    1 
ATOM   548  N NH1   . ARG A 1 64  ? -17.252 8.778   -7.233  1.00 13.08 ? 464  ARG A NH1   1 
ATOM   549  N NH2   . ARG A 1 64  ? -18.158 9.708   -5.369  1.00 13.99 ? 464  ARG A NH2   1 
ATOM   550  N N     . LYS A 1 65  ? -11.651 7.234   -4.101  1.00 11.62 ? 465  LYS A N     1 
ATOM   551  C CA    . LYS A 1 65  ? -10.513 7.980   -4.646  1.00 11.98 ? 465  LYS A CA    1 
ATOM   552  C C     . LYS A 1 65  ? -9.391  7.037   -5.050  1.00 11.87 ? 465  LYS A C     1 
ATOM   553  O O     . LYS A 1 65  ? -8.751  7.231   -6.091  1.00 12.22 ? 465  LYS A O     1 
ATOM   554  C CB    . LYS A 1 65  ? -9.991  9.008   -3.639  1.00 12.55 ? 465  LYS A CB    1 
ATOM   555  C CG    . LYS A 1 65  ? -10.976 10.138  -3.357  1.00 14.44 ? 465  LYS A CG    1 
ATOM   556  C CD    . LYS A 1 65  ? -10.495 11.069  -2.244  1.00 14.44 ? 465  LYS A CD    1 
ATOM   557  C CE    . LYS A 1 65  ? -11.520 12.172  -2.023  1.00 16.88 ? 465  LYS A CE    1 
ATOM   558  N NZ    . LYS A 1 65  ? -11.293 13.037  -0.850  1.00 19.90 ? 465  LYS A NZ    1 
ATOM   559  N N     . ILE A 1 66  ? -9.140  6.021   -4.232  1.00 12.32 ? 466  ILE A N     1 
ATOM   560  C CA    . ILE A 1 66  ? -8.092  5.040   -4.508  1.00 12.24 ? 466  ILE A CA    1 
ATOM   561  C C     . ILE A 1 66  ? -8.472  4.158   -5.705  1.00 12.44 ? 466  ILE A C     1 
ATOM   562  O O     . ILE A 1 66  ? -7.660  3.930   -6.602  1.00 12.12 ? 466  ILE A O     1 
ATOM   563  C CB    . ILE A 1 66  ? -7.835  4.139   -3.289  1.00 12.36 ? 466  ILE A CB    1 
ATOM   564  C CG1   . ILE A 1 66  ? -7.344  4.951   -2.079  1.00 12.29 ? 466  ILE A CG1   1 
ATOM   565  C CG2   . ILE A 1 66  ? -6.841  3.059   -3.672  1.00 13.43 ? 466  ILE A CG2   1 
ATOM   566  C CD1   . ILE A 1 66  ? -7.370  4.135   -0.774  1.00 12.97 ? 466  ILE A CD1   1 
ATOM   567  N N     . ARG A 1 67  ? -9.720  3.698   -5.734  1.00 12.90 ? 467  ARG A N     1 
ATOM   568  C CA    . ARG A 1 67  ? -10.243 2.896   -6.851  1.00 12.84 ? 467  ARG A CA    1 
ATOM   569  C C     . ARG A 1 67  ? -10.083 3.656   -8.166  1.00 12.54 ? 467  ARG A C     1 
ATOM   570  O O     . ARG A 1 67  ? -9.605  3.116   -9.167  1.00 12.52 ? 467  ARG A O     1 
ATOM   571  C CB    . ARG A 1 67  ? -11.719 2.582   -6.576  1.00 14.07 ? 467  ARG A CB    1 
ATOM   572  C CG    . ARG A 1 67  ? -12.474 1.825   -7.645  1.00 17.24 ? 467  ARG A CG    1 
ATOM   573  C CD    . ARG A 1 67  ? -12.070 0.388   -7.729  1.00 24.06 ? 467  ARG A CD    1 
ATOM   574  N NE    . ARG A 1 67  ? -10.878 0.195   -8.543  1.00 26.49 ? 467  ARG A NE    1 
ATOM   575  C CZ    . ARG A 1 67  ? -10.266 -0.974  -8.717  1.00 28.54 ? 467  ARG A CZ    1 
ATOM   576  N NH1   . ARG A 1 67  ? -10.732 -2.082  -8.143  1.00 31.04 ? 467  ARG A NH1   1 
ATOM   577  N NH2   . ARG A 1 67  ? -9.188  -1.033  -9.483  1.00 27.20 ? 467  ARG A NH2   1 
ATOM   578  N N     . ASP A 1 68  ? -10.468 4.923   -8.161  1.00 12.22 ? 468  ASP A N     1 
ATOM   579  C CA    . ASP A 1 68  ? -10.342 5.748   -9.357  1.00 12.73 ? 468  ASP A CA    1 
ATOM   580  C C     . ASP A 1 68  ? -8.894  5.930   -9.826  1.00 12.59 ? 468  ASP A C     1 
ATOM   581  O O     . ASP A 1 68  ? -8.626  5.883   -11.030 1.00 12.53 ? 468  ASP A O     1 
ATOM   582  C CB    . ASP A 1 68  ? -11.029 7.099   -9.141  1.00 13.30 ? 468  ASP A CB    1 
ATOM   583  C CG    . ASP A 1 68  ? -12.557 6.987   -9.108  1.00 15.62 ? 468  ASP A CG    1 
ATOM   584  O OD1   . ASP A 1 68  ? -13.108 5.892   -9.370  1.00 17.65 ? 468  ASP A OD1   1 
ATOM   585  O OD2   . ASP A 1 68  ? -13.212 8.006   -8.832  1.00 18.58 ? 468  ASP A OD2   1 
ATOM   586  N N     . ALA A 1 69  ? -7.968  6.094   -8.886  1.00 12.67 ? 469  ALA A N     1 
ATOM   587  C CA    . ALA A 1 69  ? -6.549  6.218   -9.230  1.00 13.05 ? 469  ALA A CA    1 
ATOM   588  C C     . ALA A 1 69  ? -6.017  4.924   -9.862  1.00 13.44 ? 469  ALA A C     1 
ATOM   589  O O     . ALA A 1 69  ? -5.296  4.942   -10.872 1.00 13.90 ? 469  ALA A O     1 
ATOM   590  C CB    . ALA A 1 69  ? -5.725  6.612   -7.999  1.00 13.61 ? 469  ALA A CB    1 
ATOM   591  N N     . ILE A 1 70  ? -6.392  3.787   -9.298  1.00 13.37 ? 470  ILE A N     1 
ATOM   592  C CA    . ILE A 1 70  ? -5.949  2.514   -9.854  1.00 13.59 ? 470  ILE A CA    1 
ATOM   593  C C     . ILE A 1 70  ? -6.508  2.317   -11.258 1.00 13.30 ? 470  ILE A C     1 
ATOM   594  O O     . ILE A 1 70  ? -5.770  1.969   -12.195 1.00 14.03 ? 470  ILE A O     1 
ATOM   595  C CB    . ILE A 1 70  ? -6.366  1.348   -8.949  1.00 13.53 ? 470  ILE A CB    1 
ATOM   596  C CG1   . ILE A 1 70  ? -5.580  1.391   -7.639  1.00 15.56 ? 470  ILE A CG1   1 
ATOM   597  C CG2   . ILE A 1 70  ? -6.119  0.032   -9.656  1.00 13.52 ? 470  ILE A CG2   1 
ATOM   598  C CD1   . ILE A 1 70  ? -6.224  0.613   -6.506  1.00 15.61 ? 470  ILE A CD1   1 
ATOM   599  N N     . ASP A 1 71  ? -7.794  2.595   -11.430 1.00 12.70 ? 471  ASP A N     1 
ATOM   600  C CA    . ASP A 1 71  ? -8.435  2.411   -12.745 1.00 13.54 ? 471  ASP A CA    1 
ATOM   601  C C     . ASP A 1 71  ? -7.846  3.329   -13.816 1.00 13.50 ? 471  ASP A C     1 
ATOM   602  O O     . ASP A 1 71  ? -7.785  2.961   -14.988 1.00 14.76 ? 471  ASP A O     1 
ATOM   603  C CB    . ASP A 1 71  ? -9.950  2.624   -12.654 1.00 13.98 ? 471  ASP A CB    1 
ATOM   604  C CG    . ASP A 1 71  ? -10.658 1.512   -11.894 1.00 17.67 ? 471  ASP A CG    1 
ATOM   605  O OD1   . ASP A 1 71  ? -10.075 0.426   -11.744 1.00 21.37 ? 471  ASP A OD1   1 
ATOM   606  O OD2   . ASP A 1 71  ? -11.807 1.732   -11.458 1.00 22.47 ? 471  ASP A OD2   1 
ATOM   607  N N     . ASN A 1 72  ? -7.426  4.525   -13.427 1.00 13.17 ? 472  ASN A N     1 
ATOM   608  C CA    . ASN A 1 72  ? -6.836  5.482   -14.359 1.00 13.79 ? 472  ASN A CA    1 
ATOM   609  C C     . ASN A 1 72  ? -5.307  5.425   -14.380 1.00 13.91 ? 472  ASN A C     1 
ATOM   610  O O     . ASN A 1 72  ? -4.657  6.211   -15.075 1.00 13.81 ? 472  ASN A O     1 
ATOM   611  C CB    . ASN A 1 72  ? -7.346  6.882   -14.031 1.00 14.80 ? 472  ASN A CB    1 
ATOM   612  C CG    . ASN A 1 72  ? -8.829  7.043   -14.347 1.00 17.22 ? 472  ASN A CG    1 
ATOM   613  O OD1   . ASN A 1 72  ? -9.680  7.007   -13.446 1.00 23.91 ? 472  ASN A OD1   1 
ATOM   614  N ND2   . ASN A 1 72  ? -9.147  7.174   -15.623 1.00 20.62 ? 472  ASN A ND2   1 
ATOM   615  N N     . GLN A 1 73  ? -4.750  4.477   -13.639 1.00 13.21 ? 473  GLN A N     1 
ATOM   616  C CA    . GLN A 1 73  ? -3.304  4.255   -13.557 1.00 13.50 ? 473  GLN A CA    1 
ATOM   617  C C     . GLN A 1 73  ? -2.535  5.531   -13.208 1.00 13.13 ? 473  GLN A C     1 
ATOM   618  O O     . GLN A 1 73  ? -1.563  5.889   -13.883 1.00 13.18 ? 473  GLN A O     1 
ATOM   619  C CB    . GLN A 1 73  ? -2.790  3.595   -14.837 1.00 14.04 ? 473  GLN A CB    1 
ATOM   620  C CG    . GLN A 1 73  ? -3.504  2.278   -15.121 1.00 15.63 ? 473  GLN A CG    1 
ATOM   621  C CD    . GLN A 1 73  ? -2.783  1.412   -16.132 1.00 16.42 ? 473  GLN A CD    1 
ATOM   622  O OE1   . GLN A 1 73  ? -2.108  1.914   -17.031 1.00 19.05 ? 473  GLN A OE1   1 
ATOM   623  N NE2   . GLN A 1 73  ? -2.937  0.097   -15.998 1.00 23.05 ? 473  GLN A NE2   1 
ATOM   624  N N     . THR A 1 74  ? -2.962  6.165   -12.111 1.00 12.92 ? 474  THR A N     1 
ATOM   625  C CA    A THR A 1 74  ? -2.304  7.374   -11.640 0.50 13.11 ? 474  THR A CA    1 
ATOM   626  C CA    B THR A 1 74  ? -2.403  7.416   -11.600 0.50 12.55 ? 474  THR A CA    1 
ATOM   627  C C     . THR A 1 74  ? -2.055  7.280   -10.143 1.00 13.04 ? 474  THR A C     1 
ATOM   628  O O     . THR A 1 74  ? -2.546  6.381   -9.470  1.00 14.93 ? 474  THR A O     1 
ATOM   629  C CB    A THR A 1 74  ? -3.086  8.672   -12.093 0.50 13.88 ? 474  THR A CB    1 
ATOM   630  C CB    B THR A 1 74  ? -3.420  8.573   -11.688 0.50 12.83 ? 474  THR A CB    1 
ATOM   631  O OG1   A THR A 1 74  ? -2.283  9.845   -11.905 0.50 16.62 ? 474  THR A OG1   1 
ATOM   632  O OG1   B THR A 1 74  ? -4.580  8.250   -10.919 0.50 14.56 ? 474  THR A OG1   1 
ATOM   633  C CG2   A THR A 1 74  ? -4.423  8.804   -11.376 0.50 13.18 ? 474  THR A CG2   1 
ATOM   634  C CG2   B THR A 1 74  ? -3.843  8.793   -13.124 0.50 11.20 ? 474  THR A CG2   1 
ATOM   635  N N     . GLU A 1 75  ? -1.229  8.181   -9.665  1.00 12.39 ? 475  GLU A N     1 
ATOM   636  C CA    . GLU A 1 75  ? -0.932  8.211   -8.245  1.00 13.33 ? 475  GLU A CA    1 
ATOM   637  C C     . GLU A 1 75  ? -2.039  8.893   -7.468  1.00 12.58 ? 475  GLU A C     1 
ATOM   638  O O     . GLU A 1 75  ? -2.810  9.686   -7.981  1.00 14.09 ? 475  GLU A O     1 
ATOM   639  C CB    . GLU A 1 75  ? 0.392   8.909   -8.014  1.00 13.29 ? 475  GLU A CB    1 
ATOM   640  C CG    . GLU A 1 75  ? 0.335   10.387  -8.159  1.00 16.41 ? 475  GLU A CG    1 
ATOM   641  C CD    . GLU A 1 75  ? 1.644   11.053  -7.849  1.00 17.93 ? 475  GLU A CD    1 
ATOM   642  O OE1   . GLU A 1 75  ? 2.522   10.432  -7.206  1.00 21.55 ? 475  GLU A OE1   1 
ATOM   643  O OE2   . GLU A 1 75  ? 1.790   12.217  -8.263  1.00 23.49 ? 475  GLU A OE2   1 
ATOM   644  N N     . VAL A 1 76  ? -2.103  8.581   -6.182  1.00 11.91 ? 476  VAL A N     1 
ATOM   645  C CA    . VAL A 1 76  ? -2.991  9.290   -5.267  1.00 12.31 ? 476  VAL A CA    1 
ATOM   646  C C     . VAL A 1 76  ? -2.406  9.218   -3.866  1.00 12.37 ? 476  VAL A C     1 
ATOM   647  O O     . VAL A 1 76  ? -1.700  8.270   -3.533  1.00 11.47 ? 476  VAL A O     1 
ATOM   648  C CB    . VAL A 1 76  ? -4.437  8.712   -5.302  1.00 12.25 ? 476  VAL A CB    1 
ATOM   649  C CG1   . VAL A 1 76  ? -4.532  7.401   -4.554  1.00 14.21 ? 476  VAL A CG1   1 
ATOM   650  C CG2   . VAL A 1 76  ? -5.453  9.746   -4.776  1.00 13.68 ? 476  VAL A CG2   1 
ATOM   651  N N     . THR A 1 77  ? -2.706  10.229  -3.071  1.00 11.44 ? 477  THR A N     1 
ATOM   652  C CA    . THR A 1 77  ? -2.361  10.259  -1.662  1.00 11.74 ? 477  THR A CA    1 
ATOM   653  C C     . THR A 1 77  ? -3.605  10.637  -0.893  1.00 11.72 ? 477  THR A C     1 
ATOM   654  O O     . THR A 1 77  ? -4.197  11.675  -1.150  1.00 12.06 ? 477  THR A O     1 
ATOM   655  C CB    . THR A 1 77  ? -1.261  11.267  -1.385  1.00 12.35 ? 477  THR A CB    1 
ATOM   656  O OG1   . THR A 1 77  ? -0.140  11.002  -2.240  1.00 14.12 ? 477  THR A OG1   1 
ATOM   657  C CG2   . THR A 1 77  ? -0.816  11.188  0.057   1.00 13.72 ? 477  THR A CG2   1 
ATOM   658  N N     . VAL A 1 78  ? -3.980  9.802   0.065   1.00 11.66 ? 478  VAL A N     1 
ATOM   659  C CA    . VAL A 1 78  ? -5.162  10.013  0.895   1.00 11.96 ? 478  VAL A CA    1 
ATOM   660  C C     . VAL A 1 78  ? -4.893  9.609   2.332   1.00 11.99 ? 478  VAL A C     1 
ATOM   661  O O     . VAL A 1 78  ? -3.876  8.985   2.626   1.00 12.66 ? 478  VAL A O     1 
ATOM   662  C CB    . VAL A 1 78  ? -6.376  9.205   0.382   1.00 12.09 ? 478  VAL A CB    1 
ATOM   663  C CG1   . VAL A 1 78  ? -6.777  9.654   -1.028  1.00 14.10 ? 478  VAL A CG1   1 
ATOM   664  C CG2   . VAL A 1 78  ? -6.096  7.706   0.393   1.00 14.30 ? 478  VAL A CG2   1 
ATOM   665  N N     . GLN A 1 79  ? -5.828  9.936   3.214   1.00 11.64 ? 479  GLN A N     1 
ATOM   666  C CA    . GLN A 1 79  ? -5.797  9.423   4.582   1.00 11.82 ? 479  GLN A CA    1 
ATOM   667  C C     . GLN A 1 79  ? -7.092  8.676   4.840   1.00 11.75 ? 479  GLN A C     1 
ATOM   668  O O     . GLN A 1 79  ? -8.163  9.194   4.552   1.00 11.88 ? 479  GLN A O     1 
ATOM   669  C CB    . GLN A 1 79  ? -5.663  10.548  5.614   1.00 12.18 ? 479  GLN A CB    1 
ATOM   670  C CG    . GLN A 1 79  ? -4.413  11.345  5.476   1.00 13.42 ? 479  GLN A CG    1 
ATOM   671  C CD    . GLN A 1 79  ? -4.258  12.344  6.593   1.00 13.38 ? 479  GLN A CD    1 
ATOM   672  O OE1   . GLN A 1 79  ? -4.235  11.985  7.770   1.00 14.37 ? 479  GLN A OE1   1 
ATOM   673  N NE2   . GLN A 1 79  ? -4.140  13.601  6.232   1.00 14.94 ? 479  GLN A NE2   1 
ATOM   674  N N     . LEU A 1 80  ? -7.002  7.470   5.396   1.00 11.74 ? 480  LEU A N     1 
ATOM   675  C CA    . LEU A 1 80  ? -8.203  6.694   5.720   1.00 11.88 ? 480  LEU A CA    1 
ATOM   676  C C     . LEU A 1 80  ? -7.939  5.766   6.890   1.00 11.24 ? 480  LEU A C     1 
ATOM   677  O O     . LEU A 1 80  ? -6.799  5.425   7.195   1.00 11.71 ? 480  LEU A O     1 
ATOM   678  C CB    . LEU A 1 80  ? -8.728  5.890   4.526   1.00 11.75 ? 480  LEU A CB    1 
ATOM   679  C CG    . LEU A 1 80  ? -8.030  4.602   4.114   1.00 12.19 ? 480  LEU A CG    1 
ATOM   680  C CD1   . LEU A 1 80  ? -8.815  3.971   2.952   1.00 13.11 ? 480  LEU A CD1   1 
ATOM   681  C CD2   . LEU A 1 80  ? -6.575  4.842   3.687   1.00 13.69 ? 480  LEU A CD2   1 
ATOM   682  N N     . ILE A 1 81  ? -9.022  5.380   7.551   1.00 11.20 ? 481  ILE A N     1 
ATOM   683  C CA    A ILE A 1 81  ? -8.934  4.457   8.684   0.50 11.31 ? 481  ILE A CA    1 
ATOM   684  C CA    B ILE A 1 81  ? -8.965  4.449   8.683   0.50 11.47 ? 481  ILE A CA    1 
ATOM   685  C C     . ILE A 1 81  ? -8.833  3.028   8.155   1.00 11.45 ? 481  ILE A C     1 
ATOM   686  O O     . ILE A 1 81  ? -9.591  2.626   7.271   1.00 11.62 ? 481  ILE A O     1 
ATOM   687  C CB    A ILE A 1 81  ? -10.137 4.613   9.634   0.50 11.49 ? 481  ILE A CB    1 
ATOM   688  C CB    B ILE A 1 81  ? -10.241 4.553   9.538   0.50 11.81 ? 481  ILE A CB    1 
ATOM   689  C CG1   A ILE A 1 81  ? -10.109 6.007   10.266  0.50 11.38 ? 481  ILE A CG1   1 
ATOM   690  C CG1   B ILE A 1 81  ? -10.250 5.873   10.310  0.50 12.66 ? 481  ILE A CG1   1 
ATOM   691  C CG2   A ILE A 1 81  ? -10.112 3.541   10.734  0.50 11.30 ? 481  ILE A CG2   1 
ATOM   692  C CG2   B ILE A 1 81  ? -10.349 3.366   10.508  0.50 11.67 ? 481  ILE A CG2   1 
ATOM   693  C CD1   A ILE A 1 81  ? -11.347 6.346   11.078  0.50 11.34 ? 481  ILE A CD1   1 
ATOM   694  C CD1   B ILE A 1 81  ? -9.362  5.875   11.529  0.50 14.89 ? 481  ILE A CD1   1 
ATOM   695  N N     . ASN A 1 82  ? -7.870  2.286   8.673   1.00 10.61 ? 482  ASN A N     1 
ATOM   696  C CA    . ASN A 1 82  ? -7.696  0.875   8.343   1.00 11.47 ? 482  ASN A CA    1 
ATOM   697  C C     . ASN A 1 82  ? -7.657  0.074   9.643   1.00 11.51 ? 482  ASN A C     1 
ATOM   698  O O     . ASN A 1 82  ? -7.626  0.647   10.743  1.00 11.98 ? 482  ASN A O     1 
ATOM   699  C CB    . ASN A 1 82  ? -6.388  0.654   7.578   1.00 11.69 ? 482  ASN A CB    1 
ATOM   700  C CG    . ASN A 1 82  ? -6.481  0.869   6.080   1.00 12.75 ? 482  ASN A CG    1 
ATOM   701  O OD1   . ASN A 1 82  ? -5.450  0.781   5.421   1.00 14.12 ? 482  ASN A OD1   1 
ATOM   702  N ND2   . ASN A 1 82  ? -7.665  1.124   5.527   1.00 12.24 ? 482  ASN A ND2   1 
ATOM   703  N N     . TYR A 1 83  ? -7.673  -1.252  9.518   1.00 11.66 ? 483  TYR A N     1 
ATOM   704  C CA    . TYR A 1 83  ? -7.816  -2.173  10.643  1.00 11.83 ? 483  TYR A CA    1 
ATOM   705  C C     . TYR A 1 83  ? -6.777  -3.275  10.554  1.00 11.90 ? 483  TYR A C     1 
ATOM   706  O O     . TYR A 1 83  ? -6.503  -3.807  9.483   1.00 12.85 ? 483  TYR A O     1 
ATOM   707  C CB    . TYR A 1 83  ? -9.202  -2.834  10.617  1.00 12.31 ? 483  TYR A CB    1 
ATOM   708  C CG    . TYR A 1 83  ? -10.348 -1.898  10.933  1.00 11.98 ? 483  TYR A CG    1 
ATOM   709  C CD1   . TYR A 1 83  ? -10.778 -0.960  10.008  1.00 11.89 ? 483  TYR A CD1   1 
ATOM   710  C CD2   . TYR A 1 83  ? -11.018 -1.978  12.145  1.00 13.27 ? 483  TYR A CD2   1 
ATOM   711  C CE1   . TYR A 1 83  ? -11.831 -0.105  10.290  1.00 11.22 ? 483  TYR A CE1   1 
ATOM   712  C CE2   . TYR A 1 83  ? -12.077 -1.131  12.424  1.00 13.78 ? 483  TYR A CE2   1 
ATOM   713  C CZ    . TYR A 1 83  ? -12.475 -0.201  11.488  1.00 12.62 ? 483  TYR A CZ    1 
ATOM   714  O OH    . TYR A 1 83  ? -13.533 0.648   11.755  1.00 14.03 ? 483  TYR A OH    1 
ATOM   715  N N     . THR A 1 84  ? -6.228  -3.646  11.701  1.00 11.62 ? 484  THR A N     1 
ATOM   716  C CA    . THR A 1 84  ? -5.334  -4.789  11.786  1.00 12.86 ? 484  THR A CA    1 
ATOM   717  C C     . THR A 1 84  ? -6.160  -6.070  11.837  1.00 12.97 ? 484  THR A C     1 
ATOM   718  O O     . THR A 1 84  ? -7.386  -6.030  11.965  1.00 13.92 ? 484  THR A O     1 
ATOM   719  C CB    . THR A 1 84  ? -4.452  -4.738  13.031  1.00 13.16 ? 484  THR A CB    1 
ATOM   720  O OG1   . THR A 1 84  ? -5.257  -4.982  14.200  1.00 12.08 ? 484  THR A OG1   1 
ATOM   721  C CG2   . THR A 1 84  ? -3.745  -3.391  13.163  1.00 14.23 ? 484  THR A CG2   1 
ATOM   722  N N     . LYS A 1 85  ? -5.478  -7.210  11.772  1.00 14.36 ? 485  LYS A N     1 
ATOM   723  C CA    . LYS A 1 85  ? -6.122  -8.528  11.835  1.00 14.95 ? 485  LYS A CA    1 
ATOM   724  C C     . LYS A 1 85  ? -7.062  -8.675  13.034  1.00 15.56 ? 485  LYS A C     1 
ATOM   725  O O     . LYS A 1 85  ? -8.164  -9.242  12.930  1.00 16.88 ? 485  LYS A O     1 
ATOM   726  C CB    . LYS A 1 85  ? -5.034  -9.598  11.915  1.00 15.60 ? 485  LYS A CB    1 
ATOM   727  C CG    . LYS A 1 85  ? -5.549  -11.021 11.881  1.00 15.41 ? 485  LYS A CG    1 
ATOM   728  C CD    . LYS A 1 85  ? -4.418  -12.006 11.687  1.00 16.85 ? 485  LYS A CD    1 
ATOM   729  C CE    . LYS A 1 85  ? -4.810  -13.400 12.112  1.00 18.61 ? 485  LYS A CE    1 
ATOM   730  N NZ    . LYS A 1 85  ? -3.719  -14.394 11.937  1.00 19.12 ? 485  LYS A NZ    1 
ATOM   731  N N     . SER A 1 86  ? -6.622  -8.148  14.165  1.00 15.10 ? 486  SER A N     1 
ATOM   732  C CA    . SER A 1 86  ? -7.382  -8.257  15.413  1.00 15.36 ? 486  SER A CA    1 
ATOM   733  C C     . SER A 1 86  ? -8.398  -7.125  15.604  1.00 15.49 ? 486  SER A C     1 
ATOM   734  O O     . SER A 1 86  ? -9.061  -7.063  16.638  1.00 15.66 ? 486  SER A O     1 
ATOM   735  C CB    . SER A 1 86  ? -6.416  -8.272  16.582  1.00 15.86 ? 486  SER A CB    1 
ATOM   736  O OG    . SER A 1 86  ? -5.750  -7.042  16.716  1.00 17.41 ? 486  SER A OG    1 
ATOM   737  N N     . GLY A 1 87  ? -8.514  -6.227  14.628  1.00 15.58 ? 487  GLY A N     1 
ATOM   738  C CA    . GLY A 1 87  ? -9.528  -5.180  14.674  1.00 15.33 ? 487  GLY A CA    1 
ATOM   739  C C     . GLY A 1 87  ? -9.081  -3.843  15.240  1.00 15.42 ? 487  GLY A C     1 
ATOM   740  O O     . GLY A 1 87  ? -9.918  -2.970  15.447  1.00 15.57 ? 487  GLY A O     1 
ATOM   741  N N     . LYS A 1 88  ? -7.784  -3.684  15.513  1.00 15.25 ? 488  LYS A N     1 
ATOM   742  C CA    . LYS A 1 88  ? -7.259  -2.399  15.974  1.00 15.22 ? 488  LYS A CA    1 
ATOM   743  C C     . LYS A 1 88  ? -7.276  -1.395  14.821  1.00 13.57 ? 488  LYS A C     1 
ATOM   744  O O     . LYS A 1 88  ? -6.802  -1.692  13.730  1.00 13.21 ? 488  LYS A O     1 
ATOM   745  C CB    . LYS A 1 88  ? -5.835  -2.528  16.520  1.00 15.57 ? 488  LYS A CB    1 
ATOM   746  C CG    . LYS A 1 88  ? -5.265  -1.220  17.044  1.00 17.84 ? 488  LYS A CG    1 
ATOM   747  C CD    . LYS A 1 88  ? -3.770  -1.290  17.329  1.00 19.85 ? 488  LYS A CD    1 
ATOM   748  C CE    . LYS A 1 88  ? -3.193  0.122   17.521  1.00 22.31 ? 488  LYS A CE    1 
ATOM   749  N NZ    . LYS A 1 88  ? -3.367  1.002   16.326  1.00 25.63 ? 488  LYS A NZ    1 
ATOM   750  N N     . LYS A 1 89  ? -7.796  -0.210  15.095  1.00 13.37 ? 489  LYS A N     1 
ATOM   751  C CA    . LYS A 1 89  ? -7.866  0.851   14.101  1.00 14.04 ? 489  LYS A CA    1 
ATOM   752  C C     . LYS A 1 89  ? -6.589  1.659   14.063  1.00 12.99 ? 489  LYS A C     1 
ATOM   753  O O     . LYS A 1 89  ? -5.950  1.907   15.096  1.00 13.78 ? 489  LYS A O     1 
ATOM   754  C CB    . LYS A 1 89  ? -9.011  1.795   14.415  1.00 14.38 ? 489  LYS A CB    1 
ATOM   755  C CG    . LYS A 1 89  ? -10.374 1.278   14.021  1.00 17.33 ? 489  LYS A CG    1 
ATOM   756  C CD    . LYS A 1 89  ? -11.457 2.308   14.308  1.00 17.96 ? 489  LYS A CD    1 
ATOM   757  C CE    . LYS A 1 89  ? -11.591 2.611   15.785  1.00 20.44 ? 489  LYS A CE    1 
ATOM   758  N NZ    . LYS A 1 89  ? -12.543 3.733   16.026  1.00 21.07 ? 489  LYS A NZ    1 
ATOM   759  N N     . PHE A 1 90  ? -6.234  2.105   12.869  1.00 12.02 ? 490  PHE A N     1 
ATOM   760  C CA    . PHE A 1 90  ? -5.184  3.093   12.722  1.00 12.34 ? 490  PHE A CA    1 
ATOM   761  C C     . PHE A 1 90  ? -5.520  3.991   11.542  1.00 12.04 ? 490  PHE A C     1 
ATOM   762  O O     . PHE A 1 90  ? -6.153  3.556   10.572  1.00 12.72 ? 490  PHE A O     1 
ATOM   763  C CB    . PHE A 1 90  ? -3.799  2.458   12.535  1.00 12.47 ? 490  PHE A CB    1 
ATOM   764  C CG    . PHE A 1 90  ? -3.676  1.534   11.341  1.00 12.78 ? 490  PHE A CG    1 
ATOM   765  C CD1   . PHE A 1 90  ? -4.074  0.209   11.433  1.00 13.31 ? 490  PHE A CD1   1 
ATOM   766  C CD2   . PHE A 1 90  ? -3.135  1.971   10.134  1.00 13.70 ? 490  PHE A CD2   1 
ATOM   767  C CE1   . PHE A 1 90  ? -3.944  -0.645  10.346  1.00 14.01 ? 490  PHE A CE1   1 
ATOM   768  C CE2   . PHE A 1 90  ? -3.005  1.109   9.057   1.00 14.00 ? 490  PHE A CE2   1 
ATOM   769  C CZ    . PHE A 1 90  ? -3.410  -0.201  9.167   1.00 14.20 ? 490  PHE A CZ    1 
ATOM   770  N N     . TRP A 1 91  ? -5.098  5.245   11.619  1.00 11.92 ? 491  TRP A N     1 
ATOM   771  C CA    . TRP A 1 91  ? -5.106  6.117   10.448  1.00 11.98 ? 491  TRP A CA    1 
ATOM   772  C C     . TRP A 1 91  ? -3.951  5.748   9.553   1.00 12.15 ? 491  TRP A C     1 
ATOM   773  O O     . TRP A 1 91  ? -2.850  5.481   10.007  1.00 12.55 ? 491  TRP A O     1 
ATOM   774  C CB    . TRP A 1 91  ? -5.011  7.581   10.868  1.00 12.63 ? 491  TRP A CB    1 
ATOM   775  C CG    . TRP A 1 91  ? -6.327  8.150   11.243  1.00 12.68 ? 491  TRP A CG    1 
ATOM   776  C CD1   . TRP A 1 91  ? -6.857  8.273   12.498  1.00 13.54 ? 491  TRP A CD1   1 
ATOM   777  C CD2   . TRP A 1 91  ? -7.307  8.681   10.338  1.00 12.57 ? 491  TRP A CD2   1 
ATOM   778  N NE1   . TRP A 1 91  ? -8.107  8.839   12.413  1.00 14.20 ? 491  TRP A NE1   1 
ATOM   779  C CE2   . TRP A 1 91  ? -8.404  9.103   11.105  1.00 13.87 ? 491  TRP A CE2   1 
ATOM   780  C CE3   . TRP A 1 91  ? -7.364  8.831   8.947   1.00 12.66 ? 491  TRP A CE3   1 
ATOM   781  C CZ2   . TRP A 1 91  ? -9.548  9.661   10.533  1.00 14.33 ? 491  TRP A CZ2   1 
ATOM   782  C CZ3   . TRP A 1 91  ? -8.509  9.389   8.384   1.00 14.20 ? 491  TRP A CZ3   1 
ATOM   783  C CH2   . TRP A 1 91  ? -9.582  9.790   9.182   1.00 14.20 ? 491  TRP A CH2   1 
ATOM   784  N N     . ASN A 1 92  ? -4.224  5.730   8.257   1.00 11.52 ? 492  ASN A N     1 
ATOM   785  C CA    . ASN A 1 92  ? -3.264  5.361   7.241   1.00 12.17 ? 492  ASN A CA    1 
ATOM   786  C C     . ASN A 1 92  ? -3.141  6.528   6.273   1.00 11.90 ? 492  ASN A C     1 
ATOM   787  O O     . ASN A 1 92  ? -4.086  6.823   5.546   1.00 11.99 ? 492  ASN A O     1 
ATOM   788  C CB    . ASN A 1 92  ? -3.757  4.090   6.547   1.00 11.87 ? 492  ASN A CB    1 
ATOM   789  C CG    . ASN A 1 92  ? -2.879  3.631   5.381   1.00 12.66 ? 492  ASN A CG    1 
ATOM   790  O OD1   . ASN A 1 92  ? -1.863  4.232   5.062   1.00 12.71 ? 492  ASN A OD1   1 
ATOM   791  N ND2   . ASN A 1 92  ? -3.285  2.524   4.747   1.00 13.56 ? 492  ASN A ND2   1 
ATOM   792  N N     . LEU A 1 93  ? -2.000  7.216   6.318   1.00 12.37 ? 493  LEU A N     1 
ATOM   793  C CA    . LEU A 1 93  ? -1.628  8.193   5.294   1.00 12.48 ? 493  LEU A CA    1 
ATOM   794  C C     . LEU A 1 93  ? -0.998  7.362   4.189   1.00 12.44 ? 493  LEU A C     1 
ATOM   795  O O     . LEU A 1 93  ? 0.106   6.835   4.335   1.00 13.05 ? 493  LEU A O     1 
ATOM   796  C CB    . LEU A 1 93  ? -0.674  9.254   5.865   1.00 12.75 ? 493  LEU A CB    1 
ATOM   797  C CG    . LEU A 1 93  ? -0.134  10.329  4.934   1.00 14.24 ? 493  LEU A CG    1 
ATOM   798  C CD1   . LEU A 1 93  ? -1.248  11.051  4.177   1.00 14.91 ? 493  LEU A CD1   1 
ATOM   799  C CD2   . LEU A 1 93  ? 0.728   11.305  5.695   1.00 14.43 ? 493  LEU A CD2   1 
ATOM   800  N N     . PHE A 1 94  ? -1.759  7.197   3.121   1.00 11.97 ? 494  PHE A N     1 
ATOM   801  C CA    . PHE A 1 94  ? -1.525  6.186   2.098   1.00 12.06 ? 494  PHE A CA    1 
ATOM   802  C C     . PHE A 1 94  ? -1.151  6.814   0.773   1.00 12.17 ? 494  PHE A C     1 
ATOM   803  O O     . PHE A 1 94  ? -1.811  7.756   0.333   1.00 13.15 ? 494  PHE A O     1 
ATOM   804  C CB    . PHE A 1 94  ? -2.808  5.358   1.912   1.00 12.77 ? 494  PHE A CB    1 
ATOM   805  C CG    . PHE A 1 94  ? -2.746  4.383   0.789   1.00 13.36 ? 494  PHE A CG    1 
ATOM   806  C CD1   . PHE A 1 94  ? -1.869  3.323   0.808   1.00 13.21 ? 494  PHE A CD1   1 
ATOM   807  C CD2   . PHE A 1 94  ? -3.552  4.546   -0.320  1.00 15.57 ? 494  PHE A CD2   1 
ATOM   808  C CE1   . PHE A 1 94  ? -1.818  2.436   -0.251  1.00 13.60 ? 494  PHE A CE1   1 
ATOM   809  C CE2   . PHE A 1 94  ? -3.492  3.657   -1.381  1.00 14.51 ? 494  PHE A CE2   1 
ATOM   810  C CZ    . PHE A 1 94  ? -2.624  2.597   -1.325  1.00 13.76 ? 494  PHE A CZ    1 
ATOM   811  N N     . HIS A 1 95  ? -0.108  6.288   0.133   1.00 11.79 ? 495  HIS A N     1 
ATOM   812  C CA    . HIS A 1 95  ? 0.274   6.740   -1.197  1.00 12.27 ? 495  HIS A CA    1 
ATOM   813  C C     . HIS A 1 95  ? 0.353   5.559   -2.139  1.00 12.25 ? 495  HIS A C     1 
ATOM   814  O O     . HIS A 1 95  ? 1.004   4.563   -1.832  1.00 12.60 ? 495  HIS A O     1 
ATOM   815  C CB    . HIS A 1 95  ? 1.625   7.466   -1.172  1.00 12.72 ? 495  HIS A CB    1 
ATOM   816  C CG    . HIS A 1 95  ? 2.078   7.907   -2.526  1.00 12.51 ? 495  HIS A CG    1 
ATOM   817  N ND1   . HIS A 1 95  ? 1.503   8.967   -3.188  1.00 12.93 ? 495  HIS A ND1   1 
ATOM   818  C CD2   . HIS A 1 95  ? 2.987   7.376   -3.373  1.00 14.62 ? 495  HIS A CD2   1 
ATOM   819  C CE1   . HIS A 1 95  ? 2.056   9.080   -4.383  1.00 13.67 ? 495  HIS A CE1   1 
ATOM   820  N NE2   . HIS A 1 95  ? 2.961   8.130   -4.521  1.00 14.08 ? 495  HIS A NE2   1 
ATOM   821  N N     . LEU A 1 96  ? -0.311  5.699   -3.281  1.00 12.63 ? 496  LEU A N     1 
ATOM   822  C CA    A LEU A 1 96  ? -0.339  4.709   -4.366  0.50 12.94 ? 496  LEU A CA    1 
ATOM   823  C CA    B LEU A 1 96  ? -0.285  4.694   -4.323  0.50 13.32 ? 496  LEU A CA    1 
ATOM   824  C C     . LEU A 1 96  ? 0.396   5.264   -5.548  1.00 13.73 ? 496  LEU A C     1 
ATOM   825  O O     . LEU A 1 96  ? 0.187   6.405   -5.891  1.00 13.66 ? 496  LEU A O     1 
ATOM   826  C CB    A LEU A 1 96  ? -1.782  4.475   -4.845  0.50 13.68 ? 496  LEU A CB    1 
ATOM   827  C CB    B LEU A 1 96  ? -1.720  4.276   -4.646  0.50 14.63 ? 496  LEU A CB    1 
ATOM   828  C CG    A LEU A 1 96  ? -1.965  3.614   -6.106  0.50 12.70 ? 496  LEU A CG    1 
ATOM   829  C CG    B LEU A 1 96  ? -1.953  3.208   -5.709  0.50 14.94 ? 496  LEU A CG    1 
ATOM   830  C CD1   A LEU A 1 96  ? -1.878  2.117   -5.729  0.50 12.20 ? 496  LEU A CD1   1 
ATOM   831  C CD1   B LEU A 1 96  ? -3.112  2.321   -5.295  0.50 17.57 ? 496  LEU A CD1   1 
ATOM   832  C CD2   A LEU A 1 96  ? -3.274  3.934   -6.800  0.50 13.13 ? 496  LEU A CD2   1 
ATOM   833  C CD2   B LEU A 1 96  ? -2.205  3.827   -7.067  0.50 15.56 ? 496  LEU A CD2   1 
ATOM   834  N N     . GLN A 1 97  ? 1.214   4.450   -6.196  1.00 13.85 ? 497  GLN A N     1 
ATOM   835  C CA    . GLN A 1 97  ? 1.655   4.821   -7.524  1.00 15.63 ? 497  GLN A CA    1 
ATOM   836  C C     . GLN A 1 97  ? 1.975   3.613   -8.379  1.00 15.00 ? 497  GLN A C     1 
ATOM   837  O O     . GLN A 1 97  ? 2.441   2.585   -7.890  1.00 14.87 ? 497  GLN A O     1 
ATOM   838  C CB    . GLN A 1 97  ? 2.812   5.801   -7.482  1.00 16.52 ? 497  GLN A CB    1 
ATOM   839  C CG    . GLN A 1 97  ? 4.065   5.279   -6.857  1.00 17.73 ? 497  GLN A CG    1 
ATOM   840  C CD    . GLN A 1 97  ? 5.136   6.353   -6.823  1.00 18.33 ? 497  GLN A CD    1 
ATOM   841  O OE1   . GLN A 1 97  ? 4.909   7.456   -6.316  1.00 19.37 ? 497  GLN A OE1   1 
ATOM   842  N NE2   . GLN A 1 97  ? 6.309   6.038   -7.355  1.00 21.58 ? 497  GLN A NE2   1 
ATOM   843  N N     . PRO A 1 98  ? 1.692   3.734   -9.673  1.00 14.20 ? 498  PRO A N     1 
ATOM   844  C CA    . PRO A 1 98  ? 2.040   2.659   -10.568 1.00 13.67 ? 498  PRO A CA    1 
ATOM   845  C C     . PRO A 1 98  ? 3.525   2.593   -10.828 1.00 13.35 ? 498  PRO A C     1 
ATOM   846  O O     . PRO A 1 98  ? 4.202   3.619   -10.769 1.00 14.24 ? 498  PRO A O     1 
ATOM   847  C CB    . PRO A 1 98  ? 1.322   3.046   -11.863 1.00 14.17 ? 498  PRO A CB    1 
ATOM   848  C CG    . PRO A 1 98  ? 1.195   4.467   -11.811 1.00 15.97 ? 498  PRO A CG    1 
ATOM   849  C CD    . PRO A 1 98  ? 1.037   4.845   -10.396 1.00 14.63 ? 498  PRO A CD    1 
ATOM   850  N N     . MET A 1 99  ? 4.004   1.389   -11.123 1.00 13.39 ? 499  MET A N     1 
ATOM   851  C CA    A MET A 1 99  ? 5.376   1.203   -11.570 0.60 13.96 ? 499  MET A CA    1 
ATOM   852  C CA    B MET A 1 99  ? 5.376   1.119   -11.524 0.40 13.81 ? 499  MET A CA    1 
ATOM   853  C C     . MET A 1 99  ? 5.334   0.792   -13.020 1.00 13.36 ? 499  MET A C     1 
ATOM   854  O O     . MET A 1 99  ? 4.674   -0.171  -13.393 1.00 12.92 ? 499  MET A O     1 
ATOM   855  C CB    A MET A 1 99  ? 6.132   0.140   -10.786 0.60 14.47 ? 499  MET A CB    1 
ATOM   856  C CB    B MET A 1 99  ? 5.874   -0.101  -10.732 0.40 14.68 ? 499  MET A CB    1 
ATOM   857  C CG    A MET A 1 99  ? 7.621   0.184   -11.094 0.60 14.72 ? 499  MET A CG    1 
ATOM   858  C CG    B MET A 1 99  ? 7.344   -0.108  -10.372 0.40 16.77 ? 499  MET A CG    1 
ATOM   859  S SD    A MET A 1 99  ? 8.501   -1.321  -10.697 0.60 17.15 ? 499  MET A SD    1 
ATOM   860  S SD    B MET A 1 99  ? 8.454   -0.300  -11.773 0.40 21.63 ? 499  MET A SD    1 
ATOM   861  C CE    A MET A 1 99  ? 8.126   -2.304  -12.133 0.60 18.20 ? 499  MET A CE    1 
ATOM   862  C CE    B MET A 1 99  ? 7.788   -1.755  -12.575 0.40 20.30 ? 499  MET A CE    1 
ATOM   863  N N     . ARG A 1 100 ? 6.047   1.553   -13.848 1.00 13.04 ? 500  ARG A N     1 
ATOM   864  C CA    . ARG A 1 100 ? 6.039   1.366   -15.300 1.00 13.29 ? 500  ARG A CA    1 
ATOM   865  C C     . ARG A 1 100 ? 7.302   0.673   -15.779 1.00 13.08 ? 500  ARG A C     1 
ATOM   866  O O     . ARG A 1 100 ? 8.376   0.850   -15.195 1.00 13.81 ? 500  ARG A O     1 
ATOM   867  C CB    . ARG A 1 100 ? 5.919   2.709   -16.001 1.00 13.24 ? 500  ARG A CB    1 
ATOM   868  C CG    . ARG A 1 100 ? 4.628   3.416   -15.736 1.00 13.71 ? 500  ARG A CG    1 
ATOM   869  C CD    . ARG A 1 100 ? 4.559   4.742   -16.482 1.00 15.93 ? 500  ARG A CD    1 
ATOM   870  N NE    . ARG A 1 100 ? 3.382   5.456   -16.014 1.00 17.94 ? 500  ARG A NE    1 
ATOM   871  C CZ    . ARG A 1 100 ? 2.144   5.230   -16.441 1.00 19.40 ? 500  ARG A CZ    1 
ATOM   872  N NH1   . ARG A 1 100 ? 1.900   4.352   -17.413 1.00 17.61 ? 500  ARG A NH1   1 
ATOM   873  N NH2   . ARG A 1 100 ? 1.141   5.916   -15.897 1.00 20.93 ? 500  ARG A NH2   1 
ATOM   874  N N     . ASP A 1 101 ? 7.158   -0.112  -16.841 1.00 11.85 ? 501  ASP A N     1 
ATOM   875  C CA    . ASP A 1 101 ? 8.280   -0.798  -17.479 1.00 11.78 ? 501  ASP A CA    1 
ATOM   876  C C     . ASP A 1 101 ? 8.946   0.079   -18.556 1.00 11.63 ? 501  ASP A C     1 
ATOM   877  O O     . ASP A 1 101 ? 8.604   1.262   -18.680 1.00 11.11 ? 501  ASP A O     1 
ATOM   878  C CB    . ASP A 1 101 ? 7.829   -2.165  -18.022 1.00 12.34 ? 501  ASP A CB    1 
ATOM   879  C CG    . ASP A 1 101 ? 6.862   -2.068  -19.178 1.00 14.56 ? 501  ASP A CG    1 
ATOM   880  O OD1   . ASP A 1 101 ? 6.710   -0.988  -19.791 1.00 12.74 ? 501  ASP A OD1   1 
ATOM   881  O OD2   . ASP A 1 101 ? 6.266   -3.109  -19.527 1.00 19.09 ? 501  ASP A OD2   1 
ATOM   882  N N     . GLN A 1 102 ? 9.873   -0.504  -19.313 1.00 11.80 ? 502  GLN A N     1 
ATOM   883  C CA    . GLN A 1 102 ? 10.669  0.190   -20.334 1.00 12.46 ? 502  GLN A CA    1 
ATOM   884  C C     . GLN A 1 102 ? 9.846   0.735   -21.504 1.00 11.85 ? 502  GLN A C     1 
ATOM   885  O O     . GLN A 1 102 ? 10.347  1.537   -22.294 1.00 10.47 ? 502  GLN A O     1 
ATOM   886  C CB    . GLN A 1 102 ? 11.757  -0.763  -20.874 1.00 13.12 ? 502  GLN A CB    1 
ATOM   887  C CG    . GLN A 1 102 ? 11.196  -1.961  -21.683 1.00 15.44 ? 502  GLN A CG    1 
ATOM   888  C CD    . GLN A 1 102 ? 12.225  -3.002  -22.107 1.00 16.38 ? 502  GLN A CD    1 
ATOM   889  O OE1   . GLN A 1 102 ? 12.207  -3.470  -23.253 1.00 23.67 ? 502  GLN A OE1   1 
ATOM   890  N NE2   . GLN A 1 102 ? 13.099  -3.399  -21.183 1.00 21.96 ? 502  GLN A NE2   1 
ATOM   891  N N     . LYS A 1 103 ? 8.608   0.275   -21.649 1.00 11.72 ? 503  LYS A N     1 
ATOM   892  C CA    . LYS A 1 103 ? 7.695   0.792   -22.661 1.00 11.94 ? 503  LYS A CA    1 
ATOM   893  C C     . LYS A 1 103 ? 6.618   1.704   -22.062 1.00 11.63 ? 503  LYS A C     1 
ATOM   894  O O     . LYS A 1 103 ? 5.713   2.162   -22.765 1.00 11.78 ? 503  LYS A O     1 
ATOM   895  C CB    . LYS A 1 103 ? 7.070   -0.380  -23.430 1.00 14.00 ? 503  LYS A CB    1 
ATOM   896  C CG    . LYS A 1 103 ? 8.105   -1.300  -24.088 1.00 16.66 ? 503  LYS A CG    1 
ATOM   897  C CD    . LYS A 1 103 ? 9.176   -0.500  -24.870 1.00 20.86 ? 503  LYS A CD    1 
ATOM   898  C CE    . LYS A 1 103 ? 9.969   -1.327  -25.885 1.00 21.48 ? 503  LYS A CE    1 
ATOM   899  N NZ    . LYS A 1 103 ? 11.150  -2.046  -25.318 1.00 25.23 ? 503  LYS A NZ    1 
ATOM   900  N N     . GLY A 1 104 ? 6.753   2.015   -20.783 1.00 11.27 ? 504  GLY A N     1 
ATOM   901  C CA    . GLY A 1 104 ? 5.817   2.864   -20.098 1.00 11.20 ? 504  GLY A CA    1 
ATOM   902  C C     . GLY A 1 104 ? 4.546   2.186   -19.625 1.00 11.52 ? 504  GLY A C     1 
ATOM   903  O O     . GLY A 1 104 ? 3.660   2.857   -19.118 1.00 11.76 ? 504  GLY A O     1 
ATOM   904  N N     . ASP A 1 105 ? 4.440   0.867   -19.797 1.00 11.76 ? 505  ASP A N     1 
ATOM   905  C CA    . ASP A 1 105 ? 3.244   0.150   -19.355 1.00 12.02 ? 505  ASP A CA    1 
ATOM   906  C C     . ASP A 1 105 ? 3.295   -0.162  -17.870 1.00 11.73 ? 505  ASP A C     1 
ATOM   907  O O     . ASP A 1 105 ? 4.349   -0.459  -17.323 1.00 12.48 ? 505  ASP A O     1 
ATOM   908  C CB    . ASP A 1 105 ? 3.082   -1.149  -20.146 1.00 12.57 ? 505  ASP A CB    1 
ATOM   909  C CG    . ASP A 1 105 ? 2.838   -0.910  -21.628 1.00 14.47 ? 505  ASP A CG    1 
ATOM   910  O OD1   . ASP A 1 105 ? 2.151   0.075   -21.946 1.00 15.01 ? 505  ASP A OD1   1 
ATOM   911  O OD2   . ASP A 1 105 ? 3.321   -1.708  -22.458 1.00 18.34 ? 505  ASP A OD2   1 
ATOM   912  N N     . VAL A 1 106 ? 2.145   -0.069  -17.218 1.00 11.96 ? 506  VAL A N     1 
ATOM   913  C CA    . VAL A 1 106 ? 2.065   -0.364  -15.788 1.00 12.62 ? 506  VAL A CA    1 
ATOM   914  C C     . VAL A 1 106 ? 2.232   -1.863  -15.551 1.00 13.17 ? 506  VAL A C     1 
ATOM   915  O O     . VAL A 1 106 ? 1.490   -2.675  -16.097 1.00 14.98 ? 506  VAL A O     1 
ATOM   916  C CB    . VAL A 1 106 ? 0.765   0.155   -15.171 1.00 12.60 ? 506  VAL A CB    1 
ATOM   917  C CG1   . VAL A 1 106 ? 0.607   -0.323  -13.718 1.00 14.07 ? 506  VAL A CG1   1 
ATOM   918  C CG2   . VAL A 1 106 ? 0.752   1.663   -15.229 1.00 14.16 ? 506  VAL A CG2   1 
ATOM   919  N N     . GLN A 1 107 ? 3.246   -2.191  -14.767 1.00 12.76 ? 507  GLN A N     1 
ATOM   920  C CA    . GLN A 1 107 ? 3.612   -3.570  -14.444 1.00 13.17 ? 507  GLN A CA    1 
ATOM   921  C C     . GLN A 1 107 ? 3.164   -3.953  -13.043 1.00 12.70 ? 507  GLN A C     1 
ATOM   922  O O     . GLN A 1 107 ? 2.708   -5.060  -12.845 1.00 12.86 ? 507  GLN A O     1 
ATOM   923  C CB    . GLN A 1 107 ? 5.125   -3.706  -14.588 1.00 13.02 ? 507  GLN A CB    1 
ATOM   924  C CG    . GLN A 1 107 ? 5.697   -5.074  -14.378 1.00 15.52 ? 507  GLN A CG    1 
ATOM   925  C CD    . GLN A 1 107 ? 7.201   -5.099  -14.605 1.00 17.39 ? 507  GLN A CD    1 
ATOM   926  O OE1   . GLN A 1 107 ? 7.767   -4.186  -15.203 1.00 21.11 ? 507  GLN A OE1   1 
ATOM   927  N NE2   . GLN A 1 107 ? 7.857   -6.139  -14.114 1.00 22.87 ? 507  GLN A NE2   1 
ATOM   928  N N     . TYR A 1 108 ? 3.292   -3.036  -12.093 1.00 12.03 ? 508  TYR A N     1 
ATOM   929  C CA    . TYR A 1 108 ? 2.888   -3.285  -10.692 1.00 12.47 ? 508  TYR A CA    1 
ATOM   930  C C     . TYR A 1 108 ? 2.281   -2.009  -10.147 1.00 12.36 ? 508  TYR A C     1 
ATOM   931  O O     . TYR A 1 108 ? 2.481   -0.934  -10.724 1.00 12.57 ? 508  TYR A O     1 
ATOM   932  C CB    . TYR A 1 108 ? 4.085   -3.622  -9.771  1.00 14.42 ? 508  TYR A CB    1 
ATOM   933  C CG    . TYR A 1 108 ? 4.958   -4.751  -10.243 1.00 14.50 ? 508  TYR A CG    1 
ATOM   934  C CD1   . TYR A 1 108 ? 4.458   -6.028  -10.393 1.00 14.45 ? 508  TYR A CD1   1 
ATOM   935  C CD2   . TYR A 1 108 ? 6.308   -4.535  -10.514 1.00 18.10 ? 508  TYR A CD2   1 
ATOM   936  C CE1   . TYR A 1 108 ? 5.270   -7.070  -10.835 1.00 15.84 ? 508  TYR A CE1   1 
ATOM   937  C CE2   . TYR A 1 108 ? 7.132   -5.568  -10.935 1.00 19.10 ? 508  TYR A CE2   1 
ATOM   938  C CZ    . TYR A 1 108 ? 6.606   -6.828  -11.103 1.00 16.87 ? 508  TYR A CZ    1 
ATOM   939  O OH    . TYR A 1 108 ? 7.430   -7.840  -11.542 1.00 19.22 ? 508  TYR A OH    1 
ATOM   940  N N     . PHE A 1 109 ? 1.575   -2.112  -9.022  1.00 12.09 ? 509  PHE A N     1 
ATOM   941  C CA    . PHE A 1 109 ? 1.275   -0.950  -8.199  1.00 12.14 ? 509  PHE A CA    1 
ATOM   942  C C     . PHE A 1 109 ? 2.036   -1.057  -6.888  1.00 12.10 ? 509  PHE A C     1 
ATOM   943  O O     . PHE A 1 109 ? 2.186   -2.150  -6.329  1.00 11.82 ? 509  PHE A O     1 
ATOM   944  C CB    . PHE A 1 109 ? -0.222  -0.827  -7.915  1.00 12.10 ? 509  PHE A CB    1 
ATOM   945  C CG    . PHE A 1 109 ? -1.024  -0.334  -9.076  1.00 12.47 ? 509  PHE A CG    1 
ATOM   946  C CD1   . PHE A 1 109 ? -1.215  1.016   -9.264  1.00 12.74 ? 509  PHE A CD1   1 
ATOM   947  C CD2   . PHE A 1 109 ? -1.634  -1.218  -9.926  1.00 12.60 ? 509  PHE A CD2   1 
ATOM   948  C CE1   . PHE A 1 109 ? -1.962  1.482   -10.320 1.00 13.41 ? 509  PHE A CE1   1 
ATOM   949  C CE2   . PHE A 1 109 ? -2.396  -0.757  -10.984 1.00 13.60 ? 509  PHE A CE2   1 
ATOM   950  C CZ    . PHE A 1 109 ? -2.552  0.597   -11.171 1.00 12.79 ? 509  PHE A CZ    1 
ATOM   951  N N     . ILE A 1 110 ? 2.505   0.084   -6.394  1.00 12.88 ? 510  ILE A N     1 
ATOM   952  C CA    . ILE A 1 110 ? 3.188   0.198   -5.112  1.00 13.00 ? 510  ILE A CA    1 
ATOM   953  C C     . ILE A 1 110 ? 2.289   0.997   -4.189  1.00 12.85 ? 510  ILE A C     1 
ATOM   954  O O     . ILE A 1 110 ? 1.758   2.032   -4.583  1.00 12.75 ? 510  ILE A O     1 
ATOM   955  C CB    . ILE A 1 110 ? 4.510   0.956   -5.279  1.00 13.45 ? 510  ILE A CB    1 
ATOM   956  C CG1   . ILE A 1 110 ? 5.482   0.150   -6.159  1.00 14.72 ? 510  ILE A CG1   1 
ATOM   957  C CG2   . ILE A 1 110 ? 5.120   1.260   -3.897  1.00 14.47 ? 510  ILE A CG2   1 
ATOM   958  C CD1   . ILE A 1 110 ? 6.653   0.979   -6.696  1.00 15.50 ? 510  ILE A CD1   1 
ATOM   959  N N     . GLY A 1 111 ? 2.119   0.519   -2.965  1.00 12.44 ? 511  GLY A N     1 
ATOM   960  C CA    . GLY A 1 111 ? 1.331   1.194   -1.954  1.00 11.75 ? 511  GLY A CA    1 
ATOM   961  C C     . GLY A 1 111 ? 2.150   1.323   -0.696  1.00 11.70 ? 511  GLY A C     1 
ATOM   962  O O     . GLY A 1 111 ? 2.747   0.345   -0.237  1.00 12.05 ? 511  GLY A O     1 
ATOM   963  N N     . VAL A 1 112 ? 2.191   2.530   -0.147  1.00 11.25 ? 512  VAL A N     1 
ATOM   964  C CA    . VAL A 1 112 ? 2.997   2.833   1.039   1.00 11.86 ? 512  VAL A CA    1 
ATOM   965  C C     . VAL A 1 112 ? 2.073   3.384   2.107   1.00 12.02 ? 512  VAL A C     1 
ATOM   966  O O     . VAL A 1 112 ? 1.294   4.311   1.843   1.00 12.20 ? 512  VAL A O     1 
ATOM   967  C CB    . VAL A 1 112 ? 4.103   3.870   0.732   1.00 11.57 ? 512  VAL A CB    1 
ATOM   968  C CG1   . VAL A 1 112 ? 4.895   4.243   1.986   1.00 12.91 ? 512  VAL A CG1   1 
ATOM   969  C CG2   . VAL A 1 112 ? 5.046   3.349   -0.362  1.00 12.89 ? 512  VAL A CG2   1 
ATOM   970  N N     . GLN A 1 113 ? 2.175   2.833   3.311   1.00 11.88 ? 513  GLN A N     1 
ATOM   971  C CA    . GLN A 1 113 ? 1.314   3.208   4.426   1.00 12.74 ? 513  GLN A CA    1 
ATOM   972  C C     . GLN A 1 113 ? 2.104   3.864   5.549   1.00 13.39 ? 513  GLN A C     1 
ATOM   973  O O     . GLN A 1 113 ? 3.060   3.280   6.077   1.00 13.72 ? 513  GLN A O     1 
ATOM   974  C CB    . GLN A 1 113 ? 0.627   1.962   4.983   1.00 12.59 ? 513  GLN A CB    1 
ATOM   975  C CG    . GLN A 1 113 ? -0.251  1.239   3.983   1.00 13.50 ? 513  GLN A CG    1 
ATOM   976  C CD    . GLN A 1 113 ? 0.485   0.215   3.124   1.00 13.80 ? 513  GLN A CD    1 
ATOM   977  O OE1   . GLN A 1 113 ? 1.656   -0.108  3.358   1.00 14.54 ? 513  GLN A OE1   1 
ATOM   978  N NE2   . GLN A 1 113 ? -0.229  -0.332  2.139   1.00 14.61 ? 513  GLN A NE2   1 
ATOM   979  N N     . LEU A 1 114 ? 1.706   5.068   5.939   1.00 13.40 ? 514  LEU A N     1 
ATOM   980  C CA    . LEU A 1 114 ? 2.242   5.694   7.149   1.00 13.22 ? 514  LEU A CA    1 
ATOM   981  C C     . LEU A 1 114 ? 1.137   5.673   8.192   1.00 13.00 ? 514  LEU A C     1 
ATOM   982  O O     . LEU A 1 114 ? 0.159   6.406   8.115   1.00 12.18 ? 514  LEU A O     1 
ATOM   983  C CB    . LEU A 1 114 ? 2.723   7.127   6.888   1.00 13.68 ? 514  LEU A CB    1 
ATOM   984  C CG    . LEU A 1 114 ? 3.221   7.901   8.111   1.00 14.60 ? 514  LEU A CG    1 
ATOM   985  C CD1   . LEU A 1 114 ? 4.335   7.152   8.803   1.00 16.32 ? 514  LEU A CD1   1 
ATOM   986  C CD2   . LEU A 1 114 ? 3.708   9.286   7.700   1.00 15.13 ? 514  LEU A CD2   1 
ATOM   987  N N     . ASP A 1 115 ? 1.296   4.804   9.174   1.00 13.61 ? 515  ASP A N     1 
ATOM   988  C CA    . ASP A 1 115 ? 0.295   4.595   10.197  1.00 14.26 ? 515  ASP A CA    1 
ATOM   989  C C     . ASP A 1 115 ? 0.414   5.648   11.296  1.00 14.64 ? 515  ASP A C     1 
ATOM   990  O O     . ASP A 1 115 ? 1.528   6.034   11.685  1.00 15.88 ? 515  ASP A O     1 
ATOM   991  C CB    . ASP A 1 115 ? 0.435   3.182   10.787  1.00 14.14 ? 515  ASP A CB    1 
ATOM   992  C CG    . ASP A 1 115 ? 1.834   2.906   11.319  1.00 14.61 ? 515  ASP A CG    1 
ATOM   993  O OD1   . ASP A 1 115 ? 2.788   2.913   10.517  1.00 14.50 ? 515  ASP A OD1   1 
ATOM   994  O OD2   . ASP A 1 115 ? 1.958   2.647   12.520  1.00 17.96 ? 515  ASP A OD2   1 
ATOM   995  N N     . GLY A 1 116 ? -0.727  6.073   11.815  1.00 15.71 ? 516  GLY A N     1 
ATOM   996  C CA    . GLY A 1 116 ? -0.796  7.034   12.909  1.00 16.48 ? 516  GLY A CA    1 
ATOM   997  C C     . GLY A 1 116 ? -2.065  6.879   13.734  1.00 16.84 ? 516  GLY A C     1 
ATOM   998  O O     . GLY A 1 116 ? -2.952  6.105   13.406  1.00 17.19 ? 516  GLY A O     1 
ATOM   999  N N     . THR A 1 117 ? -2.144  7.634   14.819  1.00 17.57 ? 517  THR A N     1 
ATOM   1000 C CA    . THR A 1 117 ? -3.294  7.637   15.692  1.00 17.84 ? 517  THR A CA    1 
ATOM   1001 C C     . THR A 1 117 ? -4.364  8.641   15.273  1.00 17.55 ? 517  THR A C     1 
ATOM   1002 O O     . THR A 1 117 ? -5.510  8.518   15.700  1.00 17.81 ? 517  THR A O     1 
ATOM   1003 C CB    . THR A 1 117 ? -2.848  7.983   17.106  1.00 17.80 ? 517  THR A CB    1 
ATOM   1004 O OG1   . THR A 1 117 ? -2.150  9.231   17.097  1.00 21.83 ? 517  THR A OG1   1 
ATOM   1005 C CG2   . THR A 1 117 ? -1.924  6.905   17.606  1.00 19.45 ? 517  THR A CG2   1 
ATOM   1006 N N     . GLU A 1 118 ? -4.010  9.609   14.429  1.00 17.36 ? 518  GLU A N     1 
ATOM   1007 C CA    . GLU A 1 118 ? -4.948  10.675  14.072  1.00 17.43 ? 518  GLU A CA    1 
ATOM   1008 C C     . GLU A 1 118 ? -4.848  11.068  12.612  1.00 16.04 ? 518  GLU A C     1 
ATOM   1009 O O     . GLU A 1 118 ? -3.850  10.800  11.958  1.00 15.68 ? 518  GLU A O     1 
ATOM   1010 C CB    . GLU A 1 118 ? -4.715  11.918  14.957  1.00 17.83 ? 518  GLU A CB    1 
ATOM   1011 C CG    . GLU A 1 118 ? -3.408  12.659  14.710  1.00 20.77 ? 518  GLU A CG    1 
ATOM   1012 C CD    . GLU A 1 118 ? -3.140  13.777  15.709  1.00 21.84 ? 518  GLU A CD    1 
ATOM   1013 O OE1   . GLU A 1 118 ? -3.952  13.980  16.640  1.00 26.27 ? 518  GLU A OE1   1 
ATOM   1014 O OE2   . GLU A 1 118 ? -2.099  14.453  15.559  1.00 28.81 ? 518  GLU A OE2   1 
ATOM   1015 N N     . HIS A 1 119 ? -5.917  11.680  12.110  1.00 15.30 ? 519  HIS A N     1 
ATOM   1016 C CA    . HIS A 1 119 ? -5.867  12.370  10.833  1.00 15.02 ? 519  HIS A CA    1 
ATOM   1017 C C     . HIS A 1 119 ? -4.900  13.534  10.996  1.00 14.73 ? 519  HIS A C     1 
ATOM   1018 O O     . HIS A 1 119 ? -4.999  14.274  11.964  1.00 16.13 ? 519  HIS A O     1 
ATOM   1019 C CB    . HIS A 1 119 ? -7.261  12.878  10.458  1.00 15.09 ? 519  HIS A CB    1 
ATOM   1020 C CG    . HIS A 1 119 ? -7.321  13.529  9.114   1.00 15.36 ? 519  HIS A CG    1 
ATOM   1021 N ND1   . HIS A 1 119 ? -7.056  14.869  8.925   1.00 17.63 ? 519  HIS A ND1   1 
ATOM   1022 C CD2   . HIS A 1 119 ? -7.605  13.024  7.891   1.00 17.57 ? 519  HIS A CD2   1 
ATOM   1023 C CE1   . HIS A 1 119 ? -7.175  15.159  7.641   1.00 18.23 ? 519  HIS A CE1   1 
ATOM   1024 N NE2   . HIS A 1 119 ? -7.510  14.059  6.993   1.00 18.72 ? 519  HIS A NE2   1 
ATOM   1025 N N     . VAL A 1 120 ? -3.948  13.672  10.083  1.00 13.48 ? 520  VAL A N     1 
ATOM   1026 C CA    . VAL A 1 120 ? -2.930  14.729  10.186  1.00 14.06 ? 520  VAL A CA    1 
ATOM   1027 C C     . VAL A 1 120 ? -3.167  15.875  9.216   1.00 14.05 ? 520  VAL A C     1 
ATOM   1028 O O     . VAL A 1 120 ? -3.801  15.717  8.180   1.00 13.84 ? 520  VAL A O     1 
ATOM   1029 C CB    . VAL A 1 120 ? -1.506  14.173  10.007  1.00 14.06 ? 520  VAL A CB    1 
ATOM   1030 C CG1   . VAL A 1 120 ? -1.176  13.213  11.155  1.00 15.96 ? 520  VAL A CG1   1 
ATOM   1031 C CG2   . VAL A 1 120 ? -1.343  13.487  8.661   1.00 14.75 ? 520  VAL A CG2   1 
ATOM   1032 N N     . ARG A 1 121 ? -2.667  17.050  9.595   1.00 14.34 ? 521  ARG A N     1 
ATOM   1033 C CA    . ARG A 1 121 ? -2.812  18.266  8.807   1.00 14.62 ? 521  ARG A CA    1 
ATOM   1034 C C     . ARG A 1 121 ? -1.492  19.005  8.821   1.00 14.12 ? 521  ARG A C     1 
ATOM   1035 O O     . ARG A 1 121 ? -0.576  18.639  9.566   1.00 13.56 ? 521  ARG A O     1 
ATOM   1036 C CB    . ARG A 1 121 ? -3.905  19.154  9.404   1.00 14.69 ? 521  ARG A CB    1 
ATOM   1037 C CG    . ARG A 1 121 ? -3.657  19.584  10.822  1.00 16.58 ? 521  ARG A CG    1 
ATOM   1038 C CD    . ARG A 1 121 ? -4.720  20.573  11.247  1.00 17.36 ? 521  ARG A CD    1 
ATOM   1039 N NE    . ARG A 1 121 ? -4.718  20.771  12.690  1.00 18.91 ? 521  ARG A NE    1 
ATOM   1040 C CZ    . ARG A 1 121 ? -3.852  21.528  13.360  1.00 20.26 ? 521  ARG A CZ    1 
ATOM   1041 N NH1   . ARG A 1 121 ? -2.880  22.169  12.734  1.00 19.83 ? 521  ARG A NH1   1 
ATOM   1042 N NH2   . ARG A 1 121 ? -3.955  21.635  14.678  1.00 21.90 ? 521  ARG A NH2   1 
ATOM   1043 N N     . ASP A 1 122 ? -1.415  20.056  8.015   1.00 14.35 ? 522  ASP A N     1 
ATOM   1044 C CA    . ASP A 1 122 ? -0.325  21.033  8.098   1.00 14.14 ? 522  ASP A CA    1 
ATOM   1045 C C     . ASP A 1 122 ? 1.060   20.364  8.138   1.00 13.48 ? 522  ASP A C     1 
ATOM   1046 O O     . ASP A 1 122 ? 1.360   19.596  7.240   1.00 13.34 ? 522  ASP A O     1 
ATOM   1047 C CB    . ASP A 1 122 ? -0.613  22.018  9.232   1.00 14.92 ? 522  ASP A CB    1 
ATOM   1048 C CG    . ASP A 1 122 ? -1.919  22.759  9.011   1.00 17.46 ? 522  ASP A CG    1 
ATOM   1049 O OD1   . ASP A 1 122 ? -2.175  23.162  7.859   1.00 21.30 ? 522  ASP A OD1   1 
ATOM   1050 O OD2   . ASP A 1 122 ? -2.699  22.906  9.966   1.00 21.77 ? 522  ASP A OD2   1 
ATOM   1051 N N     . ALA A 1 123 ? 1.901   20.656  9.124   1.00 12.51 ? 523  ALA A N     1 
ATOM   1052 C CA    . ALA A 1 123 ? 3.278   20.153  9.112   1.00 12.01 ? 523  ALA A CA    1 
ATOM   1053 C C     . ALA A 1 123 ? 3.354   18.621  9.175   1.00 12.16 ? 523  ALA A C     1 
ATOM   1054 O O     . ALA A 1 123 ? 4.145   18.019  8.463   1.00 12.21 ? 523  ALA A O     1 
ATOM   1055 C CB    . ALA A 1 123 ? 4.115   20.780  10.239  1.00 13.11 ? 523  ALA A CB    1 
ATOM   1056 N N     . ALA A 1 124 ? 2.535   17.991  10.015  1.00 12.13 ? 524  ALA A N     1 
ATOM   1057 C CA    . ALA A 1 124 ? 2.583   16.544  10.136  1.00 12.53 ? 524  ALA A CA    1 
ATOM   1058 C C     . ALA A 1 124 ? 2.159   15.888  8.828   1.00 12.67 ? 524  ALA A C     1 
ATOM   1059 O O     . ALA A 1 124 ? 2.733   14.879  8.434   1.00 14.00 ? 524  ALA A O     1 
ATOM   1060 C CB    . ALA A 1 124 ? 1.700   16.071  11.270  1.00 12.61 ? 524  ALA A CB    1 
ATOM   1061 N N     . GLU A 1 125 ? 1.169   16.473  8.149   1.00 12.68 ? 525  GLU A N     1 
ATOM   1062 C CA    A GLU A 1 125 ? 0.715   15.956  6.859   0.60 12.44 ? 525  GLU A CA    1 
ATOM   1063 C CA    B GLU A 1 125 ? 0.713   15.964  6.854   0.40 12.60 ? 525  GLU A CA    1 
ATOM   1064 C C     . GLU A 1 125 ? 1.826   16.109  5.823   1.00 12.26 ? 525  GLU A C     1 
ATOM   1065 O O     . GLU A 1 125 ? 2.164   15.164  5.127   1.00 12.43 ? 525  GLU A O     1 
ATOM   1066 C CB    A GLU A 1 125 ? -0.566  16.670  6.425   0.60 12.51 ? 525  GLU A CB    1 
ATOM   1067 C CB    B GLU A 1 125 ? -0.546  16.703  6.391   0.40 12.50 ? 525  GLU A CB    1 
ATOM   1068 C CG    A GLU A 1 125 ? -1.224  16.113  5.161   0.60 13.98 ? 525  GLU A CG    1 
ATOM   1069 C CG    B GLU A 1 125 ? -0.949  16.408  4.945   0.40 13.21 ? 525  GLU A CG    1 
ATOM   1070 C CD    A GLU A 1 125 ? -0.734  16.756  3.864   0.60 17.19 ? 525  GLU A CD    1 
ATOM   1071 C CD    B GLU A 1 125 ? -2.214  17.124  4.514   0.40 14.13 ? 525  GLU A CD    1 
ATOM   1072 O OE1   A GLU A 1 125 ? 0.148   17.642  3.901   0.60 19.69 ? 525  GLU A OE1   1 
ATOM   1073 O OE1   B GLU A 1 125 ? -2.564  18.165  5.104   0.40 17.91 ? 525  GLU A OE1   1 
ATOM   1074 O OE2   A GLU A 1 125 ? -1.257  16.393  2.786   0.60 21.53 ? 525  GLU A OE2   1 
ATOM   1075 O OE2   B GLU A 1 125 ? -2.854  16.648  3.561   0.40 17.36 ? 525  GLU A OE2   1 
ATOM   1076 N N     . ARG A 1 126 ? 2.414   17.302  5.750   1.00 12.50 ? 526  ARG A N     1 
ATOM   1077 C CA    . ARG A 1 126 ? 3.470   17.565  4.773   1.00 12.17 ? 526  ARG A CA    1 
ATOM   1078 C C     . ARG A 1 126 ? 4.658   16.631  4.973   1.00 12.13 ? 526  ARG A C     1 
ATOM   1079 O O     . ARG A 1 126 ? 5.134   16.029  4.004   1.00 11.98 ? 526  ARG A O     1 
ATOM   1080 C CB    . ARG A 1 126 ? 3.899   19.026  4.856   1.00 11.80 ? 526  ARG A CB    1 
ATOM   1081 C CG    . ARG A 1 126 ? 5.184   19.398  4.135   1.00 11.89 ? 526  ARG A CG    1 
ATOM   1082 C CD    . ARG A 1 126 ? 5.193   19.097  2.663   1.00 12.10 ? 526  ARG A CD    1 
ATOM   1083 N NE    . ARG A 1 126 ? 4.176   19.781  1.857   1.00 11.14 ? 526  ARG A NE    1 
ATOM   1084 C CZ    . ARG A 1 126 ? 4.298   21.000  1.353   1.00 10.49 ? 526  ARG A CZ    1 
ATOM   1085 N NH1   . ARG A 1 126 ? 5.371   21.744  1.570   1.00 10.17 ? 526  ARG A NH1   1 
ATOM   1086 N NH2   . ARG A 1 126 ? 3.336   21.489  0.570   1.00 11.02 ? 526  ARG A NH2   1 
ATOM   1087 N N     . GLU A 1 127 ? 5.130   16.501  6.211   1.00 12.14 ? 527  GLU A N     1 
ATOM   1088 C CA    . GLU A 1 127 ? 6.260   15.602  6.484   1.00 12.24 ? 527  GLU A CA    1 
ATOM   1089 C C     . GLU A 1 127 ? 5.911   14.144  6.205   1.00 12.63 ? 527  GLU A C     1 
ATOM   1090 O O     . GLU A 1 127 ? 6.749   13.389  5.703   1.00 13.15 ? 527  GLU A O     1 
ATOM   1091 C CB    . GLU A 1 127 ? 6.769   15.785  7.905   1.00 12.13 ? 527  GLU A CB    1 
ATOM   1092 C CG    . GLU A 1 127 ? 7.384   17.135  8.108   1.00 12.02 ? 527  GLU A CG    1 
ATOM   1093 C CD    . GLU A 1 127 ? 7.984   17.374  9.478   1.00 12.31 ? 527  GLU A CD    1 
ATOM   1094 O OE1   . GLU A 1 127 ? 7.906   16.495  10.361  1.00 14.87 ? 527  GLU A OE1   1 
ATOM   1095 O OE2   . GLU A 1 127 ? 8.548   18.471  9.675   1.00 11.87 ? 527  GLU A OE2   1 
ATOM   1096 N N     . GLY A 1 128 ? 4.665   13.760  6.468   1.00 12.63 ? 528  GLY A N     1 
ATOM   1097 C CA    . GLY A 1 128 ? 4.201   12.410  6.181   1.00 12.66 ? 528  GLY A CA    1 
ATOM   1098 C C     . GLY A 1 128 ? 4.191   12.127  4.697   1.00 13.05 ? 528  GLY A C     1 
ATOM   1099 O O     . GLY A 1 128 ? 4.632   11.065  4.252   1.00 13.88 ? 528  GLY A O     1 
ATOM   1100 N N     . VAL A 1 129 ? 3.684   13.071  3.909   1.00 13.08 ? 529  VAL A N     1 
ATOM   1101 C CA    . VAL A 1 129 ? 3.633   12.897  2.468   1.00 13.16 ? 529  VAL A CA    1 
ATOM   1102 C C     . VAL A 1 129 ? 5.043   12.893  1.895   1.00 13.16 ? 529  VAL A C     1 
ATOM   1103 O O     . VAL A 1 129 ? 5.350   12.102  1.007   1.00 13.54 ? 529  VAL A O     1 
ATOM   1104 C CB    . VAL A 1 129 ? 2.736   13.956  1.789   1.00 13.00 ? 529  VAL A CB    1 
ATOM   1105 C CG1   . VAL A 1 129 ? 2.800   13.853  0.267   1.00 13.32 ? 529  VAL A CG1   1 
ATOM   1106 C CG2   . VAL A 1 129 ? 1.305   13.827  2.295   1.00 12.97 ? 529  VAL A CG2   1 
ATOM   1107 N N     . MET A 1 130 ? 5.931   13.748  2.407   1.00 12.87 ? 530  MET A N     1 
ATOM   1108 C CA    . MET A 1 130 ? 7.336   13.700  1.999   1.00 13.38 ? 530  MET A CA    1 
ATOM   1109 C C     . MET A 1 130 ? 7.907   12.300  2.199   1.00 13.80 ? 530  MET A C     1 
ATOM   1110 O O     . MET A 1 130 ? 8.563   11.753  1.309   1.00 14.44 ? 530  MET A O     1 
ATOM   1111 C CB    . MET A 1 130 ? 8.158   14.719  2.789   1.00 13.29 ? 530  MET A CB    1 
ATOM   1112 C CG    . MET A 1 130 ? 7.923   16.165  2.360   1.00 13.90 ? 530  MET A CG    1 
ATOM   1113 S SD    . MET A 1 130 ? 8.551   17.389  3.541   1.00 12.95 ? 530  MET A SD    1 
ATOM   1114 C CE    . MET A 1 130 ? 10.276  16.894  3.690   1.00 14.65 ? 530  MET A CE    1 
ATOM   1115 N N     . LEU A 1 131 ? 7.657   11.728  3.366   1.00 13.39 ? 531  LEU A N     1 
ATOM   1116 C CA    . LEU A 1 131 ? 8.194   10.408  3.694   1.00 14.03 ? 531  LEU A CA    1 
ATOM   1117 C C     . LEU A 1 131 ? 7.633   9.307   2.801   1.00 13.84 ? 531  LEU A C     1 
ATOM   1118 O O     . LEU A 1 131 ? 8.400   8.507   2.245   1.00 13.63 ? 531  LEU A O     1 
ATOM   1119 C CB    . LEU A 1 131 ? 7.920   10.076  5.159   1.00 13.91 ? 531  LEU A CB    1 
ATOM   1120 C CG    . LEU A 1 131 ? 8.376   8.712   5.654   1.00 15.24 ? 531  LEU A CG    1 
ATOM   1121 C CD1   . LEU A 1 131 ? 9.855   8.496   5.390   1.00 19.70 ? 531  LEU A CD1   1 
ATOM   1122 C CD2   . LEU A 1 131 ? 8.081   8.621   7.133   1.00 16.87 ? 531  LEU A CD2   1 
ATOM   1123 N N     . ILE A 1 132 ? 6.316   9.259   2.625   1.00 13.39 ? 532  ILE A N     1 
ATOM   1124 C CA    . ILE A 1 132 ? 5.733   8.152   1.846   1.00 13.72 ? 532  ILE A CA    1 
ATOM   1125 C C     . ILE A 1 132 ? 6.041   8.296   0.352   1.00 14.27 ? 532  ILE A C     1 
ATOM   1126 O O     . ILE A 1 132 ? 6.192   7.284   -0.332  1.00 13.45 ? 532  ILE A O     1 
ATOM   1127 C CB    . ILE A 1 132 ? 4.222   7.950   2.109   1.00 13.78 ? 532  ILE A CB    1 
ATOM   1128 C CG1   . ILE A 1 132 ? 3.400   9.146   1.597   1.00 14.21 ? 532  ILE A CG1   1 
ATOM   1129 C CG2   . ILE A 1 132 ? 3.996   7.637   3.605   1.00 13.94 ? 532  ILE A CG2   1 
ATOM   1130 C CD1   . ILE A 1 132 ? 1.931   9.135   2.030   1.00 14.88 ? 532  ILE A CD1   1 
ATOM   1131 N N     . LYS A 1 133 ? 6.169   9.520   -0.158  1.00 14.48 ? 533  LYS A N     1 
ATOM   1132 C CA    . LYS A 1 133 ? 6.535   9.708   -1.572  1.00 15.11 ? 533  LYS A CA    1 
ATOM   1133 C C     . LYS A 1 133 ? 7.976   9.282   -1.811  1.00 14.97 ? 533  LYS A C     1 
ATOM   1134 O O     . LYS A 1 133 ? 8.260   8.605   -2.788  1.00 15.22 ? 533  LYS A O     1 
ATOM   1135 C CB    . LYS A 1 133 ? 6.325   11.162  -2.014  1.00 16.18 ? 533  LYS A CB    1 
ATOM   1136 C CG    . LYS A 1 133 ? 6.641   11.441  -3.475  1.00 17.13 ? 533  LYS A CG    1 
ATOM   1137 C CD    . LYS A 1 133 ? 5.739   10.687  -4.443  1.00 18.82 ? 533  LYS A CD    1 
ATOM   1138 C CE    . LYS A 1 133 ? 6.110   11.006  -5.887  1.00 20.79 ? 533  LYS A CE    1 
ATOM   1139 N NZ    . LYS A 1 133 ? 5.380   10.168  -6.867  1.00 22.42 ? 533  LYS A NZ    1 
ATOM   1140 N N     . LYS A 1 134 ? 8.887   9.689   -0.934  1.00 14.93 ? 534  LYS A N     1 
ATOM   1141 C CA    . LYS A 1 134 ? 10.283  9.277   -1.044  1.00 15.20 ? 534  LYS A CA    1 
ATOM   1142 C C     . LYS A 1 134 ? 10.385  7.756   -0.971  1.00 14.81 ? 534  LYS A C     1 
ATOM   1143 O O     . LYS A 1 134 ? 11.123  7.130   -1.740  1.00 15.05 ? 534  LYS A O     1 
ATOM   1144 C CB    . LYS A 1 134 ? 11.138  9.921   0.055   1.00 16.20 ? 534  LYS A CB    1 
ATOM   1145 C CG    . LYS A 1 134 ? 12.610  9.515   0.056   1.00 17.71 ? 534  LYS A CG    1 
ATOM   1146 C CD    . LYS A 1 134 ? 13.313  9.940   -1.205  1.00 22.43 ? 534  LYS A CD    1 
ATOM   1147 C CE    . LYS A 1 134 ? 14.817  9.745   -1.084  1.00 23.67 ? 534  LYS A CE    1 
ATOM   1148 N NZ    . LYS A 1 134 ? 15.565  10.687  -1.943  1.00 27.05 ? 534  LYS A NZ    1 
ATOM   1149 N N     . THR A 1 135 ? 9.636   7.162   -0.048  1.00 14.13 ? 535  THR A N     1 
ATOM   1150 C CA    . THR A 1 135 ? 9.619   5.712   0.101   1.00 14.16 ? 535  THR A CA    1 
ATOM   1151 C C     . THR A 1 135 ? 9.122   5.057   -1.188  1.00 13.84 ? 535  THR A C     1 
ATOM   1152 O O     . THR A 1 135 ? 9.720   4.097   -1.662  1.00 13.10 ? 535  THR A O     1 
ATOM   1153 C CB    . THR A 1 135 ? 8.752   5.294   1.296   1.00 13.81 ? 535  THR A CB    1 
ATOM   1154 O OG1   . THR A 1 135 ? 9.318   5.842   2.495   1.00 15.19 ? 535  THR A OG1   1 
ATOM   1155 C CG2   . THR A 1 135 ? 8.675   3.753   1.420   1.00 13.90 ? 535  THR A CG2   1 
ATOM   1156 N N     . ALA A 1 136 ? 8.042   5.577   -1.763  1.00 13.80 ? 536  ALA A N     1 
ATOM   1157 C CA    . ALA A 1 136 ? 7.514   5.012   -3.007  1.00 14.20 ? 536  ALA A CA    1 
ATOM   1158 C C     . ALA A 1 136 ? 8.540   5.067   -4.133  1.00 14.24 ? 536  ALA A C     1 
ATOM   1159 O O     . ALA A 1 136 ? 8.681   4.119   -4.906  1.00 14.46 ? 536  ALA A O     1 
ATOM   1160 C CB    . ALA A 1 136 ? 6.220   5.707   -3.422  1.00 14.52 ? 536  ALA A CB    1 
ATOM   1161 N N     . GLU A 1 137 ? 9.281   6.172   -4.206  1.00 14.65 ? 537  GLU A N     1 
ATOM   1162 C CA    . GLU A 1 137 ? 10.356  6.304   -5.198  1.00 15.79 ? 537  GLU A CA    1 
ATOM   1163 C C     . GLU A 1 137 ? 11.447  5.261   -4.963  1.00 15.56 ? 537  GLU A C     1 
ATOM   1164 O O     . GLU A 1 137 ? 11.958  4.655   -5.919  1.00 16.37 ? 537  GLU A O     1 
ATOM   1165 C CB    . GLU A 1 137 ? 10.957  7.708   -5.161  1.00 16.13 ? 537  GLU A CB    1 
ATOM   1166 C CG    . GLU A 1 137 ? 9.993   8.809   -5.602  1.00 19.01 ? 537  GLU A CG    1 
ATOM   1167 C CD    . GLU A 1 137 ? 10.400  10.215  -5.134  1.00 20.19 ? 537  GLU A CD    1 
ATOM   1168 O OE1   . GLU A 1 137 ? 11.459  10.377  -4.489  1.00 26.32 ? 537  GLU A OE1   1 
ATOM   1169 O OE2   . GLU A 1 137 ? 9.645   11.168  -5.427  1.00 27.71 ? 537  GLU A OE2   1 
ATOM   1170 N N     . ASN A 1 138 ? 11.792  5.027   -3.700  1.00 15.19 ? 538  ASN A N     1 
ATOM   1171 C CA    . ASN A 1 138 ? 12.786  4.019   -3.352  1.00 15.52 ? 538  ASN A CA    1 
ATOM   1172 C C     . ASN A 1 138 ? 12.323  2.622   -3.745  1.00 14.97 ? 538  ASN A C     1 
ATOM   1173 O O     . ASN A 1 138 ? 13.106  1.817   -4.240  1.00 14.21 ? 538  ASN A O     1 
ATOM   1174 C CB    . ASN A 1 138 ? 13.099  4.021   -1.845  1.00 16.11 ? 538  ASN A CB    1 
ATOM   1175 C CG    . ASN A 1 138 ? 13.752  5.312   -1.362  1.00 19.76 ? 538  ASN A CG    1 
ATOM   1176 O OD1   . ASN A 1 138 ? 14.304  6.084   -2.144  1.00 23.81 ? 538  ASN A OD1   1 
ATOM   1177 N ND2   . ASN A 1 138 ? 13.690  5.541   -0.051  1.00 22.15 ? 538  ASN A ND2   1 
ATOM   1178 N N     . ILE A 1 139 ? 11.049  2.323   -3.517  1.00 14.25 ? 539  ILE A N     1 
ATOM   1179 C CA    . ILE A 1 139 ? 10.514  1.010   -3.887  1.00 14.56 ? 539  ILE A CA    1 
ATOM   1180 C C     . ILE A 1 139 ? 10.406  0.870   -5.413  1.00 14.04 ? 539  ILE A C     1 
ATOM   1181 O O     . ILE A 1 139 ? 10.615  -0.218  -5.958  1.00 14.69 ? 539  ILE A O     1 
ATOM   1182 C CB    . ILE A 1 139 ? 9.164   0.735   -3.187  1.00 14.20 ? 539  ILE A CB    1 
ATOM   1183 C CG1   . ILE A 1 139 ? 9.315   0.835   -1.668  1.00 15.65 ? 539  ILE A CG1   1 
ATOM   1184 C CG2   . ILE A 1 139 ? 8.617   -0.633  -3.578  1.00 14.39 ? 539  ILE A CG2   1 
ATOM   1185 C CD1   . ILE A 1 139 ? 10.398  -0.034  -1.079  1.00 18.64 ? 539  ILE A CD1   1 
ATOM   1186 N N     . ASP A 1 140 ? 10.091  1.959   -6.106  1.00 14.35 ? 540  ASP A N     1 
ATOM   1187 C CA    . ASP A 1 140 ? 10.075  1.946   -7.565  1.00 14.54 ? 540  ASP A CA    1 
ATOM   1188 C C     . ASP A 1 140 ? 11.448  1.537   -8.090  1.00 14.42 ? 540  ASP A C     1 
ATOM   1189 O O     . ASP A 1 140 ? 11.539  0.684   -8.966  1.00 14.40 ? 540  ASP A O     1 
ATOM   1190 C CB    . ASP A 1 140 ? 9.647   3.304   -8.126  1.00 15.20 ? 540  ASP A CB    1 
ATOM   1191 C CG    . ASP A 1 140 ? 9.593   3.320   -9.645  1.00 16.81 ? 540  ASP A CG    1 
ATOM   1192 O OD1   . ASP A 1 140 ? 10.626  3.578   -10.302 1.00 22.57 ? 540  ASP A OD1   1 
ATOM   1193 O OD2   . ASP A 1 140 ? 8.508   3.060   -10.198 1.00 20.30 ? 540  ASP A OD2   1 
ATOM   1194 N N     . GLU A 1 141 ? 12.514  2.120   -7.550  1.00 13.42 ? 541  GLU A N     1 
ATOM   1195 C CA    . GLU A 1 141 ? 13.870  1.700   -7.909  1.00 13.58 ? 541  GLU A CA    1 
ATOM   1196 C C     . GLU A 1 141 ? 14.118  0.234   -7.572  1.00 13.69 ? 541  GLU A C     1 
ATOM   1197 O O     . GLU A 1 141 ? 14.653  -0.511  -8.376  1.00 13.77 ? 541  GLU A O     1 
ATOM   1198 C CB    . GLU A 1 141 ? 14.908  2.561   -7.182  1.00 13.51 ? 541  GLU A CB    1 
ATOM   1199 C CG    . GLU A 1 141 ? 14.973  4.000   -7.675  1.00 13.51 ? 541  GLU A CG    1 
ATOM   1200 C CD    . GLU A 1 141 ? 15.794  4.186   -8.932  1.00 14.73 ? 541  GLU A CD    1 
ATOM   1201 O OE1   . GLU A 1 141 ? 16.362  3.210   -9.442  1.00 14.02 ? 541  GLU A OE1   1 
ATOM   1202 O OE2   . GLU A 1 141 ? 15.876  5.349   -9.389  1.00 20.13 ? 541  GLU A OE2   1 
ATOM   1203 N N     . ALA A 1 142 ? 13.700  -0.185  -6.385  1.00 14.08 ? 542  ALA A N     1 
ATOM   1204 C CA    . ALA A 1 142 ? 13.907  -1.566  -5.946  1.00 14.92 ? 542  ALA A CA    1 
ATOM   1205 C C     . ALA A 1 142 ? 13.153  -2.588  -6.786  1.00 15.33 ? 542  ALA A C     1 
ATOM   1206 O O     . ALA A 1 142 ? 13.635  -3.709  -6.977  1.00 16.60 ? 542  ALA A O     1 
ATOM   1207 C CB    . ALA A 1 142 ? 13.517  -1.710  -4.457  1.00 15.00 ? 542  ALA A CB    1 
ATOM   1208 N N     . ALA A 1 143 ? 11.985  -2.201  -7.291  1.00 15.52 ? 543  ALA A N     1 
ATOM   1209 C CA    . ALA A 1 143 ? 11.085  -3.118  -7.987  1.00 16.33 ? 543  ALA A CA    1 
ATOM   1210 C C     . ALA A 1 143 ? 11.297  -3.160  -9.500  1.00 16.83 ? 543  ALA A C     1 
ATOM   1211 O O     . ALA A 1 143 ? 10.743  -4.018  -10.173 1.00 15.86 ? 543  ALA A O     1 
ATOM   1212 C CB    . ALA A 1 143 ? 9.640   -2.747  -7.676  1.00 16.78 ? 543  ALA A CB    1 
ATOM   1213 N N     . LYS A 1 144 ? 12.106  -2.246  -10.034 1.00 17.28 ? 544  LYS A N     1 
ATOM   1214 C CA    . LYS A 1 144 ? 12.248  -2.081  -11.476 1.00 18.85 ? 544  LYS A CA    1 
ATOM   1215 C C     . LYS A 1 144 ? 12.511  -3.384  -12.206 1.00 18.88 ? 544  LYS A C     1 
ATOM   1216 O O     . LYS A 1 144 ? 11.916  -3.646  -13.261 1.00 19.06 ? 544  LYS A O     1 
ATOM   1217 C CB    . LYS A 1 144 ? 13.401  -1.129  -11.787 1.00 19.14 ? 544  LYS A CB    1 
ATOM   1218 C CG    . LYS A 1 144 ? 13.086  0.322   -11.617 1.00 21.31 ? 544  LYS A CG    1 
ATOM   1219 C CD    . LYS A 1 144 ? 14.056  1.157   -12.403 1.00 21.68 ? 544  LYS A CD    1 
ATOM   1220 C CE    . LYS A 1 144 ? 13.873  2.614   -12.128 1.00 22.41 ? 544  LYS A CE    1 
ATOM   1221 N NZ    . LYS A 1 144 ? 12.440  3.013   -12.280 1.00 26.01 ? 544  LYS A NZ    1 
ATOM   1222 N N     . GLU A 1 145 ? 13.429  -4.184  -11.671 1.00 18.75 ? 545  GLU A N     1 
ATOM   1223 C CA    . GLU A 1 145 ? 13.873  -5.385  -12.361 1.00 19.50 ? 545  GLU A CA    1 
ATOM   1224 C C     . GLU A 1 145 ? 13.327  -6.668  -11.733 1.00 19.96 ? 545  GLU A C     1 
ATOM   1225 O O     . GLU A 1 145 ? 13.827  -7.744  -12.027 1.00 20.33 ? 545  GLU A O     1 
ATOM   1226 C CB    . GLU A 1 145 ? 15.405  -5.427  -12.429 1.00 19.39 ? 545  GLU A CB    1 
ATOM   1227 C CG    . GLU A 1 145 ? 16.059  -4.214  -13.121 1.00 20.15 ? 545  GLU A CG    1 
ATOM   1228 C CD    . GLU A 1 145 ? 15.764  -4.090  -14.620 1.00 22.36 ? 545  GLU A CD    1 
ATOM   1229 O OE1   . GLU A 1 145 ? 15.277  -5.052  -15.259 1.00 22.78 ? 545  GLU A OE1   1 
ATOM   1230 O OE2   . GLU A 1 145 ? 16.043  -3.001  -15.171 1.00 24.69 ? 545  GLU A OE2   1 
ATOM   1231 N N     . LEU A 1 146 ? 12.283  -6.564  -10.908 1.00 20.24 ? 546  LEU A N     1 
ATOM   1232 C CA    . LEU A 1 146 ? 11.654  -7.768  -10.343 1.00 20.95 ? 546  LEU A CA    1 
ATOM   1233 C C     . LEU A 1 146 ? 11.018  -8.611  -11.437 1.00 21.44 ? 546  LEU A C     1 
ATOM   1234 O O     . LEU A 1 146 ? 10.754  -8.150  -12.555 1.00 22.72 ? 546  LEU A O     1 
ATOM   1235 C CB    . LEU A 1 146 ? 10.577  -7.413  -9.325  1.00 21.62 ? 546  LEU A CB    1 
ATOM   1236 C CG    . LEU A 1 146 ? 11.015  -6.734  -8.036  1.00 22.79 ? 546  LEU A CG    1 
ATOM   1237 C CD1   . LEU A 1 146 ? 9.782   -6.390  -7.204  1.00 23.71 ? 546  LEU A CD1   1 
ATOM   1238 C CD2   . LEU A 1 146 ? 11.996  -7.587  -7.234  1.00 24.80 ? 546  LEU A CD2   1 
ATOM   1239 O OXT   . LEU A 1 146 ? 10.749  -9.790  -11.222 1.00 21.20 ? 546  LEU A OXT   1 
HETATM 1240 N N1    . FMN B 2 .   ? -6.631  0.042   0.621   1.00 9.95  ? 1547 FMN A N1    1 
HETATM 1241 C C2    . FMN B 2 .   ? -6.588  0.344   1.955   1.00 9.38  ? 1547 FMN A C2    1 
HETATM 1242 O O2    . FMN B 2 .   ? -7.648  0.576   2.548   1.00 9.99  ? 1547 FMN A O2    1 
HETATM 1243 N N3    . FMN B 2 .   ? -5.359  0.413   2.579   1.00 9.42  ? 1547 FMN A N3    1 
HETATM 1244 C C4    . FMN B 2 .   ? -4.159  0.140   1.972   1.00 9.13  ? 1547 FMN A C4    1 
HETATM 1245 O O4    . FMN B 2 .   ? -3.077  0.301   2.582   1.00 10.42 ? 1547 FMN A O4    1 
HETATM 1246 C C4A   . FMN B 2 .   ? -4.205  -0.180  0.597   1.00 7.94  ? 1547 FMN A C4A   1 
HETATM 1247 N N5    . FMN B 2 .   ? -3.043  -0.476  -0.065  1.00 9.33  ? 1547 FMN A N5    1 
HETATM 1248 C C5A   . FMN B 2 .   ? -3.105  -0.717  -1.436  1.00 8.61  ? 1547 FMN A C5A   1 
HETATM 1249 C C6    . FMN B 2 .   ? -1.917  -0.962  -2.109  1.00 9.02  ? 1547 FMN A C6    1 
HETATM 1250 C C7    . FMN B 2 .   ? -1.921  -1.231  -3.485  1.00 8.42  ? 1547 FMN A C7    1 
HETATM 1251 C C7M   . FMN B 2 .   ? -0.628  -1.300  -4.253  1.00 9.94  ? 1547 FMN A C7M   1 
HETATM 1252 C C8    . FMN B 2 .   ? -3.152  -1.271  -4.129  1.00 9.03  ? 1547 FMN A C8    1 
HETATM 1253 C C8M   . FMN B 2 .   ? -3.208  -1.463  -5.631  1.00 11.89 ? 1547 FMN A C8M   1 
HETATM 1254 C C9    . FMN B 2 .   ? -4.345  -1.033  -3.459  1.00 9.19  ? 1547 FMN A C9    1 
HETATM 1255 C C9A   . FMN B 2 .   ? -4.340  -0.751  -2.080  1.00 8.97  ? 1547 FMN A C9A   1 
HETATM 1256 N N10   . FMN B 2 .   ? -5.518  -0.510  -1.388  1.00 8.93  ? 1547 FMN A N10   1 
HETATM 1257 C C10   . FMN B 2 .   ? -5.457  -0.210  -0.033  1.00 9.07  ? 1547 FMN A C10   1 
HETATM 1258 C "C1'" . FMN B 2 .   ? -6.819  -0.324  -2.098  1.00 9.49  ? 1547 FMN A "C1'" 1 
HETATM 1259 C "C2'" . FMN B 2 .   ? -7.627  -1.613  -2.285  1.00 10.03 ? 1547 FMN A "C2'" 1 
HETATM 1260 O "O2'" . FMN B 2 .   ? -6.800  -2.706  -2.635  1.00 10.60 ? 1547 FMN A "O2'" 1 
HETATM 1261 C "C3'" . FMN B 2 .   ? -8.690  -1.388  -3.372  1.00 9.89  ? 1547 FMN A "C3'" 1 
HETATM 1262 O "O3'" . FMN B 2 .   ? -8.055  -0.891  -4.537  1.00 12.57 ? 1547 FMN A "O3'" 1 
HETATM 1263 C "C4'" . FMN B 2 .   ? -9.774  -0.406  -2.946  1.00 11.61 ? 1547 FMN A "C4'" 1 
HETATM 1264 O "O4'" . FMN B 2 .   ? -10.495 -0.939  -1.851  1.00 11.09 ? 1547 FMN A "O4'" 1 
HETATM 1265 C "C5'" . FMN B 2 .   ? -10.733 -0.039  -4.084  1.00 12.25 ? 1547 FMN A "C5'" 1 
HETATM 1266 O "O5'" . FMN B 2 .   ? -11.162 -1.190  -4.789  1.00 14.15 ? 1547 FMN A "O5'" 1 
HETATM 1267 P P     . FMN B 2 .   ? -12.532 -1.936  -4.437  1.00 16.43 ? 1547 FMN A P     1 
HETATM 1268 O O1P   . FMN B 2 .   ? -12.448 -2.436  -2.999  1.00 16.32 ? 1547 FMN A O1P   1 
HETATM 1269 O O2P   . FMN B 2 .   ? -12.710 -3.071  -5.416  1.00 17.99 ? 1547 FMN A O2P   1 
HETATM 1270 O O3P   . FMN B 2 .   ? -13.658 -0.939  -4.520  1.00 18.25 ? 1547 FMN A O3P   1 
HETATM 1271 C C1    . GOL C 3 .   ? -4.706  14.399  0.850   1.00 54.40 ? 1548 GOL A C1    1 
HETATM 1272 O O1    . GOL C 3 .   ? -5.731  14.122  1.808   1.00 54.87 ? 1548 GOL A O1    1 
HETATM 1273 C C2    . GOL C 3 .   ? -3.323  13.961  1.334   1.00 54.18 ? 1548 GOL A C2    1 
HETATM 1274 O O2    . GOL C 3 .   ? -2.397  15.036  1.166   1.00 54.26 ? 1548 GOL A O2    1 
HETATM 1275 C C3    . GOL C 3 .   ? -3.310  13.543  2.800   1.00 53.99 ? 1548 GOL A C3    1 
HETATM 1276 O O3    . GOL C 3 .   ? -4.142  14.398  3.592   1.00 53.81 ? 1548 GOL A O3    1 
HETATM 1277 C C1    . GOL D 3 .   ? 1.170   17.659  0.881   1.00 29.61 ? 1549 GOL A C1    1 
HETATM 1278 O O1    . GOL D 3 .   ? 1.639   18.436  1.989   1.00 28.76 ? 1549 GOL A O1    1 
HETATM 1279 C C2    . GOL D 3 .   ? 0.055   18.395  0.133   1.00 30.56 ? 1549 GOL A C2    1 
HETATM 1280 O O2    . GOL D 3 .   ? -0.428  19.552  0.822   1.00 32.63 ? 1549 GOL A O2    1 
HETATM 1281 C C3    . GOL D 3 .   ? 0.600   18.857  -1.195  1.00 29.70 ? 1549 GOL A C3    1 
HETATM 1282 O O3    . GOL D 3 .   ? 1.685   19.729  -0.894  1.00 24.31 ? 1549 GOL A O3    1 
HETATM 1283 C C1    . GOL E 3 .   ? -18.972 5.244   5.411   1.00 36.86 ? 1550 GOL A C1    1 
HETATM 1284 O O1    . GOL E 3 .   ? -18.505 5.830   4.178   1.00 35.70 ? 1550 GOL A O1    1 
HETATM 1285 C C2    . GOL E 3 .   ? -18.386 5.989   6.606   1.00 37.28 ? 1550 GOL A C2    1 
HETATM 1286 O O2    . GOL E 3 .   ? -19.092 7.219   6.807   1.00 37.28 ? 1550 GOL A O2    1 
HETATM 1287 C C3    . GOL E 3 .   ? -18.465 5.148   7.872   1.00 37.57 ? 1550 GOL A C3    1 
HETATM 1288 O O3    . GOL E 3 .   ? -17.803 5.834   8.944   1.00 37.33 ? 1550 GOL A O3    1 
HETATM 1289 C C1    . GOL F 3 .   ? -13.944 -5.512  2.243   1.00 54.29 ? 1551 GOL A C1    1 
HETATM 1290 O O1    . GOL F 3 .   ? -14.076 -4.220  1.633   1.00 54.43 ? 1551 GOL A O1    1 
HETATM 1291 C C2    . GOL F 3 .   ? -13.900 -5.391  3.764   1.00 54.29 ? 1551 GOL A C2    1 
HETATM 1292 O O2    . GOL F 3 .   ? -12.677 -4.770  4.174   1.00 54.65 ? 1551 GOL A O2    1 
HETATM 1293 C C3    . GOL F 3 .   ? -15.078 -4.573  4.282   1.00 54.08 ? 1551 GOL A C3    1 
HETATM 1294 O O3    . GOL F 3 .   ? -15.056 -3.251  3.733   1.00 53.76 ? 1551 GOL A O3    1 
HETATM 1295 C C1    . GOL G 3 .   ? -10.279 6.480   19.546  1.00 39.96 ? 1552 GOL A C1    1 
HETATM 1296 O O1    . GOL G 3 .   ? -9.727  5.461   20.388  1.00 39.89 ? 1552 GOL A O1    1 
HETATM 1297 C C2    . GOL G 3 .   ? -11.101 5.843   18.430  1.00 40.60 ? 1552 GOL A C2    1 
HETATM 1298 O O2    . GOL G 3 .   ? -10.421 4.678   17.947  1.00 40.54 ? 1552 GOL A O2    1 
HETATM 1299 C C3    . GOL G 3 .   ? -12.492 5.461   18.934  1.00 40.07 ? 1552 GOL A C3    1 
HETATM 1300 O O3    . GOL G 3 .   ? -12.738 4.078   18.668  1.00 40.21 ? 1552 GOL A O3    1 
HETATM 1301 C C1    . GOL H 3 .   ? -16.636 12.579  -3.645  1.00 30.65 ? 1553 GOL A C1    1 
HETATM 1302 O O1    . GOL H 3 .   ? -15.783 12.743  -4.776  1.00 25.98 ? 1553 GOL A O1    1 
HETATM 1303 C C2    . GOL H 3 .   ? -15.737 12.465  -2.432  1.00 31.88 ? 1553 GOL A C2    1 
HETATM 1304 O O2    . GOL H 3 .   ? -16.548 12.255  -1.274  1.00 34.61 ? 1553 GOL A O2    1 
HETATM 1305 C C3    . GOL H 3 .   ? -14.734 11.331  -2.682  1.00 32.44 ? 1553 GOL A C3    1 
HETATM 1306 O O3    . GOL H 3 .   ? -15.247 10.303  -3.538  1.00 31.99 ? 1553 GOL A O3    1 
HETATM 1307 O O     . HOH I 4 .   ? -7.808  -1.639  19.961  1.00 55.42 ? 2001 HOH A O     1 
HETATM 1308 O O     . HOH I 4 .   ? 4.106   -6.229  -21.720 1.00 48.23 ? 2002 HOH A O     1 
HETATM 1309 O O     . HOH I 4 .   ? 7.489   -11.463 -14.194 1.00 52.54 ? 2003 HOH A O     1 
HETATM 1310 O O     . HOH I 4 .   ? 1.072   10.177  11.355  1.00 31.35 ? 2004 HOH A O     1 
HETATM 1311 O O     . HOH I 4 .   ? 11.241  12.705  4.252   1.00 49.84 ? 2005 HOH A O     1 
HETATM 1312 O O     . HOH I 4 .   ? 2.335   -11.513 18.860  1.00 63.22 ? 2006 HOH A O     1 
HETATM 1313 O O     . HOH I 4 .   ? -5.592  -16.597 -2.993  1.00 48.94 ? 2007 HOH A O     1 
HETATM 1314 O O     . HOH I 4 .   ? -9.034  -3.918  19.094  1.00 51.73 ? 2008 HOH A O     1 
HETATM 1315 O O     . HOH I 4 .   ? 1.773   -7.541  -22.154 1.00 46.76 ? 2009 HOH A O     1 
HETATM 1316 O O     . HOH I 4 .   ? -15.856 -8.092  -0.896  1.00 50.42 ? 2010 HOH A O     1 
HETATM 1317 O O     . HOH I 4 .   ? 9.146   -17.086 7.475   1.00 49.03 ? 2011 HOH A O     1 
HETATM 1318 O O     . HOH I 4 .   ? 4.873   -16.471 11.688  1.00 59.89 ? 2012 HOH A O     1 
HETATM 1319 O O     . HOH I 4 .   ? 3.730   -16.599 6.149   1.00 21.98 ? 2013 HOH A O     1 
HETATM 1320 O O     . HOH I 4 .   ? 6.356   -23.359 0.907   1.00 35.73 ? 2014 HOH A O     1 
HETATM 1321 O O     . HOH I 4 .   ? 6.903   -15.808 7.415   1.00 51.38 ? 2015 HOH A O     1 
HETATM 1322 O O     . HOH I 4 .   ? 6.867   -23.561 7.060   1.00 64.28 ? 2016 HOH A O     1 
HETATM 1323 O O     . HOH I 4 .   ? 14.329  -13.094 5.273   1.00 36.38 ? 2017 HOH A O     1 
HETATM 1324 O O     . HOH I 4 .   ? 11.439  -13.984 6.566   1.00 30.67 ? 2018 HOH A O     1 
HETATM 1325 O O     . HOH I 4 .   ? 13.570  -15.359 0.861   1.00 39.78 ? 2019 HOH A O     1 
HETATM 1326 O O     . HOH I 4 .   ? 11.406  -9.124  -3.879  1.00 41.75 ? 2020 HOH A O     1 
HETATM 1327 O O     . HOH I 4 .   ? 15.873  -11.976 -1.714  1.00 28.37 ? 2021 HOH A O     1 
HETATM 1328 O O     . HOH I 4 .   ? 14.605  -8.798  -3.262  1.00 23.16 ? 2022 HOH A O     1 
HETATM 1329 O O     . HOH I 4 .   ? 12.621  -4.974  7.751   1.00 22.01 ? 2023 HOH A O     1 
HETATM 1330 O O     . HOH I 4 .   ? 15.518  -9.173  9.243   1.00 62.02 ? 2024 HOH A O     1 
HETATM 1331 O O     . HOH I 4 .   ? 10.249  -4.223  6.698   1.00 17.80 ? 2025 HOH A O     1 
HETATM 1332 O O     . HOH I 4 .   ? 17.811  -2.097  10.652  1.00 44.26 ? 2026 HOH A O     1 
HETATM 1333 O O     . HOH I 4 .   ? 13.372  2.958   7.443   1.00 70.57 ? 2027 HOH A O     1 
HETATM 1334 O O     . HOH I 4 .   ? 15.614  2.100   5.879   1.00 60.89 ? 2028 HOH A O     1 
HETATM 1335 O O     . HOH I 4 .   ? 13.538  7.479   4.243   1.00 50.21 ? 2029 HOH A O     1 
HETATM 1336 O O     . HOH I 4 .   ? 6.964   2.786   7.028   1.00 25.21 ? 2030 HOH A O     1 
HETATM 1337 O O     . HOH I 4 .   ? 2.296   -7.311  -14.320 1.00 19.46 ? 2031 HOH A O     1 
HETATM 1338 O O     . HOH I 4 .   ? 2.093   -10.786 -14.274 1.00 29.52 ? 2032 HOH A O     1 
HETATM 1339 O O     . HOH I 4 .   ? -6.561  -4.981  -12.323 1.00 49.04 ? 2033 HOH A O     1 
HETATM 1340 O O     . HOH I 4 .   ? -4.400  -4.697  -15.883 1.00 49.21 ? 2034 HOH A O     1 
HETATM 1341 O O     . HOH I 4 .   ? 3.216   -9.894  -17.633 1.00 48.22 ? 2035 HOH A O     1 
HETATM 1342 O O     . HOH I 4 .   ? -9.243  -7.330  -11.968 1.00 44.05 ? 2036 HOH A O     1 
HETATM 1343 O O     . HOH I 4 .   ? -8.725  -10.661 -3.322  1.00 24.53 ? 2037 HOH A O     1 
HETATM 1344 O O     . HOH I 4 .   ? -9.369  -5.317  -8.218  1.00 45.98 ? 2038 HOH A O     1 
HETATM 1345 O O     . HOH I 4 .   ? -4.870  -4.685  -3.847  1.00 15.09 ? 2039 HOH A O     1 
HETATM 1346 O O     . HOH I 4 .   ? 9.320   -12.424 7.116   1.00 23.26 ? 2040 HOH A O     1 
HETATM 1347 O O     . HOH I 4 .   ? 13.056  -7.632  8.504   1.00 27.25 ? 2041 HOH A O     1 
HETATM 1348 O O     . HOH I 4 .   ? 12.368  -11.507 7.636   1.00 35.43 ? 2042 HOH A O     1 
HETATM 1349 O O     . HOH I 4 .   ? 6.934   -4.220  15.956  1.00 33.06 ? 2043 HOH A O     1 
HETATM 1350 O O     . HOH I 4 .   ? 8.525   -8.673  11.196  1.00 49.65 ? 2044 HOH A O     1 
HETATM 1351 O O     . HOH I 4 .   ? 2.322   -7.197  14.898  1.00 35.38 ? 2045 HOH A O     1 
HETATM 1352 O O     . HOH I 4 .   ? -0.165  -2.458  14.850  1.00 27.27 ? 2046 HOH A O     1 
HETATM 1353 O O     . HOH I 4 .   ? -0.817  -13.362 12.607  1.00 36.44 ? 2047 HOH A O     1 
HETATM 1354 O O     . HOH I 4 .   ? -7.473  -6.098  8.335   1.00 14.99 ? 2048 HOH A O     1 
HETATM 1355 O O     . HOH I 4 .   ? -8.492  -10.281 6.852   1.00 40.19 ? 2049 HOH A O     1 
HETATM 1356 O O     . HOH I 4 .   ? 3.019   -10.607 11.969  1.00 38.71 ? 2050 HOH A O     1 
HETATM 1357 O O     . HOH I 4 .   ? -0.022  -18.187 8.077   1.00 42.21 ? 2051 HOH A O     1 
HETATM 1358 O O     . HOH I 4 .   ? 5.022   -14.193 7.632   1.00 23.38 ? 2052 HOH A O     1 
HETATM 1359 O O     . HOH I 4 .   ? -3.583  -18.699 3.215   1.00 49.27 ? 2053 HOH A O     1 
HETATM 1360 O O     . HOH I 4 .   ? -0.444  -17.761 0.452   1.00 43.75 ? 2054 HOH A O     1 
HETATM 1361 O O     . HOH I 4 .   ? -0.372  -22.639 5.966   1.00 50.08 ? 2055 HOH A O     1 
HETATM 1362 O O     . HOH I 4 .   ? -5.718  -16.962 8.606   1.00 41.67 ? 2056 HOH A O     1 
HETATM 1363 O O     . HOH I 4 .   ? -0.953  -17.396 -2.109  1.00 49.08 ? 2057 HOH A O     1 
HETATM 1364 O O     . HOH I 4 .   ? -3.423  -15.612 1.204   1.00 24.31 ? 2058 HOH A O     1 
HETATM 1365 O O     . HOH I 4 .   ? -5.689  -13.546 -6.643  1.00 41.03 ? 2059 HOH A O     1 
HETATM 1366 O O     . HOH I 4 .   ? -6.779  -13.831 7.266   1.00 46.02 ? 2060 HOH A O     1 
HETATM 1367 O O     . HOH I 4 .   ? -9.096  -9.240  0.233   1.00 32.22 ? 2061 HOH A O     1 
HETATM 1368 O O     . HOH I 4 .   ? -11.479 -9.043  -0.670  1.00 30.99 ? 2062 HOH A O     1 
HETATM 1369 O O     . HOH I 4 .   ? -11.078 -7.607  6.715   1.00 33.81 ? 2063 HOH A O     1 
HETATM 1370 O O     . HOH I 4 .   ? -12.535 -4.899  9.059   1.00 48.92 ? 2064 HOH A O     1 
HETATM 1371 O O     . HOH I 4 .   ? -15.208 -0.576  4.745   1.00 16.62 ? 2065 HOH A O     1 
HETATM 1372 O O     . HOH I 4 .   ? -13.354 7.771   8.474   1.00 28.81 ? 2066 HOH A O     1 
HETATM 1373 O O     . HOH I 4 .   ? -15.592 5.404   16.914  1.00 51.88 ? 2067 HOH A O     1 
HETATM 1374 O O     . HOH I 4 .   ? -17.497 2.184   6.000   1.00 19.28 ? 2068 HOH A O     1 
HETATM 1375 O O     . HOH I 4 .   ? -11.525 6.827   6.731   1.00 11.13 ? 2069 HOH A O     1 
HETATM 1376 O O     . HOH I 4 .   ? -14.924 12.063  2.611   1.00 40.18 ? 2070 HOH A O     1 
HETATM 1377 O O     . HOH I 4 .   ? -12.324 10.947  6.072   1.00 29.96 ? 2071 HOH A O     1 
HETATM 1378 O O     . HOH I 4 .   ? -18.160 8.639   2.652   1.00 27.76 ? 2072 HOH A O     1 
HETATM 1379 O O     . HOH I 4 .   ? -16.925 8.942   7.059   1.00 45.28 ? 2073 HOH A O     1 
HETATM 1380 O O     . HOH I 4 .   ? -16.089 2.853   -2.415  1.00 40.85 ? 2074 HOH A O     1 
HETATM 1381 O O     . HOH I 4 .   ? -12.577 11.401  1.074   1.00 22.42 ? 2075 HOH A O     1 
HETATM 1382 O O     . HOH I 4 .   ? -8.173  9.610   -7.584  1.00 16.58 ? 2076 HOH A O     1 
HETATM 1383 O O     . HOH I 4 .   ? -7.599  -3.446  -9.009  1.00 35.40 ? 2077 HOH A O     1 
HETATM 1384 O O     . HOH I 4 .   ? -15.759 6.947   -9.044  1.00 25.98 ? 2078 HOH A O     1 
HETATM 1385 O O     . HOH I 4 .   ? -13.076 4.297   -11.534 1.00 34.85 ? 2079 HOH A O     1 
HETATM 1386 O O     . HOH I 4 .   ? -15.470 4.160   -8.551  1.00 32.36 ? 2080 HOH A O     1 
HETATM 1387 O O     . HOH I 4 .   ? -15.758 9.036   -10.381 1.00 39.17 ? 2081 HOH A O     1 
HETATM 1388 O O     . HOH I 4 .   ? -5.421  -0.364  -13.766 1.00 27.65 ? 2082 HOH A O     1 
HETATM 1389 O O     . HOH I 4 .   ? -7.805  8.291   -18.036 1.00 41.72 ? 2083 HOH A O     1 
HETATM 1390 O O     . HOH I 4 .   ? -12.534 6.645   -13.175 1.00 46.14 ? 2084 HOH A O     1 
HETATM 1391 O O     . HOH I 4 .   ? -0.323  0.646   -18.658 1.00 22.94 ? 2085 HOH A O     1 
HETATM 1392 O O     . HOH I 4 .   ? -1.290  11.653  -13.400 1.00 35.95 ? 2086 HOH A O     1 
HETATM 1393 O O     . HOH I 4 .   ? 0.146   9.974   -11.718 1.00 24.24 ? 2087 HOH A O     1 
HETATM 1394 O O     . HOH I 4 .   ? -0.140  13.356  -9.682  1.00 55.19 ? 2088 HOH A O     1 
HETATM 1395 O O     . HOH I 4 .   ? -5.606  10.572  -8.121  1.00 21.69 ? 2089 HOH A O     1 
HETATM 1396 O O     . HOH I 4 .   ? -3.030  11.728  -9.918  1.00 39.13 ? 2090 HOH A O     1 
HETATM 1397 O O     . HOH I 4 .   ? -0.419  11.669  -4.977  1.00 18.23 ? 2091 HOH A O     1 
HETATM 1398 O O     . HOH I 4 .   ? -10.828 8.998   5.011   1.00 12.62 ? 2092 HOH A O     1 
HETATM 1399 O O     . HOH I 4 .   ? -7.843  11.819  2.111   1.00 17.22 ? 2093 HOH A O     1 
HETATM 1400 O O     . HOH I 4 .   ? -3.122  9.888   9.290   1.00 16.19 ? 2094 HOH A O     1 
HETATM 1401 O O     . HOH I 4 .   ? -14.724 0.271   14.082  1.00 22.83 ? 2095 HOH A O     1 
HETATM 1402 O O     . HOH I 4 .   ? -12.680 -3.339  15.361  1.00 44.49 ? 2096 HOH A O     1 
HETATM 1403 O O     . HOH I 4 .   ? -11.154 6.289   14.792  1.00 34.27 ? 2097 HOH A O     1 
HETATM 1404 O O     . HOH I 4 .   ? -8.991  0.374   17.666  1.00 24.75 ? 2098 HOH A O     1 
HETATM 1405 O O     . HOH I 4 .   ? 7.988   8.111   -8.168  1.00 35.23 ? 2099 HOH A O     1 
HETATM 1406 O O     . HOH I 4 .   ? 4.156   6.459   -11.269 1.00 38.10 ? 2100 HOH A O     1 
HETATM 1407 O O     . HOH I 4 .   ? 10.664  2.629   -15.831 1.00 62.07 ? 2101 HOH A O     1 
HETATM 1408 O O     . HOH I 4 .   ? 5.090   -3.693  -21.812 1.00 28.44 ? 2102 HOH A O     1 
HETATM 1409 O O     . HOH I 4 .   ? 3.864   -4.224  -18.090 1.00 41.71 ? 2103 HOH A O     1 
HETATM 1410 O O     . HOH I 4 .   ? 6.460   -5.618  -18.181 1.00 43.91 ? 2104 HOH A O     1 
HETATM 1411 O O     . HOH I 4 .   ? 14.335  -2.410  -24.592 1.00 27.58 ? 2105 HOH A O     1 
HETATM 1412 O O     . HOH I 4 .   ? 11.207  -2.865  -18.080 1.00 33.50 ? 2106 HOH A O     1 
HETATM 1413 O O     . HOH I 4 .   ? 4.250   2.138   -24.980 1.00 32.32 ? 2107 HOH A O     1 
HETATM 1414 O O     . HOH I 4 .   ? 3.022   -0.231  -24.913 1.00 36.38 ? 2108 HOH A O     1 
HETATM 1415 O O     . HOH I 4 .   ? -0.089  1.305   -21.225 1.00 32.46 ? 2109 HOH A O     1 
HETATM 1416 O O     . HOH I 4 .   ? 0.364   -3.322  -20.510 1.00 55.50 ? 2110 HOH A O     1 
HETATM 1417 O O     . HOH I 4 .   ? 5.444   -9.834  -13.455 1.00 57.85 ? 2111 HOH A O     1 
HETATM 1418 O O     . HOH I 4 .   ? 5.976   4.388   5.393   1.00 48.86 ? 2112 HOH A O     1 
HETATM 1419 O O     . HOH I 4 .   ? -0.534  8.947   9.554   1.00 19.00 ? 2113 HOH A O     1 
HETATM 1420 O O     . HOH I 4 .   ? -0.437  2.037   14.244  1.00 30.14 ? 2114 HOH A O     1 
HETATM 1421 O O     . HOH I 4 .   ? 5.050   5.283   11.861  1.00 56.92 ? 2115 HOH A O     1 
HETATM 1422 O O     . HOH I 4 .   ? 2.788   8.503   12.360  1.00 35.19 ? 2116 HOH A O     1 
HETATM 1423 O O     . HOH I 4 .   ? -1.021  10.307  13.630  1.00 39.05 ? 2117 HOH A O     1 
HETATM 1424 O O     . HOH I 4 .   ? 0.425   8.772   15.673  1.00 39.26 ? 2118 HOH A O     1 
HETATM 1425 O O     . HOH I 4 .   ? -6.464  5.554   15.322  1.00 36.44 ? 2119 HOH A O     1 
HETATM 1426 O O     . HOH I 4 .   ? -7.120  15.408  13.534  1.00 46.04 ? 2120 HOH A O     1 
HETATM 1427 O O     . HOH I 4 .   ? -6.558  16.934  10.849  1.00 31.10 ? 2121 HOH A O     1 
HETATM 1428 O O     . HOH I 4 .   ? -8.135  12.353  13.783  1.00 24.21 ? 2122 HOH A O     1 
HETATM 1429 O O     . HOH I 4 .   ? -8.086  13.646  4.253   1.00 34.16 ? 2123 HOH A O     1 
HETATM 1430 O O     . HOH I 4 .   ? -5.111  17.243  13.110  1.00 57.88 ? 2124 HOH A O     1 
HETATM 1431 O O     . HOH I 4 .   ? -5.526  19.300  16.505  1.00 64.50 ? 2125 HOH A O     1 
HETATM 1432 O O     . HOH I 4 .   ? -1.587  17.185  12.346  1.00 25.78 ? 2126 HOH A O     1 
HETATM 1433 O O     . HOH I 4 .   ? -0.744  24.127  5.848   1.00 34.86 ? 2127 HOH A O     1 
HETATM 1434 O O     . HOH I 4 .   ? -2.358  25.968  7.423   1.00 57.56 ? 2128 HOH A O     1 
HETATM 1435 O O     . HOH I 4 .   ? 4.175   13.168  10.095  1.00 37.13 ? 2129 HOH A O     1 
HETATM 1436 O O     . HOH I 4 .   ? 0.399   20.080  4.678   1.00 22.91 ? 2130 HOH A O     1 
HETATM 1437 O O     . HOH I 4 .   ? -1.913  21.608  4.475   1.00 38.29 ? 2131 HOH A O     1 
HETATM 1438 O O     . HOH I 4 .   ? -3.447  20.343  6.076   1.00 27.53 ? 2132 HOH A O     1 
HETATM 1439 O O     . HOH I 4 .   ? 9.487   13.538  6.376   1.00 29.92 ? 2133 HOH A O     1 
HETATM 1440 O O     . HOH I 4 .   ? 5.724   14.985  11.401  1.00 45.29 ? 2134 HOH A O     1 
HETATM 1441 O O     . HOH I 4 .   ? 4.197   -14.299 10.232  1.00 62.58 ? 2135 HOH A O     1 
HETATM 1442 O O     . HOH I 4 .   ? 14.653  -14.273 -2.305  1.00 48.03 ? 2136 HOH A O     1 
HETATM 1443 O O     . HOH I 4 .   ? 15.129  9.192   -4.217  1.00 63.98 ? 2137 HOH A O     1 
HETATM 1444 O O     . HOH I 4 .   ? 8.989   10.622  -8.354  1.00 62.11 ? 2138 HOH A O     1 
HETATM 1445 O O     . HOH I 4 .   ? 9.272   13.268  -3.813  1.00 69.44 ? 2139 HOH A O     1 
HETATM 1446 O O     . HOH I 4 .   ? 13.032  3.528   1.733   1.00 29.59 ? 2140 HOH A O     1 
HETATM 1447 O O     . HOH I 4 .   ? 15.152  6.633   -5.027  1.00 30.68 ? 2141 HOH A O     1 
HETATM 1448 O O     . HOH I 4 .   ? 3.869   -12.425 -19.760 1.00 59.16 ? 2142 HOH A O     1 
HETATM 1449 O O     . HOH I 4 .   ? 6.291   3.714   -9.029  1.00 22.54 ? 2143 HOH A O     1 
HETATM 1450 O O     . HOH I 4 .   ? 7.703   3.626   -12.769 1.00 24.33 ? 2144 HOH A O     1 
HETATM 1451 O O     . HOH I 4 .   ? 17.007  -2.402  -8.146  1.00 31.45 ? 2145 HOH A O     1 
HETATM 1452 O O     . HOH I 4 .   ? 15.409  7.412   -7.834  1.00 38.12 ? 2146 HOH A O     1 
HETATM 1453 O O     . HOH I 4 .   ? 16.429  0.521   -9.955  1.00 33.96 ? 2147 HOH A O     1 
HETATM 1454 O O     . HOH I 4 .   ? 15.635  -4.603  -5.210  1.00 40.19 ? 2148 HOH A O     1 
HETATM 1455 O O     . HOH I 4 .   ? 14.926  -4.522  -9.261  1.00 33.59 ? 2149 HOH A O     1 
HETATM 1456 O O     . HOH I 4 .   ? 1.511   -9.428  16.182  1.00 60.58 ? 2150 HOH A O     1 
HETATM 1457 O O     . HOH I 4 .   ? 1.451   -7.814  18.334  1.00 59.18 ? 2151 HOH A O     1 
HETATM 1458 O O     . HOH I 4 .   ? 4.210   -2.807  15.820  1.00 60.64 ? 2152 HOH A O     1 
HETATM 1459 O O     . HOH I 4 .   ? 6.003   -7.132  17.745  1.00 65.31 ? 2153 HOH A O     1 
HETATM 1460 O O     . HOH I 4 .   ? 10.244  -2.796  -15.292 1.00 36.14 ? 2154 HOH A O     1 
HETATM 1461 O O     . HOH I 4 .   ? 14.519  -7.643  -15.075 1.00 49.75 ? 2155 HOH A O     1 
HETATM 1462 O O     . HOH I 4 .   ? 18.909  -2.507  -15.011 1.00 37.23 ? 2156 HOH A O     1 
HETATM 1463 O O     . HOH I 4 .   ? 16.590  -0.547  -14.083 1.00 34.22 ? 2157 HOH A O     1 
HETATM 1464 O O     . HOH I 4 .   ? 13.355  -4.527  -17.478 1.00 46.59 ? 2158 HOH A O     1 
HETATM 1465 O O     . HOH I 4 .   ? 10.347  -12.048 -12.577 1.00 26.60 ? 2159 HOH A O     1 
HETATM 1466 O O     . HOH I 4 .   ? 10.799  -6.156  -14.156 1.00 24.14 ? 2160 HOH A O     1 
HETATM 1467 O O     . HOH I 4 .   ? -2.572  -16.799 -4.455  1.00 39.25 ? 2161 HOH A O     1 
HETATM 1468 O O     . HOH I 4 .   ? -13.470 -2.200  -0.603  1.00 21.16 ? 2162 HOH A O     1 
HETATM 1469 O O     . HOH I 4 .   ? -15.047 -4.546  -5.291  1.00 39.77 ? 2163 HOH A O     1 
HETATM 1470 O O     . HOH I 4 .   ? -14.910 -0.757  -7.113  1.00 29.28 ? 2164 HOH A O     1 
HETATM 1471 O O     . HOH I 4 .   ? -7.143  -2.825  -6.628  1.00 14.00 ? 2165 HOH A O     1 
HETATM 1472 O O     . HOH I 4 .   ? -18.206 -0.125  4.809   1.00 29.26 ? 2166 HOH A O     1 
HETATM 1473 O O     . HOH I 4 .   ? -12.884 9.485   10.763  1.00 61.77 ? 2167 HOH A O     1 
HETATM 1474 O O     . HOH I 4 .   ? -8.876  9.507   -10.246 1.00 42.55 ? 2168 HOH A O     1 
HETATM 1475 O O     . HOH I 4 .   ? -19.015 4.064   11.137  1.00 32.67 ? 2169 HOH A O     1 
HETATM 1476 O O     . HOH I 4 .   ? -18.255 8.427   9.392   1.00 61.20 ? 2170 HOH A O     1 
HETATM 1477 O O     . HOH I 4 .   ? -15.387 -4.111  -0.952  1.00 60.99 ? 2171 HOH A O     1 
HETATM 1478 O O     . HOH I 4 .   ? -7.443  2.855   20.411  1.00 49.38 ? 2172 HOH A O     1 
HETATM 1479 O O     . HOH I 4 .   ? -13.878 1.660   18.306  1.00 63.92 ? 2173 HOH A O     1 
# 
loop_
_pdbx_poly_seq_scheme.asym_id 
_pdbx_poly_seq_scheme.entity_id 
_pdbx_poly_seq_scheme.seq_id 
_pdbx_poly_seq_scheme.mon_id 
_pdbx_poly_seq_scheme.ndb_seq_num 
_pdbx_poly_seq_scheme.pdb_seq_num 
_pdbx_poly_seq_scheme.auth_seq_num 
_pdbx_poly_seq_scheme.pdb_mon_id 
_pdbx_poly_seq_scheme.auth_mon_id 
_pdbx_poly_seq_scheme.pdb_strand_id 
_pdbx_poly_seq_scheme.pdb_ins_code 
_pdbx_poly_seq_scheme.hetero 
A 1 1   GLY 1   401 401 GLY GLY A . n 
A 1 2   GLU 2   402 402 GLU GLU A . n 
A 1 3   PHE 3   403 403 PHE PHE A . n 
A 1 4   LEU 4   404 404 LEU LEU A . n 
A 1 5   ALA 5   405 405 ALA ALA A . n 
A 1 6   THR 6   406 406 THR THR A . n 
A 1 7   THR 7   407 407 THR THR A . n 
A 1 8   LEU 8   408 408 LEU LEU A . n 
A 1 9   GLU 9   409 409 GLU GLU A . n 
A 1 10  ARG 10  410 410 ARG ARG A . n 
A 1 11  ILE 11  411 411 ILE ILE A . n 
A 1 12  GLU 12  412 412 GLU GLU A . n 
A 1 13  LYS 13  413 413 LYS LYS A . n 
A 1 14  ASN 14  414 414 ASN ASN A . n 
A 1 15  PHE 15  415 415 PHE PHE A . n 
A 1 16  VAL 16  416 416 VAL VAL A . n 
A 1 17  ILE 17  417 417 ILE ILE A . n 
A 1 18  THR 18  418 418 THR THR A . n 
A 1 19  ASP 19  419 419 ASP ASP A . n 
A 1 20  PRO 20  420 420 PRO PRO A . n 
A 1 21  ARG 21  421 421 ARG ARG A . n 
A 1 22  LEU 22  422 422 LEU LEU A . n 
A 1 23  PRO 23  423 423 PRO PRO A . n 
A 1 24  ASP 24  424 424 ASP ASP A . n 
A 1 25  ASN 25  425 425 ASN ASN A . n 
A 1 26  PRO 26  426 426 PRO PRO A . n 
A 1 27  ILE 27  427 427 ILE ILE A . n 
A 1 28  ILE 28  428 428 ILE ILE A . n 
A 1 29  PHE 29  429 429 PHE PHE A . n 
A 1 30  ALA 30  430 430 ALA ALA A . n 
A 1 31  SER 31  431 431 SER SER A . n 
A 1 32  ASP 32  432 432 ASP ASP A . n 
A 1 33  SER 33  433 433 SER SER A . n 
A 1 34  PHE 34  434 434 PHE PHE A . n 
A 1 35  LEU 35  435 435 LEU LEU A . n 
A 1 36  GLN 36  436 436 GLN GLN A . n 
A 1 37  LEU 37  437 437 LEU LEU A . n 
A 1 38  THR 38  438 438 THR THR A . n 
A 1 39  GLU 39  439 439 GLU GLU A . n 
A 1 40  TYR 40  440 440 TYR TYR A . n 
A 1 41  SER 41  441 441 SER SER A . n 
A 1 42  ARG 42  442 442 ARG ARG A . n 
A 1 43  GLU 43  443 443 GLU GLU A . n 
A 1 44  GLU 44  444 444 GLU GLU A . n 
A 1 45  ILE 45  445 445 ILE ILE A . n 
A 1 46  LEU 46  446 446 LEU LEU A . n 
A 1 47  GLY 47  447 447 GLY GLY A . n 
A 1 48  ARG 48  448 448 ARG ARG A . n 
A 1 49  ASN 49  449 449 ASN ASN A . n 
A 1 50  CYS 50  450 450 CYS CYS A . n 
A 1 51  ARG 51  451 451 ARG ARG A . n 
A 1 52  PHE 52  452 452 PHE PHE A . n 
A 1 53  LEU 53  453 453 LEU LEU A . n 
A 1 54  GLN 54  454 454 GLN GLN A . n 
A 1 55  GLY 55  455 455 GLY GLY A . n 
A 1 56  PRO 56  456 456 PRO PRO A . n 
A 1 57  GLU 57  457 457 GLU GLU A . n 
A 1 58  THR 58  458 458 THR THR A . n 
A 1 59  ASP 59  459 459 ASP ASP A . n 
A 1 60  ARG 60  460 460 ARG ARG A . n 
A 1 61  ALA 61  461 461 ALA ALA A . n 
A 1 62  THR 62  462 462 THR THR A . n 
A 1 63  VAL 63  463 463 VAL VAL A . n 
A 1 64  ARG 64  464 464 ARG ARG A . n 
A 1 65  LYS 65  465 465 LYS LYS A . n 
A 1 66  ILE 66  466 466 ILE ILE A . n 
A 1 67  ARG 67  467 467 ARG ARG A . n 
A 1 68  ASP 68  468 468 ASP ASP A . n 
A 1 69  ALA 69  469 469 ALA ALA A . n 
A 1 70  ILE 70  470 470 ILE ILE A . n 
A 1 71  ASP 71  471 471 ASP ASP A . n 
A 1 72  ASN 72  472 472 ASN ASN A . n 
A 1 73  GLN 73  473 473 GLN GLN A . n 
A 1 74  THR 74  474 474 THR THR A . n 
A 1 75  GLU 75  475 475 GLU GLU A . n 
A 1 76  VAL 76  476 476 VAL VAL A . n 
A 1 77  THR 77  477 477 THR THR A . n 
A 1 78  VAL 78  478 478 VAL VAL A . n 
A 1 79  GLN 79  479 479 GLN GLN A . n 
A 1 80  LEU 80  480 480 LEU LEU A . n 
A 1 81  ILE 81  481 481 ILE ILE A . n 
A 1 82  ASN 82  482 482 ASN ASN A . n 
A 1 83  TYR 83  483 483 TYR TYR A . n 
A 1 84  THR 84  484 484 THR THR A . n 
A 1 85  LYS 85  485 485 LYS LYS A . n 
A 1 86  SER 86  486 486 SER SER A . n 
A 1 87  GLY 87  487 487 GLY GLY A . n 
A 1 88  LYS 88  488 488 LYS LYS A . n 
A 1 89  LYS 89  489 489 LYS LYS A . n 
A 1 90  PHE 90  490 490 PHE PHE A . n 
A 1 91  TRP 91  491 491 TRP TRP A . n 
A 1 92  ASN 92  492 492 ASN ASN A . n 
A 1 93  LEU 93  493 493 LEU LEU A . n 
A 1 94  PHE 94  494 494 PHE PHE A . n 
A 1 95  HIS 95  495 495 HIS HIS A . n 
A 1 96  LEU 96  496 496 LEU LEU A . n 
A 1 97  GLN 97  497 497 GLN GLN A . n 
A 1 98  PRO 98  498 498 PRO PRO A . n 
A 1 99  MET 99  499 499 MET MET A . n 
A 1 100 ARG 100 500 500 ARG ARG A . n 
A 1 101 ASP 101 501 501 ASP ASP A . n 
A 1 102 GLN 102 502 502 GLN GLN A . n 
A 1 103 LYS 103 503 503 LYS LYS A . n 
A 1 104 GLY 104 504 504 GLY GLY A . n 
A 1 105 ASP 105 505 505 ASP ASP A . n 
A 1 106 VAL 106 506 506 VAL VAL A . n 
A 1 107 GLN 107 507 507 GLN GLN A . n 
A 1 108 TYR 108 508 508 TYR TYR A . n 
A 1 109 PHE 109 509 509 PHE PHE A . n 
A 1 110 ILE 110 510 510 ILE ILE A . n 
A 1 111 GLY 111 511 511 GLY GLY A . n 
A 1 112 VAL 112 512 512 VAL VAL A . n 
A 1 113 GLN 113 513 513 GLN GLN A . n 
A 1 114 LEU 114 514 514 LEU LEU A . n 
A 1 115 ASP 115 515 515 ASP ASP A . n 
A 1 116 GLY 116 516 516 GLY GLY A . n 
A 1 117 THR 117 517 517 THR THR A . n 
A 1 118 GLU 118 518 518 GLU GLU A . n 
A 1 119 HIS 119 519 519 HIS HIS A . n 
A 1 120 VAL 120 520 520 VAL VAL A . n 
A 1 121 ARG 121 521 521 ARG ARG A . n 
A 1 122 ASP 122 522 522 ASP ASP A . n 
A 1 123 ALA 123 523 523 ALA ALA A . n 
A 1 124 ALA 124 524 524 ALA ALA A . n 
A 1 125 GLU 125 525 525 GLU GLU A . n 
A 1 126 ARG 126 526 526 ARG ARG A . n 
A 1 127 GLU 127 527 527 GLU GLU A . n 
A 1 128 GLY 128 528 528 GLY GLY A . n 
A 1 129 VAL 129 529 529 VAL VAL A . n 
A 1 130 MET 130 530 530 MET MET A . n 
A 1 131 LEU 131 531 531 LEU LEU A . n 
A 1 132 ILE 132 532 532 ILE ILE A . n 
A 1 133 LYS 133 533 533 LYS LYS A . n 
A 1 134 LYS 134 534 534 LYS LYS A . n 
A 1 135 THR 135 535 535 THR THR A . n 
A 1 136 ALA 136 536 536 ALA ALA A . n 
A 1 137 GLU 137 537 537 GLU GLU A . n 
A 1 138 ASN 138 538 538 ASN ASN A . n 
A 1 139 ILE 139 539 539 ILE ILE A . n 
A 1 140 ASP 140 540 540 ASP ASP A . n 
A 1 141 GLU 141 541 541 GLU GLU A . n 
A 1 142 ALA 142 542 542 ALA ALA A . n 
A 1 143 ALA 143 543 543 ALA ALA A . n 
A 1 144 LYS 144 544 544 LYS LYS A . n 
A 1 145 GLU 145 545 545 GLU GLU A . n 
A 1 146 LEU 146 546 546 LEU LEU A . n 
# 
loop_
_pdbx_nonpoly_scheme.asym_id 
_pdbx_nonpoly_scheme.entity_id 
_pdbx_nonpoly_scheme.mon_id 
_pdbx_nonpoly_scheme.ndb_seq_num 
_pdbx_nonpoly_scheme.pdb_seq_num 
_pdbx_nonpoly_scheme.auth_seq_num 
_pdbx_nonpoly_scheme.pdb_mon_id 
_pdbx_nonpoly_scheme.auth_mon_id 
_pdbx_nonpoly_scheme.pdb_strand_id 
_pdbx_nonpoly_scheme.pdb_ins_code 
B 2 FMN 1   1547 1547 FMN FMN A . 
C 3 GOL 1   1548 1548 GOL GOL A . 
D 3 GOL 1   1549 1549 GOL GOL A . 
E 3 GOL 1   1550 1550 GOL GOL A . 
F 3 GOL 1   1551 1551 GOL GOL A . 
G 3 GOL 1   1552 1552 GOL GOL A . 
H 3 GOL 1   1553 1553 GOL GOL A . 
I 4 HOH 1   2001 2001 HOH HOH A . 
I 4 HOH 2   2002 2002 HOH HOH A . 
I 4 HOH 3   2003 2003 HOH HOH A . 
I 4 HOH 4   2004 2004 HOH HOH A . 
I 4 HOH 5   2005 2005 HOH HOH A . 
I 4 HOH 6   2006 2006 HOH HOH A . 
I 4 HOH 7   2007 2007 HOH HOH A . 
I 4 HOH 8   2008 2008 HOH HOH A . 
I 4 HOH 9   2009 2009 HOH HOH A . 
I 4 HOH 10  2010 2010 HOH HOH A . 
I 4 HOH 11  2011 2011 HOH HOH A . 
I 4 HOH 12  2012 2012 HOH HOH A . 
I 4 HOH 13  2013 2013 HOH HOH A . 
I 4 HOH 14  2014 2014 HOH HOH A . 
I 4 HOH 15  2015 2015 HOH HOH A . 
I 4 HOH 16  2016 2016 HOH HOH A . 
I 4 HOH 17  2017 2017 HOH HOH A . 
I 4 HOH 18  2018 2018 HOH HOH A . 
I 4 HOH 19  2019 2019 HOH HOH A . 
I 4 HOH 20  2020 2020 HOH HOH A . 
I 4 HOH 21  2021 2021 HOH HOH A . 
I 4 HOH 22  2022 2022 HOH HOH A . 
I 4 HOH 23  2023 2023 HOH HOH A . 
I 4 HOH 24  2024 2024 HOH HOH A . 
I 4 HOH 25  2025 2025 HOH HOH A . 
I 4 HOH 26  2026 2026 HOH HOH A . 
I 4 HOH 27  2027 2027 HOH HOH A . 
I 4 HOH 28  2028 2028 HOH HOH A . 
I 4 HOH 29  2029 2029 HOH HOH A . 
I 4 HOH 30  2030 2030 HOH HOH A . 
I 4 HOH 31  2031 2031 HOH HOH A . 
I 4 HOH 32  2032 2032 HOH HOH A . 
I 4 HOH 33  2033 2033 HOH HOH A . 
I 4 HOH 34  2034 2034 HOH HOH A . 
I 4 HOH 35  2035 2035 HOH HOH A . 
I 4 HOH 36  2036 2036 HOH HOH A . 
I 4 HOH 37  2037 2037 HOH HOH A . 
I 4 HOH 38  2038 2038 HOH HOH A . 
I 4 HOH 39  2039 2039 HOH HOH A . 
I 4 HOH 40  2040 2040 HOH HOH A . 
I 4 HOH 41  2041 2041 HOH HOH A . 
I 4 HOH 42  2042 2042 HOH HOH A . 
I 4 HOH 43  2043 2043 HOH HOH A . 
I 4 HOH 44  2044 2044 HOH HOH A . 
I 4 HOH 45  2045 2045 HOH HOH A . 
I 4 HOH 46  2046 2046 HOH HOH A . 
I 4 HOH 47  2047 2047 HOH HOH A . 
I 4 HOH 48  2048 2048 HOH HOH A . 
I 4 HOH 49  2049 2049 HOH HOH A . 
I 4 HOH 50  2050 2050 HOH HOH A . 
I 4 HOH 51  2051 2051 HOH HOH A . 
I 4 HOH 52  2052 2052 HOH HOH A . 
I 4 HOH 53  2053 2053 HOH HOH A . 
I 4 HOH 54  2054 2054 HOH HOH A . 
I 4 HOH 55  2055 2055 HOH HOH A . 
I 4 HOH 56  2056 2056 HOH HOH A . 
I 4 HOH 57  2057 2057 HOH HOH A . 
I 4 HOH 58  2058 2058 HOH HOH A . 
I 4 HOH 59  2059 2059 HOH HOH A . 
I 4 HOH 60  2060 2060 HOH HOH A . 
I 4 HOH 61  2061 2061 HOH HOH A . 
I 4 HOH 62  2062 2062 HOH HOH A . 
I 4 HOH 63  2063 2063 HOH HOH A . 
I 4 HOH 64  2064 2064 HOH HOH A . 
I 4 HOH 65  2065 2065 HOH HOH A . 
I 4 HOH 66  2066 2066 HOH HOH A . 
I 4 HOH 67  2067 2067 HOH HOH A . 
I 4 HOH 68  2068 2068 HOH HOH A . 
I 4 HOH 69  2069 2069 HOH HOH A . 
I 4 HOH 70  2070 2070 HOH HOH A . 
I 4 HOH 71  2071 2071 HOH HOH A . 
I 4 HOH 72  2072 2072 HOH HOH A . 
I 4 HOH 73  2073 2073 HOH HOH A . 
I 4 HOH 74  2074 2074 HOH HOH A . 
I 4 HOH 75  2075 2075 HOH HOH A . 
I 4 HOH 76  2076 2076 HOH HOH A . 
I 4 HOH 77  2077 2077 HOH HOH A . 
I 4 HOH 78  2078 2078 HOH HOH A . 
I 4 HOH 79  2079 2079 HOH HOH A . 
I 4 HOH 80  2080 2080 HOH HOH A . 
I 4 HOH 81  2081 2081 HOH HOH A . 
I 4 HOH 82  2082 2082 HOH HOH A . 
I 4 HOH 83  2083 2083 HOH HOH A . 
I 4 HOH 84  2084 2084 HOH HOH A . 
I 4 HOH 85  2085 2085 HOH HOH A . 
I 4 HOH 86  2086 2086 HOH HOH A . 
I 4 HOH 87  2087 2087 HOH HOH A . 
I 4 HOH 88  2088 2088 HOH HOH A . 
I 4 HOH 89  2089 2089 HOH HOH A . 
I 4 HOH 90  2090 2090 HOH HOH A . 
I 4 HOH 91  2091 2091 HOH HOH A . 
I 4 HOH 92  2092 2092 HOH HOH A . 
I 4 HOH 93  2093 2093 HOH HOH A . 
I 4 HOH 94  2094 2094 HOH HOH A . 
I 4 HOH 95  2095 2095 HOH HOH A . 
I 4 HOH 96  2096 2096 HOH HOH A . 
I 4 HOH 97  2097 2097 HOH HOH A . 
I 4 HOH 98  2098 2098 HOH HOH A . 
I 4 HOH 99  2099 2099 HOH HOH A . 
I 4 HOH 100 2100 2100 HOH HOH A . 
I 4 HOH 101 2101 2101 HOH HOH A . 
I 4 HOH 102 2102 2102 HOH HOH A . 
I 4 HOH 103 2103 2103 HOH HOH A . 
I 4 HOH 104 2104 2104 HOH HOH A . 
I 4 HOH 105 2105 2105 HOH HOH A . 
I 4 HOH 106 2106 2106 HOH HOH A . 
I 4 HOH 107 2107 2107 HOH HOH A . 
I 4 HOH 108 2108 2108 HOH HOH A . 
I 4 HOH 109 2109 2109 HOH HOH A . 
I 4 HOH 110 2110 2110 HOH HOH A . 
I 4 HOH 111 2111 2111 HOH HOH A . 
I 4 HOH 112 2112 2112 HOH HOH A . 
I 4 HOH 113 2113 2113 HOH HOH A . 
I 4 HOH 114 2114 2114 HOH HOH A . 
I 4 HOH 115 2115 2115 HOH HOH A . 
I 4 HOH 116 2116 2116 HOH HOH A . 
I 4 HOH 117 2117 2117 HOH HOH A . 
I 4 HOH 118 2118 2118 HOH HOH A . 
I 4 HOH 119 2119 2119 HOH HOH A . 
I 4 HOH 120 2120 2120 HOH HOH A . 
I 4 HOH 121 2121 2121 HOH HOH A . 
I 4 HOH 122 2122 2122 HOH HOH A . 
I 4 HOH 123 2123 2123 HOH HOH A . 
I 4 HOH 124 2124 2124 HOH HOH A . 
I 4 HOH 125 2125 2125 HOH HOH A . 
I 4 HOH 126 2126 2126 HOH HOH A . 
I 4 HOH 127 2127 2127 HOH HOH A . 
I 4 HOH 128 2128 2128 HOH HOH A . 
I 4 HOH 129 2129 2129 HOH HOH A . 
I 4 HOH 130 2130 2130 HOH HOH A . 
I 4 HOH 131 2131 2131 HOH HOH A . 
I 4 HOH 132 2132 2132 HOH HOH A . 
I 4 HOH 133 2133 2133 HOH HOH A . 
I 4 HOH 134 2134 2134 HOH HOH A . 
I 4 HOH 135 2135 2135 HOH HOH A . 
I 4 HOH 136 2136 2136 HOH HOH A . 
I 4 HOH 137 2137 2137 HOH HOH A . 
I 4 HOH 138 2138 2138 HOH HOH A . 
I 4 HOH 139 2139 2139 HOH HOH A . 
I 4 HOH 140 2140 2140 HOH HOH A . 
I 4 HOH 141 2141 2141 HOH HOH A . 
I 4 HOH 142 2142 2142 HOH HOH A . 
I 4 HOH 143 2143 2143 HOH HOH A . 
I 4 HOH 144 2144 2144 HOH HOH A . 
I 4 HOH 145 2145 2145 HOH HOH A . 
I 4 HOH 146 2146 2146 HOH HOH A . 
I 4 HOH 147 2147 2147 HOH HOH A . 
I 4 HOH 148 2148 2148 HOH HOH A . 
I 4 HOH 149 2149 2149 HOH HOH A . 
I 4 HOH 150 2150 2150 HOH HOH A . 
I 4 HOH 151 2151 2151 HOH HOH A . 
I 4 HOH 152 2152 2152 HOH HOH A . 
I 4 HOH 153 2153 2153 HOH HOH A . 
I 4 HOH 154 2154 2154 HOH HOH A . 
I 4 HOH 155 2155 2155 HOH HOH A . 
I 4 HOH 156 2156 2156 HOH HOH A . 
I 4 HOH 157 2157 2157 HOH HOH A . 
I 4 HOH 158 2158 2158 HOH HOH A . 
I 4 HOH 159 2159 2159 HOH HOH A . 
I 4 HOH 160 2160 2160 HOH HOH A . 
I 4 HOH 161 2161 2161 HOH HOH A . 
I 4 HOH 162 2162 2162 HOH HOH A . 
I 4 HOH 163 2163 2163 HOH HOH A . 
I 4 HOH 164 2164 2164 HOH HOH A . 
I 4 HOH 165 2165 2165 HOH HOH A . 
I 4 HOH 166 2166 2166 HOH HOH A . 
I 4 HOH 167 2167 2167 HOH HOH A . 
I 4 HOH 168 2168 2168 HOH HOH A . 
I 4 HOH 169 2169 2169 HOH HOH A . 
I 4 HOH 170 2170 2170 HOH HOH A . 
I 4 HOH 171 2171 2171 HOH HOH A . 
I 4 HOH 172 2172 2172 HOH HOH A . 
I 4 HOH 173 2173 2173 HOH HOH A . 
# 
_pdbx_struct_assembly.id                   1 
_pdbx_struct_assembly.details              author_and_software_defined_assembly 
_pdbx_struct_assembly.method_details       PQS 
_pdbx_struct_assembly.oligomeric_details   monomeric 
_pdbx_struct_assembly.oligomeric_count     1 
# 
_pdbx_struct_assembly_gen.assembly_id       1 
_pdbx_struct_assembly_gen.oper_expression   1 
_pdbx_struct_assembly_gen.asym_id_list      A,B,C,D,E,F,G,H,I 
# 
_pdbx_struct_oper_list.id                   1 
_pdbx_struct_oper_list.type                 'identity operation' 
_pdbx_struct_oper_list.name                 1_555 
_pdbx_struct_oper_list.symmetry_operation   x,y,z 
_pdbx_struct_oper_list.matrix[1][1]         1.0000000000 
_pdbx_struct_oper_list.matrix[1][2]         0.0000000000 
_pdbx_struct_oper_list.matrix[1][3]         0.0000000000 
_pdbx_struct_oper_list.vector[1]            0.0000000000 
_pdbx_struct_oper_list.matrix[2][1]         0.0000000000 
_pdbx_struct_oper_list.matrix[2][2]         1.0000000000 
_pdbx_struct_oper_list.matrix[2][3]         0.0000000000 
_pdbx_struct_oper_list.vector[2]            0.0000000000 
_pdbx_struct_oper_list.matrix[3][1]         0.0000000000 
_pdbx_struct_oper_list.matrix[3][2]         0.0000000000 
_pdbx_struct_oper_list.matrix[3][3]         1.0000000000 
_pdbx_struct_oper_list.vector[3]            0.0000000000 
# 
loop_
_pdbx_audit_revision_history.ordinal 
_pdbx_audit_revision_history.data_content_type 
_pdbx_audit_revision_history.major_revision 
_pdbx_audit_revision_history.minor_revision 
_pdbx_audit_revision_history.revision_date 
1 'Structure model' 1 0 2007-12-11 
2 'Structure model' 1 1 2011-07-13 
3 'Structure model' 1 2 2023-12-13 
# 
_pdbx_audit_revision_details.ordinal             1 
_pdbx_audit_revision_details.revision_ordinal    1 
_pdbx_audit_revision_details.data_content_type   'Structure model' 
_pdbx_audit_revision_details.provider            repository 
_pdbx_audit_revision_details.type                'Initial release' 
_pdbx_audit_revision_details.description         ? 
_pdbx_audit_revision_details.details             ? 
# 
loop_
_pdbx_audit_revision_group.ordinal 
_pdbx_audit_revision_group.revision_ordinal 
_pdbx_audit_revision_group.data_content_type 
_pdbx_audit_revision_group.group 
1 2 'Structure model' Advisory                    
2 2 'Structure model' 'Version format compliance' 
3 3 'Structure model' 'Data collection'           
4 3 'Structure model' 'Database references'       
5 3 'Structure model' Other                       
6 3 'Structure model' 'Refinement description'    
# 
loop_
_pdbx_audit_revision_category.ordinal 
_pdbx_audit_revision_category.revision_ordinal 
_pdbx_audit_revision_category.data_content_type 
_pdbx_audit_revision_category.category 
1 3 'Structure model' chem_comp_atom                
2 3 'Structure model' chem_comp_bond                
3 3 'Structure model' database_2                    
4 3 'Structure model' pdbx_database_status          
5 3 'Structure model' pdbx_initial_refinement_model 
# 
loop_
_pdbx_audit_revision_item.ordinal 
_pdbx_audit_revision_item.revision_ordinal 
_pdbx_audit_revision_item.data_content_type 
_pdbx_audit_revision_item.item 
1 3 'Structure model' '_database_2.pdbx_DOI'                 
2 3 'Structure model' '_database_2.pdbx_database_accession'  
3 3 'Structure model' '_pdbx_database_status.status_code_sf' 
# 
loop_
_pdbx_refine_tls.pdbx_refine_id 
_pdbx_refine_tls.id 
_pdbx_refine_tls.details 
_pdbx_refine_tls.method 
_pdbx_refine_tls.origin_x 
_pdbx_refine_tls.origin_y 
_pdbx_refine_tls.origin_z 
_pdbx_refine_tls.T[1][1] 
_pdbx_refine_tls.T[2][2] 
_pdbx_refine_tls.T[3][3] 
_pdbx_refine_tls.T[1][2] 
_pdbx_refine_tls.T[1][3] 
_pdbx_refine_tls.T[2][3] 
_pdbx_refine_tls.L[1][1] 
_pdbx_refine_tls.L[2][2] 
_pdbx_refine_tls.L[3][3] 
_pdbx_refine_tls.L[1][2] 
_pdbx_refine_tls.L[1][3] 
_pdbx_refine_tls.L[2][3] 
_pdbx_refine_tls.S[1][1] 
_pdbx_refine_tls.S[1][2] 
_pdbx_refine_tls.S[1][3] 
_pdbx_refine_tls.S[2][1] 
_pdbx_refine_tls.S[2][2] 
_pdbx_refine_tls.S[2][3] 
_pdbx_refine_tls.S[3][1] 
_pdbx_refine_tls.S[3][2] 
_pdbx_refine_tls.S[3][3] 
'X-RAY DIFFRACTION' 1 ? refined 10.5998 -8.7494 3.3210  0.0015 -0.0179 -0.0624 0.0121  -0.0301 0.0285  2.2329 4.0525 2.7468 -1.2905 -0.1181 1.0070 -0.0706 -0.0702 -0.0577 0.1325  0.1033  -0.2850 0.0650  0.1962  -0.0327 
'X-RAY DIFFRACTION' 2 ? refined -2.8526 -1.4742 -0.8001 0.0141 -0.0328 -0.0863 -0.0138 -0.0223 0.0189  1.1615 0.9419 0.8085 -0.6350 -0.5105 0.1412 -0.0296 0.0390  -0.0955 0.0101  -0.0176 0.0431  0.0272  -0.0154 0.0473  
'X-RAY DIFFRACTION' 3 ? refined 5.9065  9.4563  1.2332  0.0179 -0.0317 -0.0663 -0.0258 -0.0188 -0.0012 0.8501 2.0869 1.0139 -0.1073 -0.3121 0.4073 0.0192  0.0225  0.0585  -0.0076 0.0061  -0.1152 -0.0142 -0.0084 -0.0253 
# 
loop_
_pdbx_refine_tls_group.pdbx_refine_id 
_pdbx_refine_tls_group.id 
_pdbx_refine_tls_group.refine_tls_id 
_pdbx_refine_tls_group.beg_auth_asym_id 
_pdbx_refine_tls_group.beg_auth_seq_id 
_pdbx_refine_tls_group.beg_label_asym_id 
_pdbx_refine_tls_group.beg_label_seq_id 
_pdbx_refine_tls_group.end_auth_asym_id 
_pdbx_refine_tls_group.end_auth_seq_id 
_pdbx_refine_tls_group.end_label_asym_id 
_pdbx_refine_tls_group.end_label_seq_id 
_pdbx_refine_tls_group.selection 
_pdbx_refine_tls_group.selection_details 
'X-RAY DIFFRACTION' 1 1 A 401 ? ? A 414 ? ? ? ? 
'X-RAY DIFFRACTION' 2 2 A 415 ? ? A 516 ? ? ? ? 
'X-RAY DIFFRACTION' 3 3 A 517 ? ? A 546 ? ? ? ? 
# 
loop_
_software.name 
_software.classification 
_software.version 
_software.citation_id 
_software.pdbx_ordinal 
REFMAC    refinement       5.2.0019 ? 1 
HKL-2000  'data reduction' .        ? 2 
SCALEPACK 'data scaling'   .        ? 3 
AMoRE     phasing          .        ? 4 
# 
_pdbx_entry_details.entry_id                 2V0U 
_pdbx_entry_details.compound_details         ? 
_pdbx_entry_details.source_details           ? 
_pdbx_entry_details.nonpolymer_details       ? 
_pdbx_entry_details.sequence_details         
;FIRST THREE N-TERMINAL RESIDUES DO NOT BELONG TO LOV2
SEQUENCE
;
_pdbx_entry_details.has_ligand_of_interest   ? 
# 
_pdbx_validate_symm_contact.id                1 
_pdbx_validate_symm_contact.PDB_model_num     1 
_pdbx_validate_symm_contact.auth_atom_id_1    O 
_pdbx_validate_symm_contact.auth_asym_id_1    A 
_pdbx_validate_symm_contact.auth_comp_id_1    HOH 
_pdbx_validate_symm_contact.auth_seq_id_1     2074 
_pdbx_validate_symm_contact.PDB_ins_code_1    ? 
_pdbx_validate_symm_contact.label_alt_id_1    ? 
_pdbx_validate_symm_contact.site_symmetry_1   1_555 
_pdbx_validate_symm_contact.auth_atom_id_2    O 
_pdbx_validate_symm_contact.auth_asym_id_2    A 
_pdbx_validate_symm_contact.auth_comp_id_2    HOH 
_pdbx_validate_symm_contact.auth_seq_id_2     2145 
_pdbx_validate_symm_contact.PDB_ins_code_2    ? 
_pdbx_validate_symm_contact.label_alt_id_2    ? 
_pdbx_validate_symm_contact.site_symmetry_2   1_655 
_pdbx_validate_symm_contact.dist              2.19 
# 
loop_
_pdbx_validate_torsion.id 
_pdbx_validate_torsion.PDB_model_num 
_pdbx_validate_torsion.auth_comp_id 
_pdbx_validate_torsion.auth_asym_id 
_pdbx_validate_torsion.auth_seq_id 
_pdbx_validate_torsion.PDB_ins_code 
_pdbx_validate_torsion.label_alt_id 
_pdbx_validate_torsion.phi 
_pdbx_validate_torsion.psi 
1 1 PHE A 403 ? ? 61.40  71.81   
2 1 PRO A 423 ? A -36.72 131.63  
3 1 ASP A 522 ? ? 48.96  -125.84 
# 
loop_
_pdbx_distant_solvent_atoms.id 
_pdbx_distant_solvent_atoms.PDB_model_num 
_pdbx_distant_solvent_atoms.auth_atom_id 
_pdbx_distant_solvent_atoms.label_alt_id 
_pdbx_distant_solvent_atoms.auth_asym_id 
_pdbx_distant_solvent_atoms.auth_comp_id 
_pdbx_distant_solvent_atoms.auth_seq_id 
_pdbx_distant_solvent_atoms.PDB_ins_code 
_pdbx_distant_solvent_atoms.neighbor_macromolecule_distance 
_pdbx_distant_solvent_atoms.neighbor_ligand_distance 
1 1 O ? A HOH 2006 ? 7.55 . 
2 1 O ? A HOH 2009 ? 5.99 . 
# 
loop_
_chem_comp_atom.comp_id 
_chem_comp_atom.atom_id 
_chem_comp_atom.type_symbol 
_chem_comp_atom.pdbx_aromatic_flag 
_chem_comp_atom.pdbx_stereo_config 
_chem_comp_atom.pdbx_ordinal 
ALA N      N N N 1   
ALA CA     C N S 2   
ALA C      C N N 3   
ALA O      O N N 4   
ALA CB     C N N 5   
ALA OXT    O N N 6   
ALA H      H N N 7   
ALA H2     H N N 8   
ALA HA     H N N 9   
ALA HB1    H N N 10  
ALA HB2    H N N 11  
ALA HB3    H N N 12  
ALA HXT    H N N 13  
ARG N      N N N 14  
ARG CA     C N S 15  
ARG C      C N N 16  
ARG O      O N N 17  
ARG CB     C N N 18  
ARG CG     C N N 19  
ARG CD     C N N 20  
ARG NE     N N N 21  
ARG CZ     C N N 22  
ARG NH1    N N N 23  
ARG NH2    N N N 24  
ARG OXT    O N N 25  
ARG H      H N N 26  
ARG H2     H N N 27  
ARG HA     H N N 28  
ARG HB2    H N N 29  
ARG HB3    H N N 30  
ARG HG2    H N N 31  
ARG HG3    H N N 32  
ARG HD2    H N N 33  
ARG HD3    H N N 34  
ARG HE     H N N 35  
ARG HH11   H N N 36  
ARG HH12   H N N 37  
ARG HH21   H N N 38  
ARG HH22   H N N 39  
ARG HXT    H N N 40  
ASN N      N N N 41  
ASN CA     C N S 42  
ASN C      C N N 43  
ASN O      O N N 44  
ASN CB     C N N 45  
ASN CG     C N N 46  
ASN OD1    O N N 47  
ASN ND2    N N N 48  
ASN OXT    O N N 49  
ASN H      H N N 50  
ASN H2     H N N 51  
ASN HA     H N N 52  
ASN HB2    H N N 53  
ASN HB3    H N N 54  
ASN HD21   H N N 55  
ASN HD22   H N N 56  
ASN HXT    H N N 57  
ASP N      N N N 58  
ASP CA     C N S 59  
ASP C      C N N 60  
ASP O      O N N 61  
ASP CB     C N N 62  
ASP CG     C N N 63  
ASP OD1    O N N 64  
ASP OD2    O N N 65  
ASP OXT    O N N 66  
ASP H      H N N 67  
ASP H2     H N N 68  
ASP HA     H N N 69  
ASP HB2    H N N 70  
ASP HB3    H N N 71  
ASP HD2    H N N 72  
ASP HXT    H N N 73  
CYS N      N N N 74  
CYS CA     C N R 75  
CYS C      C N N 76  
CYS O      O N N 77  
CYS CB     C N N 78  
CYS SG     S N N 79  
CYS OXT    O N N 80  
CYS H      H N N 81  
CYS H2     H N N 82  
CYS HA     H N N 83  
CYS HB2    H N N 84  
CYS HB3    H N N 85  
CYS HG     H N N 86  
CYS HXT    H N N 87  
FMN N1     N N N 88  
FMN C2     C N N 89  
FMN O2     O N N 90  
FMN N3     N N N 91  
FMN C4     C N N 92  
FMN O4     O N N 93  
FMN C4A    C N N 94  
FMN N5     N N N 95  
FMN C5A    C Y N 96  
FMN C6     C Y N 97  
FMN C7     C Y N 98  
FMN C7M    C N N 99  
FMN C8     C Y N 100 
FMN C8M    C N N 101 
FMN C9     C Y N 102 
FMN C9A    C Y N 103 
FMN N10    N N N 104 
FMN C10    C N N 105 
FMN "C1'"  C N N 106 
FMN "C2'"  C N S 107 
FMN "O2'"  O N N 108 
FMN "C3'"  C N S 109 
FMN "O3'"  O N N 110 
FMN "C4'"  C N R 111 
FMN "O4'"  O N N 112 
FMN "C5'"  C N N 113 
FMN "O5'"  O N N 114 
FMN P      P N N 115 
FMN O1P    O N N 116 
FMN O2P    O N N 117 
FMN O3P    O N N 118 
FMN HN3    H N N 119 
FMN H6     H N N 120 
FMN HM71   H N N 121 
FMN HM72   H N N 122 
FMN HM73   H N N 123 
FMN HM81   H N N 124 
FMN HM82   H N N 125 
FMN HM83   H N N 126 
FMN H9     H N N 127 
FMN "H1'1" H N N 128 
FMN "H1'2" H N N 129 
FMN "H2'"  H N N 130 
FMN "HO2'" H N N 131 
FMN "H3'"  H N N 132 
FMN "HO3'" H N N 133 
FMN "H4'"  H N N 134 
FMN "HO4'" H N N 135 
FMN "H5'1" H N N 136 
FMN "H5'2" H N N 137 
FMN HOP2   H N N 138 
FMN HOP3   H N N 139 
GLN N      N N N 140 
GLN CA     C N S 141 
GLN C      C N N 142 
GLN O      O N N 143 
GLN CB     C N N 144 
GLN CG     C N N 145 
GLN CD     C N N 146 
GLN OE1    O N N 147 
GLN NE2    N N N 148 
GLN OXT    O N N 149 
GLN H      H N N 150 
GLN H2     H N N 151 
GLN HA     H N N 152 
GLN HB2    H N N 153 
GLN HB3    H N N 154 
GLN HG2    H N N 155 
GLN HG3    H N N 156 
GLN HE21   H N N 157 
GLN HE22   H N N 158 
GLN HXT    H N N 159 
GLU N      N N N 160 
GLU CA     C N S 161 
GLU C      C N N 162 
GLU O      O N N 163 
GLU CB     C N N 164 
GLU CG     C N N 165 
GLU CD     C N N 166 
GLU OE1    O N N 167 
GLU OE2    O N N 168 
GLU OXT    O N N 169 
GLU H      H N N 170 
GLU H2     H N N 171 
GLU HA     H N N 172 
GLU HB2    H N N 173 
GLU HB3    H N N 174 
GLU HG2    H N N 175 
GLU HG3    H N N 176 
GLU HE2    H N N 177 
GLU HXT    H N N 178 
GLY N      N N N 179 
GLY CA     C N N 180 
GLY C      C N N 181 
GLY O      O N N 182 
GLY OXT    O N N 183 
GLY H      H N N 184 
GLY H2     H N N 185 
GLY HA2    H N N 186 
GLY HA3    H N N 187 
GLY HXT    H N N 188 
GOL C1     C N N 189 
GOL O1     O N N 190 
GOL C2     C N N 191 
GOL O2     O N N 192 
GOL C3     C N N 193 
GOL O3     O N N 194 
GOL H11    H N N 195 
GOL H12    H N N 196 
GOL HO1    H N N 197 
GOL H2     H N N 198 
GOL HO2    H N N 199 
GOL H31    H N N 200 
GOL H32    H N N 201 
GOL HO3    H N N 202 
HIS N      N N N 203 
HIS CA     C N S 204 
HIS C      C N N 205 
HIS O      O N N 206 
HIS CB     C N N 207 
HIS CG     C Y N 208 
HIS ND1    N Y N 209 
HIS CD2    C Y N 210 
HIS CE1    C Y N 211 
HIS NE2    N Y N 212 
HIS OXT    O N N 213 
HIS H      H N N 214 
HIS H2     H N N 215 
HIS HA     H N N 216 
HIS HB2    H N N 217 
HIS HB3    H N N 218 
HIS HD1    H N N 219 
HIS HD2    H N N 220 
HIS HE1    H N N 221 
HIS HE2    H N N 222 
HIS HXT    H N N 223 
HOH O      O N N 224 
HOH H1     H N N 225 
HOH H2     H N N 226 
ILE N      N N N 227 
ILE CA     C N S 228 
ILE C      C N N 229 
ILE O      O N N 230 
ILE CB     C N S 231 
ILE CG1    C N N 232 
ILE CG2    C N N 233 
ILE CD1    C N N 234 
ILE OXT    O N N 235 
ILE H      H N N 236 
ILE H2     H N N 237 
ILE HA     H N N 238 
ILE HB     H N N 239 
ILE HG12   H N N 240 
ILE HG13   H N N 241 
ILE HG21   H N N 242 
ILE HG22   H N N 243 
ILE HG23   H N N 244 
ILE HD11   H N N 245 
ILE HD12   H N N 246 
ILE HD13   H N N 247 
ILE HXT    H N N 248 
LEU N      N N N 249 
LEU CA     C N S 250 
LEU C      C N N 251 
LEU O      O N N 252 
LEU CB     C N N 253 
LEU CG     C N N 254 
LEU CD1    C N N 255 
LEU CD2    C N N 256 
LEU OXT    O N N 257 
LEU H      H N N 258 
LEU H2     H N N 259 
LEU HA     H N N 260 
LEU HB2    H N N 261 
LEU HB3    H N N 262 
LEU HG     H N N 263 
LEU HD11   H N N 264 
LEU HD12   H N N 265 
LEU HD13   H N N 266 
LEU HD21   H N N 267 
LEU HD22   H N N 268 
LEU HD23   H N N 269 
LEU HXT    H N N 270 
LYS N      N N N 271 
LYS CA     C N S 272 
LYS C      C N N 273 
LYS O      O N N 274 
LYS CB     C N N 275 
LYS CG     C N N 276 
LYS CD     C N N 277 
LYS CE     C N N 278 
LYS NZ     N N N 279 
LYS OXT    O N N 280 
LYS H      H N N 281 
LYS H2     H N N 282 
LYS HA     H N N 283 
LYS HB2    H N N 284 
LYS HB3    H N N 285 
LYS HG2    H N N 286 
LYS HG3    H N N 287 
LYS HD2    H N N 288 
LYS HD3    H N N 289 
LYS HE2    H N N 290 
LYS HE3    H N N 291 
LYS HZ1    H N N 292 
LYS HZ2    H N N 293 
LYS HZ3    H N N 294 
LYS HXT    H N N 295 
MET N      N N N 296 
MET CA     C N S 297 
MET C      C N N 298 
MET O      O N N 299 
MET CB     C N N 300 
MET CG     C N N 301 
MET SD     S N N 302 
MET CE     C N N 303 
MET OXT    O N N 304 
MET H      H N N 305 
MET H2     H N N 306 
MET HA     H N N 307 
MET HB2    H N N 308 
MET HB3    H N N 309 
MET HG2    H N N 310 
MET HG3    H N N 311 
MET HE1    H N N 312 
MET HE2    H N N 313 
MET HE3    H N N 314 
MET HXT    H N N 315 
PHE N      N N N 316 
PHE CA     C N S 317 
PHE C      C N N 318 
PHE O      O N N 319 
PHE CB     C N N 320 
PHE CG     C Y N 321 
PHE CD1    C Y N 322 
PHE CD2    C Y N 323 
PHE CE1    C Y N 324 
PHE CE2    C Y N 325 
PHE CZ     C Y N 326 
PHE OXT    O N N 327 
PHE H      H N N 328 
PHE H2     H N N 329 
PHE HA     H N N 330 
PHE HB2    H N N 331 
PHE HB3    H N N 332 
PHE HD1    H N N 333 
PHE HD2    H N N 334 
PHE HE1    H N N 335 
PHE HE2    H N N 336 
PHE HZ     H N N 337 
PHE HXT    H N N 338 
PRO N      N N N 339 
PRO CA     C N S 340 
PRO C      C N N 341 
PRO O      O N N 342 
PRO CB     C N N 343 
PRO CG     C N N 344 
PRO CD     C N N 345 
PRO OXT    O N N 346 
PRO H      H N N 347 
PRO HA     H N N 348 
PRO HB2    H N N 349 
PRO HB3    H N N 350 
PRO HG2    H N N 351 
PRO HG3    H N N 352 
PRO HD2    H N N 353 
PRO HD3    H N N 354 
PRO HXT    H N N 355 
SER N      N N N 356 
SER CA     C N S 357 
SER C      C N N 358 
SER O      O N N 359 
SER CB     C N N 360 
SER OG     O N N 361 
SER OXT    O N N 362 
SER H      H N N 363 
SER H2     H N N 364 
SER HA     H N N 365 
SER HB2    H N N 366 
SER HB3    H N N 367 
SER HG     H N N 368 
SER HXT    H N N 369 
THR N      N N N 370 
THR CA     C N S 371 
THR C      C N N 372 
THR O      O N N 373 
THR CB     C N R 374 
THR OG1    O N N 375 
THR CG2    C N N 376 
THR OXT    O N N 377 
THR H      H N N 378 
THR H2     H N N 379 
THR HA     H N N 380 
THR HB     H N N 381 
THR HG1    H N N 382 
THR HG21   H N N 383 
THR HG22   H N N 384 
THR HG23   H N N 385 
THR HXT    H N N 386 
TRP N      N N N 387 
TRP CA     C N S 388 
TRP C      C N N 389 
TRP O      O N N 390 
TRP CB     C N N 391 
TRP CG     C Y N 392 
TRP CD1    C Y N 393 
TRP CD2    C Y N 394 
TRP NE1    N Y N 395 
TRP CE2    C Y N 396 
TRP CE3    C Y N 397 
TRP CZ2    C Y N 398 
TRP CZ3    C Y N 399 
TRP CH2    C Y N 400 
TRP OXT    O N N 401 
TRP H      H N N 402 
TRP H2     H N N 403 
TRP HA     H N N 404 
TRP HB2    H N N 405 
TRP HB3    H N N 406 
TRP HD1    H N N 407 
TRP HE1    H N N 408 
TRP HE3    H N N 409 
TRP HZ2    H N N 410 
TRP HZ3    H N N 411 
TRP HH2    H N N 412 
TRP HXT    H N N 413 
TYR N      N N N 414 
TYR CA     C N S 415 
TYR C      C N N 416 
TYR O      O N N 417 
TYR CB     C N N 418 
TYR CG     C Y N 419 
TYR CD1    C Y N 420 
TYR CD2    C Y N 421 
TYR CE1    C Y N 422 
TYR CE2    C Y N 423 
TYR CZ     C Y N 424 
TYR OH     O N N 425 
TYR OXT    O N N 426 
TYR H      H N N 427 
TYR H2     H N N 428 
TYR HA     H N N 429 
TYR HB2    H N N 430 
TYR HB3    H N N 431 
TYR HD1    H N N 432 
TYR HD2    H N N 433 
TYR HE1    H N N 434 
TYR HE2    H N N 435 
TYR HH     H N N 436 
TYR HXT    H N N 437 
VAL N      N N N 438 
VAL CA     C N S 439 
VAL C      C N N 440 
VAL O      O N N 441 
VAL CB     C N N 442 
VAL CG1    C N N 443 
VAL CG2    C N N 444 
VAL OXT    O N N 445 
VAL H      H N N 446 
VAL H2     H N N 447 
VAL HA     H N N 448 
VAL HB     H N N 449 
VAL HG11   H N N 450 
VAL HG12   H N N 451 
VAL HG13   H N N 452 
VAL HG21   H N N 453 
VAL HG22   H N N 454 
VAL HG23   H N N 455 
VAL HXT    H N N 456 
# 
loop_
_chem_comp_bond.comp_id 
_chem_comp_bond.atom_id_1 
_chem_comp_bond.atom_id_2 
_chem_comp_bond.value_order 
_chem_comp_bond.pdbx_aromatic_flag 
_chem_comp_bond.pdbx_stereo_config 
_chem_comp_bond.pdbx_ordinal 
ALA N     CA     sing N N 1   
ALA N     H      sing N N 2   
ALA N     H2     sing N N 3   
ALA CA    C      sing N N 4   
ALA CA    CB     sing N N 5   
ALA CA    HA     sing N N 6   
ALA C     O      doub N N 7   
ALA C     OXT    sing N N 8   
ALA CB    HB1    sing N N 9   
ALA CB    HB2    sing N N 10  
ALA CB    HB3    sing N N 11  
ALA OXT   HXT    sing N N 12  
ARG N     CA     sing N N 13  
ARG N     H      sing N N 14  
ARG N     H2     sing N N 15  
ARG CA    C      sing N N 16  
ARG CA    CB     sing N N 17  
ARG CA    HA     sing N N 18  
ARG C     O      doub N N 19  
ARG C     OXT    sing N N 20  
ARG CB    CG     sing N N 21  
ARG CB    HB2    sing N N 22  
ARG CB    HB3    sing N N 23  
ARG CG    CD     sing N N 24  
ARG CG    HG2    sing N N 25  
ARG CG    HG3    sing N N 26  
ARG CD    NE     sing N N 27  
ARG CD    HD2    sing N N 28  
ARG CD    HD3    sing N N 29  
ARG NE    CZ     sing N N 30  
ARG NE    HE     sing N N 31  
ARG CZ    NH1    sing N N 32  
ARG CZ    NH2    doub N N 33  
ARG NH1   HH11   sing N N 34  
ARG NH1   HH12   sing N N 35  
ARG NH2   HH21   sing N N 36  
ARG NH2   HH22   sing N N 37  
ARG OXT   HXT    sing N N 38  
ASN N     CA     sing N N 39  
ASN N     H      sing N N 40  
ASN N     H2     sing N N 41  
ASN CA    C      sing N N 42  
ASN CA    CB     sing N N 43  
ASN CA    HA     sing N N 44  
ASN C     O      doub N N 45  
ASN C     OXT    sing N N 46  
ASN CB    CG     sing N N 47  
ASN CB    HB2    sing N N 48  
ASN CB    HB3    sing N N 49  
ASN CG    OD1    doub N N 50  
ASN CG    ND2    sing N N 51  
ASN ND2   HD21   sing N N 52  
ASN ND2   HD22   sing N N 53  
ASN OXT   HXT    sing N N 54  
ASP N     CA     sing N N 55  
ASP N     H      sing N N 56  
ASP N     H2     sing N N 57  
ASP CA    C      sing N N 58  
ASP CA    CB     sing N N 59  
ASP CA    HA     sing N N 60  
ASP C     O      doub N N 61  
ASP C     OXT    sing N N 62  
ASP CB    CG     sing N N 63  
ASP CB    HB2    sing N N 64  
ASP CB    HB3    sing N N 65  
ASP CG    OD1    doub N N 66  
ASP CG    OD2    sing N N 67  
ASP OD2   HD2    sing N N 68  
ASP OXT   HXT    sing N N 69  
CYS N     CA     sing N N 70  
CYS N     H      sing N N 71  
CYS N     H2     sing N N 72  
CYS CA    C      sing N N 73  
CYS CA    CB     sing N N 74  
CYS CA    HA     sing N N 75  
CYS C     O      doub N N 76  
CYS C     OXT    sing N N 77  
CYS CB    SG     sing N N 78  
CYS CB    HB2    sing N N 79  
CYS CB    HB3    sing N N 80  
CYS SG    HG     sing N N 81  
CYS OXT   HXT    sing N N 82  
FMN N1    C2     sing N N 83  
FMN N1    C10    doub N N 84  
FMN C2    O2     doub N N 85  
FMN C2    N3     sing N N 86  
FMN N3    C4     sing N N 87  
FMN N3    HN3    sing N N 88  
FMN C4    O4     doub N N 89  
FMN C4    C4A    sing N N 90  
FMN C4A   N5     doub N N 91  
FMN C4A   C10    sing N N 92  
FMN N5    C5A    sing N N 93  
FMN C5A   C6     doub Y N 94  
FMN C5A   C9A    sing Y N 95  
FMN C6    C7     sing Y N 96  
FMN C6    H6     sing N N 97  
FMN C7    C7M    sing N N 98  
FMN C7    C8     doub Y N 99  
FMN C7M   HM71   sing N N 100 
FMN C7M   HM72   sing N N 101 
FMN C7M   HM73   sing N N 102 
FMN C8    C8M    sing N N 103 
FMN C8    C9     sing Y N 104 
FMN C8M   HM81   sing N N 105 
FMN C8M   HM82   sing N N 106 
FMN C8M   HM83   sing N N 107 
FMN C9    C9A    doub Y N 108 
FMN C9    H9     sing N N 109 
FMN C9A   N10    sing N N 110 
FMN N10   C10    sing N N 111 
FMN N10   "C1'"  sing N N 112 
FMN "C1'" "C2'"  sing N N 113 
FMN "C1'" "H1'1" sing N N 114 
FMN "C1'" "H1'2" sing N N 115 
FMN "C2'" "O2'"  sing N N 116 
FMN "C2'" "C3'"  sing N N 117 
FMN "C2'" "H2'"  sing N N 118 
FMN "O2'" "HO2'" sing N N 119 
FMN "C3'" "O3'"  sing N N 120 
FMN "C3'" "C4'"  sing N N 121 
FMN "C3'" "H3'"  sing N N 122 
FMN "O3'" "HO3'" sing N N 123 
FMN "C4'" "O4'"  sing N N 124 
FMN "C4'" "C5'"  sing N N 125 
FMN "C4'" "H4'"  sing N N 126 
FMN "O4'" "HO4'" sing N N 127 
FMN "C5'" "O5'"  sing N N 128 
FMN "C5'" "H5'1" sing N N 129 
FMN "C5'" "H5'2" sing N N 130 
FMN "O5'" P      sing N N 131 
FMN P     O1P    doub N N 132 
FMN P     O2P    sing N N 133 
FMN P     O3P    sing N N 134 
FMN O2P   HOP2   sing N N 135 
FMN O3P   HOP3   sing N N 136 
GLN N     CA     sing N N 137 
GLN N     H      sing N N 138 
GLN N     H2     sing N N 139 
GLN CA    C      sing N N 140 
GLN CA    CB     sing N N 141 
GLN CA    HA     sing N N 142 
GLN C     O      doub N N 143 
GLN C     OXT    sing N N 144 
GLN CB    CG     sing N N 145 
GLN CB    HB2    sing N N 146 
GLN CB    HB3    sing N N 147 
GLN CG    CD     sing N N 148 
GLN CG    HG2    sing N N 149 
GLN CG    HG3    sing N N 150 
GLN CD    OE1    doub N N 151 
GLN CD    NE2    sing N N 152 
GLN NE2   HE21   sing N N 153 
GLN NE2   HE22   sing N N 154 
GLN OXT   HXT    sing N N 155 
GLU N     CA     sing N N 156 
GLU N     H      sing N N 157 
GLU N     H2     sing N N 158 
GLU CA    C      sing N N 159 
GLU CA    CB     sing N N 160 
GLU CA    HA     sing N N 161 
GLU C     O      doub N N 162 
GLU C     OXT    sing N N 163 
GLU CB    CG     sing N N 164 
GLU CB    HB2    sing N N 165 
GLU CB    HB3    sing N N 166 
GLU CG    CD     sing N N 167 
GLU CG    HG2    sing N N 168 
GLU CG    HG3    sing N N 169 
GLU CD    OE1    doub N N 170 
GLU CD    OE2    sing N N 171 
GLU OE2   HE2    sing N N 172 
GLU OXT   HXT    sing N N 173 
GLY N     CA     sing N N 174 
GLY N     H      sing N N 175 
GLY N     H2     sing N N 176 
GLY CA    C      sing N N 177 
GLY CA    HA2    sing N N 178 
GLY CA    HA3    sing N N 179 
GLY C     O      doub N N 180 
GLY C     OXT    sing N N 181 
GLY OXT   HXT    sing N N 182 
GOL C1    O1     sing N N 183 
GOL C1    C2     sing N N 184 
GOL C1    H11    sing N N 185 
GOL C1    H12    sing N N 186 
GOL O1    HO1    sing N N 187 
GOL C2    O2     sing N N 188 
GOL C2    C3     sing N N 189 
GOL C2    H2     sing N N 190 
GOL O2    HO2    sing N N 191 
GOL C3    O3     sing N N 192 
GOL C3    H31    sing N N 193 
GOL C3    H32    sing N N 194 
GOL O3    HO3    sing N N 195 
HIS N     CA     sing N N 196 
HIS N     H      sing N N 197 
HIS N     H2     sing N N 198 
HIS CA    C      sing N N 199 
HIS CA    CB     sing N N 200 
HIS CA    HA     sing N N 201 
HIS C     O      doub N N 202 
HIS C     OXT    sing N N 203 
HIS CB    CG     sing N N 204 
HIS CB    HB2    sing N N 205 
HIS CB    HB3    sing N N 206 
HIS CG    ND1    sing Y N 207 
HIS CG    CD2    doub Y N 208 
HIS ND1   CE1    doub Y N 209 
HIS ND1   HD1    sing N N 210 
HIS CD2   NE2    sing Y N 211 
HIS CD2   HD2    sing N N 212 
HIS CE1   NE2    sing Y N 213 
HIS CE1   HE1    sing N N 214 
HIS NE2   HE2    sing N N 215 
HIS OXT   HXT    sing N N 216 
HOH O     H1     sing N N 217 
HOH O     H2     sing N N 218 
ILE N     CA     sing N N 219 
ILE N     H      sing N N 220 
ILE N     H2     sing N N 221 
ILE CA    C      sing N N 222 
ILE CA    CB     sing N N 223 
ILE CA    HA     sing N N 224 
ILE C     O      doub N N 225 
ILE C     OXT    sing N N 226 
ILE CB    CG1    sing N N 227 
ILE CB    CG2    sing N N 228 
ILE CB    HB     sing N N 229 
ILE CG1   CD1    sing N N 230 
ILE CG1   HG12   sing N N 231 
ILE CG1   HG13   sing N N 232 
ILE CG2   HG21   sing N N 233 
ILE CG2   HG22   sing N N 234 
ILE CG2   HG23   sing N N 235 
ILE CD1   HD11   sing N N 236 
ILE CD1   HD12   sing N N 237 
ILE CD1   HD13   sing N N 238 
ILE OXT   HXT    sing N N 239 
LEU N     CA     sing N N 240 
LEU N     H      sing N N 241 
LEU N     H2     sing N N 242 
LEU CA    C      sing N N 243 
LEU CA    CB     sing N N 244 
LEU CA    HA     sing N N 245 
LEU C     O      doub N N 246 
LEU C     OXT    sing N N 247 
LEU CB    CG     sing N N 248 
LEU CB    HB2    sing N N 249 
LEU CB    HB3    sing N N 250 
LEU CG    CD1    sing N N 251 
LEU CG    CD2    sing N N 252 
LEU CG    HG     sing N N 253 
LEU CD1   HD11   sing N N 254 
LEU CD1   HD12   sing N N 255 
LEU CD1   HD13   sing N N 256 
LEU CD2   HD21   sing N N 257 
LEU CD2   HD22   sing N N 258 
LEU CD2   HD23   sing N N 259 
LEU OXT   HXT    sing N N 260 
LYS N     CA     sing N N 261 
LYS N     H      sing N N 262 
LYS N     H2     sing N N 263 
LYS CA    C      sing N N 264 
LYS CA    CB     sing N N 265 
LYS CA    HA     sing N N 266 
LYS C     O      doub N N 267 
LYS C     OXT    sing N N 268 
LYS CB    CG     sing N N 269 
LYS CB    HB2    sing N N 270 
LYS CB    HB3    sing N N 271 
LYS CG    CD     sing N N 272 
LYS CG    HG2    sing N N 273 
LYS CG    HG3    sing N N 274 
LYS CD    CE     sing N N 275 
LYS CD    HD2    sing N N 276 
LYS CD    HD3    sing N N 277 
LYS CE    NZ     sing N N 278 
LYS CE    HE2    sing N N 279 
LYS CE    HE3    sing N N 280 
LYS NZ    HZ1    sing N N 281 
LYS NZ    HZ2    sing N N 282 
LYS NZ    HZ3    sing N N 283 
LYS OXT   HXT    sing N N 284 
MET N     CA     sing N N 285 
MET N     H      sing N N 286 
MET N     H2     sing N N 287 
MET CA    C      sing N N 288 
MET CA    CB     sing N N 289 
MET CA    HA     sing N N 290 
MET C     O      doub N N 291 
MET C     OXT    sing N N 292 
MET CB    CG     sing N N 293 
MET CB    HB2    sing N N 294 
MET CB    HB3    sing N N 295 
MET CG    SD     sing N N 296 
MET CG    HG2    sing N N 297 
MET CG    HG3    sing N N 298 
MET SD    CE     sing N N 299 
MET CE    HE1    sing N N 300 
MET CE    HE2    sing N N 301 
MET CE    HE3    sing N N 302 
MET OXT   HXT    sing N N 303 
PHE N     CA     sing N N 304 
PHE N     H      sing N N 305 
PHE N     H2     sing N N 306 
PHE CA    C      sing N N 307 
PHE CA    CB     sing N N 308 
PHE CA    HA     sing N N 309 
PHE C     O      doub N N 310 
PHE C     OXT    sing N N 311 
PHE CB    CG     sing N N 312 
PHE CB    HB2    sing N N 313 
PHE CB    HB3    sing N N 314 
PHE CG    CD1    doub Y N 315 
PHE CG    CD2    sing Y N 316 
PHE CD1   CE1    sing Y N 317 
PHE CD1   HD1    sing N N 318 
PHE CD2   CE2    doub Y N 319 
PHE CD2   HD2    sing N N 320 
PHE CE1   CZ     doub Y N 321 
PHE CE1   HE1    sing N N 322 
PHE CE2   CZ     sing Y N 323 
PHE CE2   HE2    sing N N 324 
PHE CZ    HZ     sing N N 325 
PHE OXT   HXT    sing N N 326 
PRO N     CA     sing N N 327 
PRO N     CD     sing N N 328 
PRO N     H      sing N N 329 
PRO CA    C      sing N N 330 
PRO CA    CB     sing N N 331 
PRO CA    HA     sing N N 332 
PRO C     O      doub N N 333 
PRO C     OXT    sing N N 334 
PRO CB    CG     sing N N 335 
PRO CB    HB2    sing N N 336 
PRO CB    HB3    sing N N 337 
PRO CG    CD     sing N N 338 
PRO CG    HG2    sing N N 339 
PRO CG    HG3    sing N N 340 
PRO CD    HD2    sing N N 341 
PRO CD    HD3    sing N N 342 
PRO OXT   HXT    sing N N 343 
SER N     CA     sing N N 344 
SER N     H      sing N N 345 
SER N     H2     sing N N 346 
SER CA    C      sing N N 347 
SER CA    CB     sing N N 348 
SER CA    HA     sing N N 349 
SER C     O      doub N N 350 
SER C     OXT    sing N N 351 
SER CB    OG     sing N N 352 
SER CB    HB2    sing N N 353 
SER CB    HB3    sing N N 354 
SER OG    HG     sing N N 355 
SER OXT   HXT    sing N N 356 
THR N     CA     sing N N 357 
THR N     H      sing N N 358 
THR N     H2     sing N N 359 
THR CA    C      sing N N 360 
THR CA    CB     sing N N 361 
THR CA    HA     sing N N 362 
THR C     O      doub N N 363 
THR C     OXT    sing N N 364 
THR CB    OG1    sing N N 365 
THR CB    CG2    sing N N 366 
THR CB    HB     sing N N 367 
THR OG1   HG1    sing N N 368 
THR CG2   HG21   sing N N 369 
THR CG2   HG22   sing N N 370 
THR CG2   HG23   sing N N 371 
THR OXT   HXT    sing N N 372 
TRP N     CA     sing N N 373 
TRP N     H      sing N N 374 
TRP N     H2     sing N N 375 
TRP CA    C      sing N N 376 
TRP CA    CB     sing N N 377 
TRP CA    HA     sing N N 378 
TRP C     O      doub N N 379 
TRP C     OXT    sing N N 380 
TRP CB    CG     sing N N 381 
TRP CB    HB2    sing N N 382 
TRP CB    HB3    sing N N 383 
TRP CG    CD1    doub Y N 384 
TRP CG    CD2    sing Y N 385 
TRP CD1   NE1    sing Y N 386 
TRP CD1   HD1    sing N N 387 
TRP CD2   CE2    doub Y N 388 
TRP CD2   CE3    sing Y N 389 
TRP NE1   CE2    sing Y N 390 
TRP NE1   HE1    sing N N 391 
TRP CE2   CZ2    sing Y N 392 
TRP CE3   CZ3    doub Y N 393 
TRP CE3   HE3    sing N N 394 
TRP CZ2   CH2    doub Y N 395 
TRP CZ2   HZ2    sing N N 396 
TRP CZ3   CH2    sing Y N 397 
TRP CZ3   HZ3    sing N N 398 
TRP CH2   HH2    sing N N 399 
TRP OXT   HXT    sing N N 400 
TYR N     CA     sing N N 401 
TYR N     H      sing N N 402 
TYR N     H2     sing N N 403 
TYR CA    C      sing N N 404 
TYR CA    CB     sing N N 405 
TYR CA    HA     sing N N 406 
TYR C     O      doub N N 407 
TYR C     OXT    sing N N 408 
TYR CB    CG     sing N N 409 
TYR CB    HB2    sing N N 410 
TYR CB    HB3    sing N N 411 
TYR CG    CD1    doub Y N 412 
TYR CG    CD2    sing Y N 413 
TYR CD1   CE1    sing Y N 414 
TYR CD1   HD1    sing N N 415 
TYR CD2   CE2    doub Y N 416 
TYR CD2   HD2    sing N N 417 
TYR CE1   CZ     doub Y N 418 
TYR CE1   HE1    sing N N 419 
TYR CE2   CZ     sing Y N 420 
TYR CE2   HE2    sing N N 421 
TYR CZ    OH     sing N N 422 
TYR OH    HH     sing N N 423 
TYR OXT   HXT    sing N N 424 
VAL N     CA     sing N N 425 
VAL N     H      sing N N 426 
VAL N     H2     sing N N 427 
VAL CA    C      sing N N 428 
VAL CA    CB     sing N N 429 
VAL CA    HA     sing N N 430 
VAL C     O      doub N N 431 
VAL C     OXT    sing N N 432 
VAL CB    CG1    sing N N 433 
VAL CB    CG2    sing N N 434 
VAL CB    HB     sing N N 435 
VAL CG1   HG11   sing N N 436 
VAL CG1   HG12   sing N N 437 
VAL CG1   HG13   sing N N 438 
VAL CG2   HG21   sing N N 439 
VAL CG2   HG22   sing N N 440 
VAL CG2   HG23   sing N N 441 
VAL OXT   HXT    sing N N 442 
# 
loop_
_pdbx_entity_nonpoly.entity_id 
_pdbx_entity_nonpoly.name 
_pdbx_entity_nonpoly.comp_id 
2 'FLAVIN MONONUCLEOTIDE' FMN 
3 GLYCEROL                GOL 
4 water                   HOH 
# 
_pdbx_initial_refinement_model.id               1 
_pdbx_initial_refinement_model.entity_id_list   ? 
_pdbx_initial_refinement_model.type             'experimental model' 
_pdbx_initial_refinement_model.source_name      PDB 
_pdbx_initial_refinement_model.accession_code   1G28 
_pdbx_initial_refinement_model.details          'PDB ENTRY 1G28' 
# 
